data_5XNC
#
_entry.id   5XNC
#
_cell.length_a   137.533
_cell.length_b   50.978
_cell.length_c   402.428
_cell.angle_alpha   90.00
_cell.angle_beta   93.69
_cell.angle_gamma   90.00
#
_symmetry.space_group_name_H-M   'C 1 2 1'
#
loop_
_entity.id
_entity.type
_entity.pdbx_description
1 polymer 'N(4)-bis(aminopropyl)spermidine synthase'
2 non-polymer "5'-DEOXY-5'-METHYLTHIOADENOSINE"
3 non-polymer N,N-bis(3-aminopropyl)butane-1,4-diamine
4 non-polymer GLYCEROL
5 non-polymer 'FE (III) ION'
6 non-polymer DI(HYDROXYETHYL)ETHER
7 non-polymer 1,2-ETHANEDIOL
8 water water
#
_entity_poly.entity_id   1
_entity_poly.type   'polypeptide(L)'
_entity_poly.pdbx_seq_one_letter_code
;MGSSHHHHHHSSGLVPRGSHMREIIERVKEKTTIPVYERTIENVLSAIQASGDVWRIVDLSEEPLPLVVAVVTALYELGY
VAFENNQVILTRKGKELVEKYGIGPRADYTCSHCQGRTVEIDAFSELLEQFKEITRDRPEPAHQFDQAYVTPETTVARVA
LMHSRGDLENKEVFVLGDDDLTSVALMLSGLPKRIAVLDIDERLTKFIEKAADEIGYENIEIFTFDLRKPLPDYALHKFD
TFITDPPETVEAIRAFVGRGIATLKGPGCAGYFGITRRESSLDKWREIQRVLLNEFGVVITDIIRNFNEYVNWGYVEETR
AWRLLPIKVKPSYNWYKSYMFRIQTLEGSKGFEDEITVGQELYDDEESSTT
;
_entity_poly.pdbx_strand_id   A,B,C,D,E,F,G
#
# COMPACT_ATOMS: atom_id res chain seq x y z
N SER A 19 75.50 53.14 6.12
CA SER A 19 77.01 53.38 5.73
C SER A 19 77.51 54.79 6.17
N HIS A 20 77.12 55.83 5.44
CA HIS A 20 76.92 57.16 6.00
C HIS A 20 76.08 57.05 7.31
N MET A 21 74.92 56.38 7.22
CA MET A 21 74.05 56.24 8.38
C MET A 21 74.68 55.35 9.48
N ARG A 22 75.36 54.31 9.09
CA ARG A 22 76.03 53.46 10.04
C ARG A 22 77.07 54.19 10.81
N GLU A 23 77.81 55.08 10.14
CA GLU A 23 78.93 55.75 10.80
C GLU A 23 78.33 56.69 11.91
N ILE A 24 77.25 57.37 11.55
CA ILE A 24 76.59 58.29 12.48
C ILE A 24 76.12 57.40 13.72
N ILE A 25 75.49 56.28 13.37
CA ILE A 25 74.96 55.39 14.48
C ILE A 25 76.08 54.95 15.41
N GLU A 26 77.19 54.50 14.81
CA GLU A 26 78.32 54.08 15.58
C GLU A 26 78.83 55.17 16.43
N ARG A 27 78.95 56.35 15.85
CA ARG A 27 79.42 57.47 16.66
C ARG A 27 78.49 57.83 17.83
N VAL A 28 77.16 57.80 17.60
CA VAL A 28 76.19 58.08 18.73
C VAL A 28 76.35 57.05 19.86
N LYS A 29 76.53 55.80 19.46
CA LYS A 29 76.71 54.74 20.48
C LYS A 29 77.92 54.85 21.37
N GLU A 30 78.96 55.51 20.92
CA GLU A 30 80.11 55.76 21.78
C GLU A 30 79.78 56.89 22.77
N LYS A 31 78.70 57.62 22.59
CA LYS A 31 78.38 58.78 23.45
C LYS A 31 77.18 58.51 24.43
N THR A 32 76.44 57.41 24.25
CA THR A 32 75.29 57.11 25.12
C THR A 32 75.04 55.65 25.17
N THR A 33 74.42 55.21 26.26
CA THR A 33 73.88 53.82 26.37
C THR A 33 72.43 53.70 25.99
N ILE A 34 71.78 54.82 25.70
CA ILE A 34 70.38 54.78 25.27
C ILE A 34 70.35 54.14 23.85
N PRO A 35 69.41 53.22 23.63
CA PRO A 35 69.36 52.62 22.28
C PRO A 35 69.30 53.55 21.14
N VAL A 36 70.06 53.25 20.05
CA VAL A 36 70.05 54.14 18.88
C VAL A 36 69.71 53.32 17.67
N TYR A 37 68.80 53.79 16.88
CA TYR A 37 68.47 53.13 15.65
C TYR A 37 68.63 54.11 14.51
N GLU A 38 68.59 53.63 13.29
CA GLU A 38 68.49 54.57 12.15
C GLU A 38 67.29 55.49 12.23
N ARG A 39 66.19 54.93 12.75
CA ARG A 39 65.03 55.72 12.97
C ARG A 39 65.33 56.92 13.91
N THR A 40 66.17 56.75 14.91
CA THR A 40 66.42 57.80 15.90
C THR A 40 67.10 59.00 15.15
N ILE A 41 68.02 58.61 14.24
CA ILE A 41 68.74 59.64 13.42
C ILE A 41 67.76 60.37 12.52
N GLU A 42 66.85 59.60 11.84
CA GLU A 42 65.84 60.16 11.02
C GLU A 42 64.99 61.14 11.73
N ASN A 43 64.52 60.77 12.97
CA ASN A 43 63.67 61.68 13.75
C ASN A 43 64.37 62.98 14.05
N VAL A 44 65.67 62.91 14.39
CA VAL A 44 66.39 64.13 14.68
C VAL A 44 66.59 64.99 13.44
N LEU A 45 67.03 64.37 12.34
CA LEU A 45 67.27 65.08 11.13
C LEU A 45 65.98 65.77 10.58
N SER A 46 64.83 65.05 10.65
CA SER A 46 63.52 65.53 10.20
C SER A 46 63.19 66.74 11.08
N ALA A 47 63.55 66.69 12.35
CA ALA A 47 63.22 67.79 13.29
C ALA A 47 64.05 69.03 13.03
N ILE A 48 65.36 68.79 12.76
CA ILE A 48 66.26 69.89 12.47
C ILE A 48 65.80 70.66 11.20
N GLN A 49 65.28 69.96 10.25
CA GLN A 49 64.72 70.62 9.08
C GLN A 49 63.52 71.48 9.35
N ALA A 50 62.81 71.31 10.48
CA ALA A 50 61.56 72.08 10.75
C ALA A 50 61.95 73.21 11.68
N SER A 51 63.01 73.07 12.54
CA SER A 51 63.35 74.10 13.56
C SER A 51 64.84 73.99 13.92
N GLY A 52 65.47 75.12 14.14
CA GLY A 52 66.76 75.14 14.69
C GLY A 52 66.89 75.33 16.21
N ASP A 53 65.77 75.43 16.88
CA ASP A 53 65.70 75.58 18.40
C ASP A 53 65.88 74.22 18.97
N VAL A 54 66.86 74.10 19.83
CA VAL A 54 67.16 72.75 20.26
C VAL A 54 65.95 72.18 21.10
N TRP A 55 65.20 73.01 21.83
CA TRP A 55 64.06 72.54 22.55
C TRP A 55 62.95 72.01 21.64
N ARG A 56 62.77 72.65 20.49
CA ARG A 56 61.83 72.22 19.50
C ARG A 56 62.29 71.02 18.76
N ILE A 57 63.57 70.87 18.61
CA ILE A 57 64.14 69.66 17.97
C ILE A 57 63.79 68.41 18.85
N VAL A 58 64.04 68.57 20.13
CA VAL A 58 63.67 67.52 21.12
C VAL A 58 62.18 67.19 21.07
N ASP A 59 61.34 68.21 21.08
CA ASP A 59 59.86 68.07 20.94
C ASP A 59 59.50 67.32 19.69
N LEU A 60 59.89 67.87 18.52
CA LEU A 60 59.46 67.30 17.21
C LEU A 60 60.03 65.93 16.93
N SER A 61 61.23 65.67 17.44
CA SER A 61 61.84 64.39 17.18
C SER A 61 61.20 63.22 18.03
N GLU A 62 60.57 63.59 19.14
CA GLU A 62 60.03 62.64 20.06
C GLU A 62 61.11 61.60 20.49
N GLU A 63 62.30 62.11 20.70
CA GLU A 63 63.35 61.30 21.30
C GLU A 63 63.77 61.90 22.60
N PRO A 64 64.31 61.10 23.48
CA PRO A 64 64.65 61.70 24.80
C PRO A 64 65.83 62.67 24.63
N LEU A 65 65.80 63.71 25.38
CA LEU A 65 66.78 64.78 25.28
C LEU A 65 68.28 64.40 25.24
N PRO A 66 68.76 63.55 26.14
CA PRO A 66 70.13 63.16 26.13
C PRO A 66 70.46 62.39 24.88
N LEU A 67 69.52 61.71 24.30
CA LEU A 67 69.81 61.03 23.03
C LEU A 67 69.89 62.03 21.86
N VAL A 68 68.99 62.98 21.89
CA VAL A 68 68.98 63.96 20.85
C VAL A 68 70.35 64.68 20.90
N VAL A 69 70.83 65.05 22.10
CA VAL A 69 72.11 65.75 22.24
C VAL A 69 73.19 64.90 21.66
N ALA A 70 73.18 63.61 21.94
CA ALA A 70 74.19 62.74 21.43
C ALA A 70 74.15 62.74 19.91
N VAL A 71 72.94 62.68 19.37
CA VAL A 71 72.82 62.60 17.92
C VAL A 71 73.36 63.93 17.28
N VAL A 72 72.93 65.05 17.83
CA VAL A 72 73.36 66.32 17.32
C VAL A 72 74.88 66.47 17.40
N THR A 73 75.51 66.08 18.51
CA THR A 73 76.95 66.06 18.66
C THR A 73 77.60 65.22 17.62
N ALA A 74 77.13 63.97 17.46
CA ALA A 74 77.64 63.12 16.41
C ALA A 74 77.56 63.75 14.98
N LEU A 75 76.42 64.36 14.68
CA LEU A 75 76.21 65.04 13.43
C LEU A 75 77.14 66.24 13.26
N TYR A 76 77.36 66.95 14.34
CA TYR A 76 78.35 68.06 14.34
C TYR A 76 79.80 67.57 14.05
N GLU A 77 80.25 66.56 14.84
CA GLU A 77 81.58 66.05 14.73
C GLU A 77 81.73 65.48 13.35
N LEU A 78 80.70 64.99 12.68
CA LEU A 78 80.85 64.35 11.39
C LEU A 78 80.64 65.35 10.26
N GLY A 79 80.37 66.64 10.54
CA GLY A 79 80.32 67.53 9.42
C GLY A 79 78.92 67.84 8.85
N TYR A 80 77.83 67.27 9.44
CA TYR A 80 76.50 67.43 8.92
C TYR A 80 75.70 68.53 9.53
N VAL A 81 76.04 68.91 10.76
CA VAL A 81 75.35 70.00 11.47
C VAL A 81 76.28 71.10 12.01
N ALA A 82 75.79 72.33 12.19
CA ALA A 82 76.55 73.33 12.79
C ALA A 82 75.62 74.16 13.65
N PHE A 83 76.24 75.07 14.41
CA PHE A 83 75.54 75.95 15.36
C PHE A 83 75.71 77.40 14.94
N GLU A 84 74.66 78.13 14.65
CA GLU A 84 74.87 79.47 14.17
C GLU A 84 73.74 80.33 14.70
N ASN A 85 74.09 81.43 15.37
CA ASN A 85 73.06 82.34 15.91
C ASN A 85 72.07 81.63 16.84
N ASN A 86 72.59 80.74 17.61
CA ASN A 86 71.80 79.94 18.52
C ASN A 86 70.83 79.03 17.81
N GLN A 87 71.16 78.60 16.61
CA GLN A 87 70.35 77.65 15.97
C GLN A 87 71.15 76.45 15.66
N VAL A 88 70.56 75.31 15.68
CA VAL A 88 71.13 74.06 15.11
C VAL A 88 70.69 73.97 13.65
N ILE A 89 71.66 73.92 12.73
CA ILE A 89 71.38 73.92 11.31
C ILE A 89 72.10 72.80 10.62
N LEU A 90 71.56 72.41 9.47
CA LEU A 90 72.25 71.47 8.58
C LEU A 90 73.33 72.29 7.82
N THR A 91 74.50 71.77 7.78
CA THR A 91 75.55 72.22 6.85
C THR A 91 75.18 71.84 5.42
N ARG A 92 76.00 72.28 4.46
CA ARG A 92 75.82 71.70 3.18
C ARG A 92 75.89 70.17 3.00
N LYS A 93 76.78 69.57 3.73
CA LYS A 93 76.92 68.20 3.73
C LYS A 93 75.67 67.55 4.44
N GLY A 94 75.14 68.21 5.48
CA GLY A 94 73.92 67.71 6.05
C GLY A 94 72.73 67.79 5.13
N LYS A 95 72.65 68.85 4.37
CA LYS A 95 71.59 69.00 3.38
C LYS A 95 71.68 67.85 2.32
N GLU A 96 72.90 67.54 1.95
CA GLU A 96 73.14 66.34 1.07
C GLU A 96 72.68 65.02 1.66
N LEU A 97 73.06 64.75 2.86
CA LEU A 97 72.60 63.64 3.69
C LEU A 97 71.12 63.44 3.68
N VAL A 98 70.36 64.46 4.04
CA VAL A 98 68.90 64.27 4.17
C VAL A 98 68.25 64.10 2.78
N GLU A 99 68.83 64.76 1.77
CA GLU A 99 68.39 64.52 0.40
C GLU A 99 68.71 63.09 -0.06
N LYS A 100 69.88 62.61 0.24
CA LYS A 100 70.20 61.27 -0.18
C LYS A 100 69.27 60.21 0.47
N TYR A 101 68.98 60.37 1.75
CA TYR A 101 68.19 59.41 2.49
C TYR A 101 66.68 59.69 2.41
N GLY A 102 66.26 60.70 1.68
CA GLY A 102 64.91 61.08 1.50
C GLY A 102 64.25 61.43 2.81
N ILE A 103 64.98 62.13 3.71
CA ILE A 103 64.44 62.51 5.04
C ILE A 103 63.93 63.92 4.94
N GLY A 104 62.63 64.09 4.98
CA GLY A 104 62.04 65.45 4.96
C GLY A 104 61.71 65.98 6.31
N PRO A 105 61.38 67.30 6.36
CA PRO A 105 60.89 67.87 7.57
C PRO A 105 59.57 67.23 8.02
N ARG A 106 59.33 67.11 9.33
CA ARG A 106 58.19 66.50 9.78
C ARG A 106 56.91 67.25 9.59
N ALA A 107 55.90 66.74 8.94
CA ALA A 107 54.65 67.37 8.83
C ALA A 107 53.83 67.12 10.15
N ASP A 108 52.94 68.05 10.45
CA ASP A 108 52.09 67.89 11.62
C ASP A 108 50.69 68.43 11.39
N TYR A 109 49.72 67.60 11.68
CA TYR A 109 48.36 67.85 11.37
C TYR A 109 47.52 67.80 12.67
N THR A 110 48.15 68.12 13.76
CA THR A 110 47.50 68.08 15.03
C THR A 110 46.29 69.01 15.00
N CYS A 111 45.14 68.56 15.47
CA CYS A 111 43.94 69.29 15.49
C CYS A 111 44.13 70.63 16.27
N SER A 112 43.77 71.74 15.60
CA SER A 112 44.05 73.06 16.17
C SER A 112 42.98 73.41 17.18
N HIS A 113 41.80 72.79 17.10
CA HIS A 113 40.77 73.13 18.11
C HIS A 113 40.97 72.39 19.43
N CYS A 114 41.40 71.13 19.44
CA CYS A 114 41.57 70.44 20.77
C CYS A 114 43.03 70.27 21.19
N GLN A 115 43.96 70.82 20.37
CA GLN A 115 45.37 70.63 20.53
C GLN A 115 45.68 69.16 20.58
N GLY A 116 44.94 68.35 19.84
CA GLY A 116 45.22 66.94 19.83
C GLY A 116 44.78 66.17 21.05
N ARG A 117 44.14 66.83 22.01
CA ARG A 117 43.74 66.16 23.24
C ARG A 117 42.58 65.19 23.00
N THR A 118 41.80 65.35 21.94
CA THR A 118 40.59 64.57 21.61
C THR A 118 39.39 65.06 22.38
N VAL A 119 39.56 65.96 23.31
CA VAL A 119 38.45 66.53 24.01
C VAL A 119 38.50 68.07 23.94
N GLU A 120 37.33 68.65 23.87
CA GLU A 120 37.20 70.09 23.94
C GLU A 120 36.61 70.49 25.29
N ILE A 121 37.05 71.67 25.79
CA ILE A 121 36.78 72.17 27.15
C ILE A 121 35.77 73.39 27.15
N ASP A 122 35.18 73.66 26.01
CA ASP A 122 34.09 74.68 25.86
C ASP A 122 33.03 74.59 26.95
N ALA A 123 32.57 73.38 27.23
CA ALA A 123 31.59 73.16 28.32
C ALA A 123 32.13 73.48 29.72
N PHE A 124 33.44 73.59 29.88
CA PHE A 124 34.04 73.81 31.21
C PHE A 124 34.60 75.22 31.36
N SER A 125 34.06 76.19 30.59
CA SER A 125 34.69 77.52 30.62
C SER A 125 34.67 78.16 32.01
N GLU A 126 33.61 77.96 32.77
CA GLU A 126 33.49 78.45 34.12
C GLU A 126 34.48 77.84 35.08
N LEU A 127 34.59 76.51 35.01
CA LEU A 127 35.56 75.77 35.75
C LEU A 127 36.99 76.32 35.45
N LEU A 128 37.33 76.54 34.18
CA LEU A 128 38.65 77.07 33.79
C LEU A 128 38.97 78.43 34.45
N GLU A 129 37.96 79.30 34.40
CA GLU A 129 38.05 80.61 35.02
C GLU A 129 38.22 80.59 36.53
N GLN A 130 37.44 79.79 37.21
CA GLN A 130 37.60 79.56 38.68
C GLN A 130 38.90 78.91 39.03
N PHE A 131 39.31 77.93 38.21
CA PHE A 131 40.64 77.31 38.44
C PHE A 131 41.82 78.31 38.28
N LYS A 132 41.81 79.09 37.21
CA LYS A 132 42.87 80.09 37.05
C LYS A 132 42.90 81.11 38.19
N GLU A 133 41.71 81.54 38.59
CA GLU A 133 41.62 82.50 39.72
C GLU A 133 42.24 81.97 41.01
N ILE A 134 41.87 80.76 41.36
CA ILE A 134 42.30 80.13 42.59
C ILE A 134 43.74 79.64 42.55
N THR A 135 44.36 79.45 41.36
CA THR A 135 45.73 78.90 41.30
C THR A 135 46.69 79.99 40.88
N ARG A 136 46.25 81.25 40.91
CA ARG A 136 47.20 82.36 40.62
C ARG A 136 48.50 82.30 41.40
N ASP A 137 48.44 81.89 42.69
CA ASP A 137 49.58 81.91 43.54
C ASP A 137 49.96 80.49 43.88
N ARG A 138 49.82 79.57 42.93
CA ARG A 138 50.18 78.18 43.23
C ARG A 138 51.69 78.03 43.59
N PRO A 139 52.06 77.04 44.41
CA PRO A 139 53.49 76.89 44.63
C PRO A 139 54.33 76.68 43.32
N GLU A 140 55.46 77.36 43.26
CA GLU A 140 56.29 77.27 42.11
C GLU A 140 56.96 75.87 42.16
N PRO A 141 57.30 75.35 40.98
CA PRO A 141 57.96 74.04 40.91
C PRO A 141 59.25 73.98 41.69
N ALA A 142 59.28 72.96 42.57
CA ALA A 142 60.48 72.52 43.28
C ALA A 142 61.30 71.54 42.52
N HIS A 143 62.53 71.92 42.26
CA HIS A 143 63.51 71.09 41.68
C HIS A 143 63.64 69.72 42.37
N GLN A 144 63.67 69.75 43.68
CA GLN A 144 64.00 68.54 44.41
C GLN A 144 62.93 67.48 44.32
N PHE A 145 61.71 67.89 43.94
CA PHE A 145 60.60 66.96 43.78
C PHE A 145 60.23 66.63 42.29
N ASP A 146 61.04 67.06 41.34
CA ASP A 146 60.84 66.87 39.91
C ASP A 146 59.57 67.56 39.46
N GLN A 147 59.24 68.68 40.02
CA GLN A 147 57.98 69.27 39.69
C GLN A 147 57.93 70.02 38.36
N ALA A 148 56.71 70.13 37.86
CA ALA A 148 56.33 71.09 36.75
C ALA A 148 54.85 70.88 36.51
N TYR A 149 54.10 71.91 36.76
CA TYR A 149 52.67 71.85 36.55
C TYR A 149 52.31 72.03 35.10
N VAL A 150 51.20 71.41 34.77
CA VAL A 150 50.63 71.48 33.43
C VAL A 150 49.87 72.80 33.33
N THR A 151 49.57 73.22 32.11
CA THR A 151 48.66 74.38 31.89
C THR A 151 47.25 74.13 32.48
N PRO A 152 46.63 75.28 32.89
CA PRO A 152 45.24 75.21 33.39
C PRO A 152 44.29 74.55 32.42
N GLU A 153 44.48 74.81 31.15
CA GLU A 153 43.69 74.18 30.13
C GLU A 153 43.92 72.66 30.14
N THR A 154 45.16 72.27 30.26
CA THR A 154 45.46 70.79 30.41
C THR A 154 44.69 70.23 31.63
N THR A 155 44.76 70.92 32.76
CA THR A 155 44.09 70.42 33.95
C THR A 155 42.61 70.25 33.70
N VAL A 156 41.98 71.25 33.10
CA VAL A 156 40.59 71.10 32.79
C VAL A 156 40.31 70.04 31.74
N ALA A 157 41.16 69.95 30.75
CA ALA A 157 41.01 68.85 29.84
C ALA A 157 41.08 67.45 30.49
N ARG A 158 41.88 67.29 31.49
CA ARG A 158 41.99 66.00 32.23
C ARG A 158 40.65 65.71 32.85
N VAL A 159 40.00 66.76 33.42
CA VAL A 159 38.71 66.56 34.01
C VAL A 159 37.72 66.15 32.95
N ALA A 160 37.66 66.84 31.85
CA ALA A 160 36.77 66.53 30.75
C ALA A 160 36.96 65.09 30.24
N LEU A 161 38.23 64.68 30.06
CA LEU A 161 38.53 63.32 29.61
C LEU A 161 37.99 62.32 30.64
N MET A 162 38.38 62.47 31.89
CA MET A 162 37.97 61.52 32.91
C MET A 162 36.45 61.41 33.06
N HIS A 163 35.76 62.56 33.02
CA HIS A 163 34.31 62.56 33.10
C HIS A 163 33.67 61.85 31.90
N SER A 164 34.24 62.03 30.73
CA SER A 164 33.75 61.37 29.48
C SER A 164 33.93 59.94 29.46
N ARG A 165 34.74 59.37 30.35
CA ARG A 165 34.79 58.00 30.45
C ARG A 165 34.13 57.38 31.65
N GLY A 166 33.38 58.20 32.39
CA GLY A 166 32.47 57.78 33.52
C GLY A 166 33.35 57.58 34.74
N ASP A 167 34.51 58.30 34.88
CA ASP A 167 35.39 58.01 36.00
C ASP A 167 35.43 59.01 37.16
N LEU A 168 34.50 59.97 37.12
CA LEU A 168 34.49 61.04 38.12
C LEU A 168 33.15 61.11 38.85
N GLU A 169 32.05 61.00 38.14
CA GLU A 169 30.75 61.38 38.81
C GLU A 169 30.36 60.39 39.93
N ASN A 170 30.32 60.89 41.17
CA ASN A 170 30.02 60.07 42.33
C ASN A 170 31.10 59.01 42.58
N LYS A 171 32.33 59.23 42.07
CA LYS A 171 33.41 58.33 42.23
C LYS A 171 34.35 58.80 43.32
N GLU A 172 35.01 57.83 43.93
CA GLU A 172 36.02 58.10 44.95
C GLU A 172 37.38 58.18 44.23
N VAL A 173 37.96 59.37 44.20
CA VAL A 173 39.19 59.61 43.38
C VAL A 173 40.45 59.84 44.19
N PHE A 174 41.53 59.07 43.92
CA PHE A 174 42.80 59.20 44.63
C PHE A 174 43.77 59.95 43.70
N VAL A 175 44.38 61.00 44.18
CA VAL A 175 45.37 61.85 43.43
C VAL A 175 46.73 61.67 43.99
N LEU A 176 47.65 60.95 43.29
CA LEU A 176 48.99 60.62 43.84
C LEU A 176 50.03 61.61 43.27
N GLY A 177 50.28 62.64 44.10
CA GLY A 177 51.11 63.77 43.67
C GLY A 177 50.21 64.79 43.00
N ASP A 178 50.37 66.08 43.30
CA ASP A 178 49.48 67.05 42.72
C ASP A 178 49.94 68.44 42.56
N ASP A 179 51.16 68.62 42.04
CA ASP A 179 51.58 69.95 41.57
C ASP A 179 50.63 70.59 40.52
N ASP A 180 50.02 69.73 39.71
CA ASP A 180 49.02 70.11 38.63
C ASP A 180 47.73 70.67 39.24
N LEU A 181 47.49 70.35 40.50
CA LEU A 181 46.32 70.79 41.18
C LEU A 181 45.06 70.27 40.51
N THR A 182 45.18 69.02 40.04
CA THR A 182 43.99 68.35 39.57
C THR A 182 42.91 68.25 40.67
N SER A 183 43.36 68.01 41.92
CA SER A 183 42.42 67.88 43.01
C SER A 183 41.60 69.17 43.17
N VAL A 184 42.21 70.32 42.91
CA VAL A 184 41.44 71.56 42.95
C VAL A 184 40.46 71.69 41.80
N ALA A 185 40.83 71.32 40.57
CA ALA A 185 39.85 71.24 39.52
C ALA A 185 38.71 70.27 39.82
N LEU A 186 39.01 69.17 40.50
CA LEU A 186 38.01 68.17 40.79
C LEU A 186 37.01 68.73 41.85
N MET A 187 37.60 69.40 42.81
CA MET A 187 36.73 70.12 43.82
C MET A 187 35.76 71.08 43.15
N LEU A 188 36.24 71.93 42.27
CA LEU A 188 35.43 72.86 41.58
C LEU A 188 34.42 72.23 40.64
N SER A 189 34.71 71.06 40.06
CA SER A 189 33.75 70.39 39.18
C SER A 189 32.53 69.96 39.99
N GLY A 190 32.75 69.66 41.27
CA GLY A 190 31.74 69.05 42.11
C GLY A 190 31.40 67.60 41.75
N LEU A 191 32.16 66.91 40.87
CA LEU A 191 31.78 65.65 40.41
C LEU A 191 32.04 64.46 41.35
N PRO A 192 33.19 64.38 41.98
CA PRO A 192 33.41 63.24 42.78
C PRO A 192 32.49 63.11 44.04
N LYS A 193 32.34 61.90 44.48
CA LYS A 193 31.79 61.58 45.80
C LYS A 193 32.83 62.02 46.85
N ARG A 194 34.12 61.72 46.62
CA ARG A 194 35.20 62.24 47.43
C ARG A 194 36.59 62.11 46.77
N ILE A 195 37.54 62.79 47.37
CA ILE A 195 38.86 62.88 46.84
C ILE A 195 39.82 62.61 47.95
N ALA A 196 40.85 61.84 47.69
CA ALA A 196 42.02 61.82 48.50
C ALA A 196 43.26 62.16 47.70
N VAL A 197 44.11 63.01 48.27
CA VAL A 197 45.31 63.59 47.61
C VAL A 197 46.54 63.47 48.53
N LEU A 198 47.64 62.97 48.00
CA LEU A 198 48.89 62.95 48.76
C LEU A 198 49.98 63.67 47.93
N ASP A 199 50.97 64.24 48.65
CA ASP A 199 52.17 64.72 48.05
C ASP A 199 53.32 64.76 49.03
N ILE A 200 54.54 64.57 48.54
CA ILE A 200 55.71 64.69 49.40
C ILE A 200 55.91 66.16 49.84
N ASP A 201 55.32 67.11 49.09
CA ASP A 201 55.62 68.53 49.21
C ASP A 201 54.59 69.23 50.04
N GLU A 202 54.95 69.60 51.29
CA GLU A 202 53.94 70.22 52.18
C GLU A 202 53.42 71.48 51.65
N ARG A 203 54.14 72.15 50.80
CA ARG A 203 53.60 73.40 50.23
C ARG A 203 52.32 73.09 49.41
N LEU A 204 52.32 71.90 48.71
CA LEU A 204 51.10 71.54 47.94
C LEU A 204 49.94 71.03 48.79
N THR A 205 50.23 70.21 49.81
CA THR A 205 49.17 69.75 50.70
C THR A 205 48.55 70.95 51.39
N LYS A 206 49.36 71.83 51.91
CA LYS A 206 48.79 73.13 52.46
C LYS A 206 48.01 73.96 51.48
N PHE A 207 48.51 74.13 50.25
CA PHE A 207 47.76 74.88 49.29
C PHE A 207 46.41 74.22 48.99
N ILE A 208 46.39 72.88 48.89
CA ILE A 208 45.12 72.22 48.57
C ILE A 208 44.13 72.43 49.72
N GLU A 209 44.58 72.22 50.95
CA GLU A 209 43.71 72.39 52.11
C GLU A 209 43.07 73.82 52.09
N LYS A 210 43.87 74.81 51.78
CA LYS A 210 43.39 76.18 51.66
C LYS A 210 42.37 76.40 50.55
N ALA A 211 42.59 75.82 49.36
CA ALA A 211 41.57 75.88 48.32
C ALA A 211 40.29 75.16 48.73
N ALA A 212 40.41 74.02 49.43
CA ALA A 212 39.27 73.28 49.94
C ALA A 212 38.45 74.11 50.91
N ASP A 213 39.12 74.83 51.81
CA ASP A 213 38.32 75.69 52.78
C ASP A 213 37.72 76.82 52.00
N GLU A 214 38.44 77.40 51.05
CA GLU A 214 37.86 78.48 50.27
C GLU A 214 36.64 78.04 49.42
N ILE A 215 36.70 76.82 48.82
CA ILE A 215 35.59 76.25 48.07
C ILE A 215 34.53 75.78 49.00
N GLY A 216 34.87 75.34 50.20
CA GLY A 216 33.84 74.73 51.14
C GLY A 216 33.62 73.24 50.84
N TYR A 217 34.68 72.61 50.28
CA TYR A 217 34.57 71.26 49.90
C TYR A 217 34.89 70.37 51.06
N GLU A 218 33.98 69.54 51.46
CA GLU A 218 34.17 68.74 52.68
C GLU A 218 34.83 67.39 52.51
N ASN A 219 34.54 66.71 51.38
CA ASN A 219 34.88 65.34 51.15
C ASN A 219 36.27 65.21 50.51
N ILE A 220 37.25 65.90 51.08
CA ILE A 220 38.64 65.76 50.63
C ILE A 220 39.55 65.37 51.77
N GLU A 221 40.35 64.33 51.64
CA GLU A 221 41.40 64.03 52.62
C GLU A 221 42.74 64.37 51.96
N ILE A 222 43.61 65.03 52.69
CA ILE A 222 44.82 65.57 52.21
C ILE A 222 45.95 65.17 53.05
N PHE A 223 47.02 64.60 52.49
CA PHE A 223 48.11 64.19 53.31
C PHE A 223 49.51 64.20 52.71
N THR A 224 50.49 64.51 53.55
CA THR A 224 51.86 64.56 53.09
C THR A 224 52.40 63.13 53.20
N PHE A 225 53.12 62.65 52.20
CA PHE A 225 53.54 61.25 52.12
C PHE A 225 54.69 61.16 51.10
N ASP A 226 55.56 60.19 51.28
CA ASP A 226 56.64 59.87 50.40
C ASP A 226 56.39 58.45 49.86
N LEU A 227 55.98 58.45 48.59
CA LEU A 227 55.70 57.23 47.85
C LEU A 227 56.82 56.21 47.73
N ARG A 228 58.05 56.48 48.19
CA ARG A 228 59.04 55.40 48.38
C ARG A 228 58.47 54.35 49.35
N LYS A 229 57.60 54.79 50.26
CA LYS A 229 56.95 53.91 51.24
C LYS A 229 55.69 53.28 50.70
N PRO A 230 55.36 52.05 51.16
CA PRO A 230 54.08 51.48 50.77
C PRO A 230 52.98 52.33 51.30
N LEU A 231 51.86 52.51 50.58
CA LEU A 231 50.70 53.23 51.09
C LEU A 231 50.11 52.50 52.33
N PRO A 232 49.53 53.26 53.27
CA PRO A 232 48.95 52.65 54.45
C PRO A 232 47.83 51.68 54.04
N ASP A 233 47.69 50.58 54.77
CA ASP A 233 46.49 49.74 54.71
C ASP A 233 45.20 50.47 54.45
N TYR A 234 45.00 51.57 55.17
CA TYR A 234 43.79 52.35 55.15
C TYR A 234 43.39 52.64 53.67
N ALA A 235 44.35 52.92 52.78
CA ALA A 235 44.10 53.45 51.46
C ALA A 235 43.88 52.36 50.33
N LEU A 236 44.16 51.09 50.65
CA LEU A 236 44.21 50.04 49.68
C LEU A 236 42.83 49.61 49.31
N HIS A 237 42.60 49.38 48.00
CA HIS A 237 41.36 48.85 47.54
C HIS A 237 40.13 49.65 47.94
N LYS A 238 40.19 50.95 47.94
CA LYS A 238 38.99 51.73 48.30
C LYS A 238 38.56 52.85 47.33
N PHE A 239 39.21 52.95 46.16
CA PHE A 239 38.93 54.04 45.23
C PHE A 239 38.51 53.53 43.85
N ASP A 240 37.75 54.34 43.13
CA ASP A 240 37.26 54.01 41.82
C ASP A 240 38.29 54.42 40.69
N THR A 241 39.01 55.50 40.95
CA THR A 241 39.82 56.19 39.94
C THR A 241 41.05 56.77 40.61
N PHE A 242 42.22 56.68 39.96
CA PHE A 242 43.37 57.40 40.41
C PHE A 242 43.95 58.22 39.28
N ILE A 243 44.64 59.21 39.67
CA ILE A 243 45.38 60.05 38.70
C ILE A 243 46.74 60.45 39.27
N THR A 244 47.77 60.35 38.46
CA THR A 244 49.13 60.67 38.90
C THR A 244 49.87 61.14 37.66
N ASP A 245 50.96 61.86 37.84
CA ASP A 245 51.74 62.30 36.64
C ASP A 245 53.15 62.06 37.10
N PRO A 246 53.68 60.84 36.90
CA PRO A 246 54.88 60.50 37.63
C PRO A 246 56.25 60.86 37.04
N PRO A 247 57.35 60.71 37.83
CA PRO A 247 58.63 60.61 37.20
C PRO A 247 58.66 59.29 36.37
N GLU A 248 59.68 59.09 35.58
CA GLU A 248 59.73 57.99 34.61
C GLU A 248 60.78 56.97 34.68
N THR A 249 61.42 56.91 35.85
CA THR A 249 62.24 55.73 36.11
C THR A 249 61.25 54.55 36.32
N VAL A 250 61.69 53.36 36.02
CA VAL A 250 60.80 52.24 36.18
C VAL A 250 60.38 52.13 37.68
N GLU A 251 61.31 52.43 38.59
CA GLU A 251 60.93 52.55 39.99
C GLU A 251 59.79 53.52 40.32
N ALA A 252 59.89 54.71 39.77
CA ALA A 252 58.87 55.72 39.97
C ALA A 252 57.58 55.30 39.37
N ILE A 253 57.63 54.59 38.23
CA ILE A 253 56.38 54.04 37.68
C ILE A 253 55.71 53.10 38.72
N ARG A 254 56.49 52.22 39.29
CA ARG A 254 55.91 51.36 40.36
C ARG A 254 55.36 52.18 41.56
N ALA A 255 56.13 53.09 42.01
CA ALA A 255 55.83 53.91 43.22
C ALA A 255 54.65 54.80 43.05
N PHE A 256 54.37 55.24 41.81
CA PHE A 256 53.27 56.18 41.60
C PHE A 256 52.11 55.48 40.93
N VAL A 257 52.35 54.91 39.72
CA VAL A 257 51.22 54.27 39.01
C VAL A 257 50.90 52.95 39.69
N GLY A 258 51.91 52.13 40.03
CA GLY A 258 51.55 50.85 40.59
C GLY A 258 50.89 51.02 41.98
N ARG A 259 51.27 52.03 42.79
CA ARG A 259 50.53 52.31 44.02
C ARG A 259 49.15 52.77 43.69
N GLY A 260 49.05 53.64 42.71
CA GLY A 260 47.68 54.01 42.24
C GLY A 260 46.77 52.81 41.98
N ILE A 261 47.31 51.82 41.29
CA ILE A 261 46.50 50.62 41.01
C ILE A 261 46.07 49.94 42.32
N ALA A 262 46.97 49.90 43.30
CA ALA A 262 46.68 49.26 44.61
C ALA A 262 45.54 49.99 45.37
N THR A 263 45.37 51.26 45.14
CA THR A 263 44.21 52.00 45.66
C THR A 263 42.89 51.60 45.13
N LEU A 264 42.84 50.97 43.99
CA LEU A 264 41.59 50.71 43.31
C LEU A 264 40.85 49.52 43.91
N LYS A 265 39.55 49.54 43.89
CA LYS A 265 38.66 48.61 44.59
C LYS A 265 38.76 47.21 44.00
N GLY A 266 38.89 47.12 42.66
CA GLY A 266 38.99 45.88 41.97
C GLY A 266 38.80 46.10 40.47
N PRO A 267 38.37 45.06 39.76
CA PRO A 267 38.13 45.25 38.30
C PRO A 267 37.19 46.39 38.01
N GLY A 268 37.36 47.03 36.82
CA GLY A 268 36.47 48.05 36.40
C GLY A 268 36.81 49.45 36.87
N CYS A 269 37.95 49.64 37.49
CA CYS A 269 38.37 50.92 38.01
C CYS A 269 39.40 51.53 36.99
N ALA A 270 39.69 52.75 37.11
CA ALA A 270 40.51 53.47 36.07
C ALA A 270 41.73 54.15 36.68
N GLY A 271 42.74 54.40 35.82
CA GLY A 271 43.83 55.17 36.24
C GLY A 271 44.27 56.03 35.05
N TYR A 272 44.81 57.21 35.35
CA TYR A 272 45.29 58.15 34.43
C TYR A 272 46.64 58.59 34.76
N PHE A 273 47.59 58.73 33.77
CA PHE A 273 48.85 59.25 34.02
C PHE A 273 49.51 59.70 32.72
N GLY A 274 50.46 60.56 32.86
CA GLY A 274 51.31 60.94 31.72
C GLY A 274 52.57 60.24 31.56
N ILE A 275 52.98 60.00 30.28
CA ILE A 275 54.29 59.35 30.02
C ILE A 275 54.91 60.22 28.79
N THR A 276 56.15 60.68 28.95
CA THR A 276 56.80 61.53 27.92
C THR A 276 57.56 60.71 26.96
N ARG A 277 57.85 61.37 25.85
CA ARG A 277 58.89 60.93 24.92
C ARG A 277 60.20 61.75 25.13
N ARG A 278 60.10 62.80 25.98
CA ARG A 278 61.18 63.70 26.35
C ARG A 278 62.21 62.98 27.21
N GLU A 279 61.72 62.12 28.12
CA GLU A 279 62.58 61.56 29.16
C GLU A 279 62.50 60.06 29.19
N SER A 280 61.78 59.45 28.33
CA SER A 280 61.70 57.96 28.16
C SER A 280 61.82 57.60 26.70
N SER A 281 62.72 56.73 26.37
CA SER A 281 62.80 56.18 25.01
C SER A 281 61.70 55.18 24.71
N LEU A 282 61.45 54.86 23.48
CA LEU A 282 60.48 53.85 23.18
C LEU A 282 60.93 52.45 23.73
N ASP A 283 62.23 52.20 23.79
CA ASP A 283 62.66 51.01 24.56
C ASP A 283 62.15 50.97 26.05
N LYS A 284 62.25 52.09 26.71
CA LYS A 284 61.73 52.17 28.05
C LYS A 284 60.15 52.14 28.04
N TRP A 285 59.49 52.77 27.03
CA TRP A 285 58.05 52.49 26.91
C TRP A 285 57.68 51.04 26.83
N ARG A 286 58.43 50.24 26.09
CA ARG A 286 58.10 48.84 25.95
C ARG A 286 58.28 48.23 27.36
N GLU A 287 59.33 48.61 28.05
CA GLU A 287 59.51 48.04 29.40
CA GLU A 287 59.55 48.17 29.49
C GLU A 287 58.33 48.53 30.41
N ILE A 288 57.91 49.78 30.34
CA ILE A 288 56.80 50.28 31.07
C ILE A 288 55.47 49.55 30.73
N GLN A 289 55.19 49.36 29.42
CA GLN A 289 54.02 48.70 29.06
C GLN A 289 53.99 47.22 29.53
N ARG A 290 55.18 46.59 29.47
CA ARG A 290 55.29 45.25 30.03
C ARG A 290 55.00 45.23 31.57
N VAL A 291 55.46 46.20 32.26
CA VAL A 291 55.13 46.34 33.65
C VAL A 291 53.63 46.39 33.82
N LEU A 292 53.03 47.35 33.10
CA LEU A 292 51.59 47.41 33.20
C LEU A 292 50.81 46.17 32.89
N LEU A 293 51.11 45.54 31.76
CA LEU A 293 50.39 44.38 31.29
C LEU A 293 50.74 43.05 32.05
N ASN A 294 52.02 42.92 32.48
CA ASN A 294 52.51 41.64 32.97
C ASN A 294 52.62 41.73 34.51
N GLU A 295 53.18 42.79 35.08
CA GLU A 295 53.34 42.89 36.55
CA GLU A 295 53.35 42.89 36.56
C GLU A 295 52.02 43.28 37.19
N PHE A 296 51.31 44.29 36.60
CA PHE A 296 50.06 44.74 37.25
C PHE A 296 48.81 44.17 36.59
N GLY A 297 48.96 43.63 35.34
CA GLY A 297 47.83 43.08 34.64
C GLY A 297 46.63 44.04 34.41
N VAL A 298 46.95 45.27 34.05
CA VAL A 298 45.95 46.27 33.72
C VAL A 298 45.91 46.33 32.17
N VAL A 299 44.84 46.88 31.64
CA VAL A 299 44.78 47.13 30.18
C VAL A 299 44.98 48.64 29.95
N ILE A 300 45.60 48.97 28.80
CA ILE A 300 45.74 50.35 28.44
C ILE A 300 44.63 50.66 27.46
N THR A 301 43.73 51.62 27.80
CA THR A 301 42.63 51.91 26.96
C THR A 301 42.77 53.14 26.08
N ASP A 302 43.73 53.96 26.38
CA ASP A 302 44.00 55.21 25.64
C ASP A 302 45.45 55.57 25.86
N ILE A 303 46.11 56.03 24.74
CA ILE A 303 47.39 56.66 24.73
C ILE A 303 47.33 57.85 23.74
N ILE A 304 47.32 59.08 24.28
CA ILE A 304 46.96 60.27 23.51
C ILE A 304 48.16 61.25 23.53
N ARG A 305 48.77 61.41 22.35
CA ARG A 305 49.99 62.18 22.19
C ARG A 305 49.81 63.62 22.64
N ASN A 306 50.80 64.11 23.39
CA ASN A 306 50.92 65.55 23.79
C ASN A 306 49.68 66.05 24.48
N PHE A 307 48.94 65.19 25.13
CA PHE A 307 47.74 65.64 25.89
C PHE A 307 48.11 66.67 26.91
N ASN A 308 49.21 66.39 27.65
CA ASN A 308 49.63 67.23 28.74
C ASN A 308 50.67 68.24 28.25
N GLU A 309 50.38 69.51 28.45
CA GLU A 309 51.32 70.59 28.17
C GLU A 309 51.89 71.15 29.48
N TYR A 310 53.19 71.15 29.72
CA TYR A 310 53.79 71.51 31.02
C TYR A 310 54.24 72.96 30.90
N VAL A 311 53.94 73.76 31.87
CA VAL A 311 54.48 75.15 32.02
C VAL A 311 55.99 75.09 32.31
N ASN A 312 56.81 75.82 31.52
CA ASN A 312 58.26 75.89 31.71
C ASN A 312 58.62 76.20 33.17
N TRP A 313 59.55 75.43 33.75
CA TRP A 313 59.83 75.61 35.14
C TRP A 313 61.12 76.46 35.41
N GLY A 314 61.14 77.17 36.53
CA GLY A 314 62.23 78.13 36.90
C GLY A 314 63.62 77.55 37.15
N TYR A 315 63.75 76.25 37.43
CA TYR A 315 65.01 75.70 37.85
C TYR A 315 65.74 75.13 36.70
N VAL A 316 65.27 75.40 35.46
CA VAL A 316 65.88 74.78 34.27
C VAL A 316 67.39 74.89 34.21
N GLU A 317 67.96 76.04 34.53
CA GLU A 317 69.40 76.20 34.42
C GLU A 317 70.21 75.33 35.42
N GLU A 318 69.57 74.70 36.37
CA GLU A 318 70.21 73.82 37.37
C GLU A 318 70.12 72.38 37.01
N THR A 319 69.66 72.04 35.78
CA THR A 319 69.37 70.64 35.40
C THR A 319 70.36 70.07 34.40
N ARG A 320 70.31 68.75 34.28
CA ARG A 320 71.12 68.08 33.32
C ARG A 320 70.93 68.56 31.87
N ALA A 321 69.63 68.80 31.57
CA ALA A 321 69.31 69.37 30.27
C ALA A 321 70.19 70.56 29.93
N TRP A 322 70.20 71.54 30.81
CA TRP A 322 71.01 72.74 30.59
C TRP A 322 72.53 72.40 30.42
N ARG A 323 73.06 71.41 31.22
CA ARG A 323 74.44 71.11 31.10
C ARG A 323 74.70 70.48 29.79
N LEU A 324 73.76 69.67 29.25
CA LEU A 324 74.04 68.92 28.05
C LEU A 324 73.91 69.74 26.76
N LEU A 325 73.05 70.74 26.74
CA LEU A 325 72.63 71.29 25.50
C LEU A 325 73.78 72.12 24.84
N PRO A 326 73.87 72.05 23.51
CA PRO A 326 74.96 72.73 22.94
C PRO A 326 74.65 74.16 22.79
N ILE A 327 73.37 74.57 22.84
CA ILE A 327 72.98 75.96 22.86
C ILE A 327 72.14 76.13 24.07
N LYS A 328 72.48 77.10 24.89
CA LYS A 328 71.79 77.23 26.18
C LYS A 328 71.07 78.56 26.31
N VAL A 329 69.86 78.52 25.85
CA VAL A 329 68.93 79.60 25.98
C VAL A 329 67.63 79.08 26.60
N LYS A 330 67.02 79.81 27.49
CA LYS A 330 65.82 79.32 28.11
C LYS A 330 64.73 79.03 27.03
N PRO A 331 63.88 78.00 27.20
CA PRO A 331 62.88 77.69 26.21
C PRO A 331 61.88 78.89 26.04
N SER A 332 61.42 79.13 24.84
CA SER A 332 60.55 80.32 24.58
C SER A 332 59.11 79.90 24.42
N TYR A 333 58.78 78.58 24.62
CA TYR A 333 57.42 78.15 24.43
C TYR A 333 57.38 76.81 25.31
N ASN A 334 56.19 76.21 25.51
CA ASN A 334 56.12 74.95 26.32
C ASN A 334 56.47 73.72 25.46
N TRP A 335 57.76 73.46 25.39
CA TRP A 335 58.33 72.42 24.62
C TRP A 335 58.09 71.02 25.23
N TYR A 336 57.75 70.99 26.49
CA TYR A 336 57.67 69.77 27.26
C TYR A 336 56.24 69.38 27.39
N LYS A 337 55.97 68.19 26.83
CA LYS A 337 54.59 67.61 26.75
C LYS A 337 54.66 66.10 27.07
N SER A 338 53.54 65.54 27.52
CA SER A 338 53.48 64.10 27.74
C SER A 338 52.18 63.52 27.16
N TYR A 339 52.24 62.21 26.80
CA TYR A 339 51.09 61.46 26.36
C TYR A 339 50.18 61.12 27.56
N MET A 340 48.88 61.21 27.44
CA MET A 340 47.90 60.71 28.49
C MET A 340 47.74 59.27 28.25
N PHE A 341 47.97 58.45 29.29
CA PHE A 341 47.64 57.00 29.33
C PHE A 341 46.35 56.95 30.18
N ARG A 342 45.43 56.11 29.76
CA ARG A 342 44.33 55.66 30.65
C ARG A 342 44.51 54.13 30.69
N ILE A 343 44.35 53.58 31.91
CA ILE A 343 44.31 52.18 32.13
C ILE A 343 43.08 51.81 32.85
N GLN A 344 42.72 50.53 32.76
CA GLN A 344 41.58 50.03 33.47
C GLN A 344 41.93 48.68 34.04
N THR A 345 41.41 48.45 35.25
CA THR A 345 41.56 47.14 35.88
C THR A 345 40.54 46.11 35.41
N LEU A 346 41.02 44.83 35.47
CA LEU A 346 40.35 43.69 35.04
C LEU A 346 40.49 42.57 36.14
N GLU A 347 39.89 41.44 35.90
CA GLU A 347 40.08 40.27 36.82
C GLU A 347 41.58 40.10 36.94
N GLY A 348 42.08 40.03 38.14
CA GLY A 348 43.52 39.66 38.40
C GLY A 348 44.52 40.87 38.36
N SER A 349 44.01 42.12 38.11
CA SER A 349 44.87 43.32 38.17
C SER A 349 45.37 43.47 39.55
N LYS A 350 46.57 43.97 39.73
CA LYS A 350 47.17 44.17 41.04
C LYS A 350 48.12 45.24 41.04
N GLY A 351 48.25 45.94 42.15
CA GLY A 351 49.18 47.07 42.22
C GLY A 351 50.48 46.79 42.94
N PHE A 352 51.17 47.83 43.30
CA PHE A 352 52.57 47.70 43.85
C PHE A 352 52.47 48.09 45.31
N GLU A 353 53.01 47.17 46.14
CA GLU A 353 53.01 47.32 47.58
C GLU A 353 54.36 47.32 48.28
N ASP A 354 55.43 47.12 47.55
CA ASP A 354 56.78 47.03 48.17
C ASP A 354 57.35 48.42 48.57
N GLU A 355 58.41 48.44 49.35
CA GLU A 355 59.16 49.65 49.62
C GLU A 355 60.24 49.90 48.56
N ILE A 356 60.49 51.15 48.23
CA ILE A 356 61.49 51.54 47.25
C ILE A 356 62.58 52.24 48.09
N THR A 357 63.84 51.98 47.77
CA THR A 357 64.92 52.52 48.59
C THR A 357 65.81 53.44 47.90
N VAL A 358 65.62 53.76 46.62
CA VAL A 358 66.41 54.81 45.95
C VAL A 358 66.07 56.20 46.49
N GLY A 359 67.08 57.06 46.51
CA GLY A 359 66.95 58.50 46.75
C GLY A 359 66.70 59.26 45.47
N GLN A 360 67.70 59.97 44.97
CA GLN A 360 67.53 60.77 43.76
C GLN A 360 67.27 59.93 42.53
N GLU A 361 67.65 58.67 42.53
CA GLU A 361 67.37 57.81 41.42
C GLU A 361 65.90 57.43 41.24
N LEU A 362 65.07 57.86 42.17
CA LEU A 362 63.65 57.86 41.91
C LEU A 362 63.32 58.64 40.63
N TYR A 363 64.00 59.78 40.51
CA TYR A 363 63.75 60.77 39.44
C TYR A 363 64.68 60.57 38.30
N ASP A 364 65.89 60.06 38.58
CA ASP A 364 67.03 60.24 37.74
C ASP A 364 67.47 58.96 37.07
N ASP A 365 67.40 58.82 35.78
CA ASP A 365 67.98 57.62 35.10
C ASP A 365 68.77 58.16 33.88
N GLU A 366 69.23 57.30 32.99
CA GLU A 366 70.10 57.75 31.94
C GLU A 366 69.30 58.56 30.84
N GLU A 367 68.02 58.29 30.73
CA GLU A 367 67.14 58.95 29.76
C GLU A 367 66.59 60.25 30.28
N SER A 368 66.59 60.48 31.54
CA SER A 368 66.07 61.73 32.11
C SER A 368 67.07 62.90 32.15
N SER A 369 66.53 64.15 32.11
CA SER A 369 67.37 65.28 32.05
C SER A 369 66.81 66.52 32.76
N THR A 370 65.55 66.50 33.23
CA THR A 370 64.89 67.74 33.78
C THR A 370 65.00 67.92 35.30
N THR A 371 65.95 67.22 35.88
CA THR A 371 66.48 67.57 37.19
C THR A 371 68.04 67.60 37.06
N GLY B 18 25.12 46.02 47.89
CA GLY B 18 25.76 45.27 46.77
C GLY B 18 24.83 44.17 46.23
N SER B 19 23.80 43.70 47.00
CA SER B 19 22.82 42.69 46.46
C SER B 19 22.12 42.98 45.05
N HIS B 20 21.50 44.14 44.78
CA HIS B 20 20.81 44.40 43.56
C HIS B 20 21.85 44.25 42.43
N MET B 21 23.06 44.85 42.61
CA MET B 21 24.06 44.79 41.57
C MET B 21 24.58 43.38 41.39
N ARG B 22 24.80 42.68 42.46
CA ARG B 22 25.31 41.32 42.38
C ARG B 22 24.36 40.35 41.67
N GLU B 23 23.07 40.53 41.97
CA GLU B 23 22.04 39.75 41.29
C GLU B 23 22.00 39.97 39.75
N ILE B 24 22.17 41.19 39.27
CA ILE B 24 22.27 41.45 37.87
C ILE B 24 23.49 40.77 37.26
N ILE B 25 24.65 40.95 37.89
CA ILE B 25 25.91 40.33 37.42
C ILE B 25 25.77 38.82 37.30
N GLU B 26 25.17 38.22 38.34
CA GLU B 26 24.96 36.76 38.32
C GLU B 26 24.05 36.31 37.22
N ARG B 27 23.02 37.06 36.97
CA ARG B 27 22.10 36.78 35.84
C ARG B 27 22.81 36.90 34.54
N VAL B 28 23.60 37.95 34.36
CA VAL B 28 24.40 38.06 33.10
C VAL B 28 25.32 36.85 32.83
N LYS B 29 25.96 36.33 33.87
CA LYS B 29 26.83 35.23 33.78
C LYS B 29 26.10 33.96 33.45
N GLU B 30 24.78 33.89 33.69
CA GLU B 30 23.99 32.80 33.16
C GLU B 30 23.87 32.84 31.64
N LYS B 31 24.04 34.00 31.03
CA LYS B 31 23.69 34.19 29.66
C LYS B 31 24.97 34.26 28.76
N THR B 32 26.18 34.47 29.32
CA THR B 32 27.39 34.71 28.36
C THR B 32 28.60 34.27 29.18
N THR B 33 29.62 33.79 28.47
CA THR B 33 30.85 33.44 29.00
C THR B 33 31.83 34.69 28.89
N ILE B 34 31.37 35.77 28.27
CA ILE B 34 32.25 37.04 28.22
C ILE B 34 32.34 37.61 29.61
N PRO B 35 33.53 38.00 30.09
CA PRO B 35 33.64 38.48 31.48
C PRO B 35 32.69 39.62 31.81
N VAL B 36 32.19 39.73 33.03
CA VAL B 36 31.25 40.83 33.36
C VAL B 36 31.69 41.36 34.68
N TYR B 37 31.57 42.66 34.89
CA TYR B 37 31.93 43.26 36.12
C TYR B 37 30.86 44.23 36.45
N GLU B 38 30.83 44.69 37.66
CA GLU B 38 29.95 45.76 37.99
C GLU B 38 30.08 46.94 37.03
N ARG B 39 31.33 47.20 36.65
CA ARG B 39 31.51 48.33 35.74
C ARG B 39 30.83 48.16 34.38
N THR B 40 30.74 46.91 33.88
CA THR B 40 29.97 46.51 32.68
C THR B 40 28.54 46.98 32.82
N ILE B 41 27.91 46.77 33.99
CA ILE B 41 26.51 47.09 34.13
C ILE B 41 26.37 48.61 34.18
N GLU B 42 27.27 49.23 34.92
CA GLU B 42 27.28 50.70 34.96
C GLU B 42 27.44 51.38 33.65
N ASN B 43 28.34 50.85 32.74
CA ASN B 43 28.52 51.46 31.44
C ASN B 43 27.27 51.35 30.62
N VAL B 44 26.56 50.21 30.72
CA VAL B 44 25.33 49.98 29.96
C VAL B 44 24.22 50.89 30.52
N LEU B 45 24.08 50.94 31.84
CA LEU B 45 23.11 51.78 32.49
C LEU B 45 23.30 53.31 32.25
N SER B 46 24.57 53.70 32.24
CA SER B 46 24.96 55.09 31.83
C SER B 46 24.53 55.37 30.41
N ALA B 47 24.80 54.41 29.51
CA ALA B 47 24.39 54.59 28.16
C ALA B 47 22.85 54.65 27.91
N ILE B 48 22.11 53.76 28.55
CA ILE B 48 20.70 53.72 28.41
C ILE B 48 20.13 55.13 28.87
N GLN B 49 20.68 55.69 29.90
CA GLN B 49 20.19 57.05 30.30
C GLN B 49 20.47 58.17 29.24
N ALA B 50 21.43 57.98 28.34
CA ALA B 50 21.68 58.92 27.26
C ALA B 50 20.96 58.55 25.97
N SER B 51 20.54 57.31 25.76
CA SER B 51 19.91 56.97 24.54
C SER B 51 19.08 55.65 24.67
N GLY B 52 17.93 55.55 24.02
CA GLY B 52 17.16 54.30 23.96
C GLY B 52 17.46 53.41 22.79
N ASP B 53 18.33 53.86 21.88
CA ASP B 53 18.57 53.10 20.65
C ASP B 53 19.67 52.07 21.00
N VAL B 54 19.44 50.83 20.69
CA VAL B 54 20.35 49.80 21.13
C VAL B 54 21.75 49.95 20.53
N TRP B 55 21.80 50.40 19.30
CA TRP B 55 23.07 50.62 18.65
C TRP B 55 23.88 51.62 19.32
N ARG B 56 23.21 52.71 19.73
CA ARG B 56 23.86 53.72 20.39
C ARG B 56 24.25 53.36 21.83
N ILE B 57 23.53 52.44 22.44
CA ILE B 57 23.84 51.99 23.79
C ILE B 57 25.11 51.15 23.66
N VAL B 58 25.14 50.29 22.65
CA VAL B 58 26.42 49.58 22.40
C VAL B 58 27.61 50.53 22.23
N ASP B 59 27.45 51.50 21.31
CA ASP B 59 28.48 52.52 21.11
C ASP B 59 28.89 53.19 22.37
N LEU B 60 27.96 53.87 23.09
CA LEU B 60 28.30 54.69 24.17
C LEU B 60 28.84 53.84 25.41
N SER B 61 28.33 52.64 25.59
CA SER B 61 28.85 51.83 26.69
C SER B 61 30.25 51.31 26.50
N GLU B 62 30.71 51.28 25.26
CA GLU B 62 31.97 50.67 24.92
C GLU B 62 32.16 49.23 25.43
N GLU B 63 31.07 48.47 25.43
CA GLU B 63 31.11 47.06 25.75
C GLU B 63 30.81 46.27 24.47
N PRO B 64 31.27 45.05 24.43
CA PRO B 64 31.00 44.35 23.24
C PRO B 64 29.52 43.97 23.06
N LEU B 65 29.00 43.95 21.82
CA LEU B 65 27.56 43.84 21.60
C LEU B 65 26.85 42.59 22.25
N PRO B 66 27.47 41.37 22.23
CA PRO B 66 26.74 40.21 22.92
C PRO B 66 26.65 40.46 24.40
N LEU B 67 27.64 41.24 24.97
CA LEU B 67 27.63 41.44 26.41
C LEU B 67 26.60 42.47 26.73
N VAL B 68 26.52 43.49 25.90
CA VAL B 68 25.48 44.53 26.12
C VAL B 68 24.09 43.86 26.01
N VAL B 69 23.89 42.93 25.04
CA VAL B 69 22.60 42.27 24.91
C VAL B 69 22.30 41.44 26.15
N ALA B 70 23.28 40.70 26.67
CA ALA B 70 23.07 39.92 27.89
C ALA B 70 22.73 40.82 29.03
N VAL B 71 23.44 41.94 29.17
CA VAL B 71 23.15 42.91 30.25
C VAL B 71 21.71 43.52 30.11
N VAL B 72 21.35 43.98 28.91
CA VAL B 72 20.02 44.57 28.69
C VAL B 72 18.93 43.50 28.98
N THR B 73 19.12 42.27 28.47
CA THR B 73 18.21 41.17 28.83
C THR B 73 18.08 40.96 30.30
N ALA B 74 19.22 40.82 31.01
CA ALA B 74 19.15 40.70 32.44
C ALA B 74 18.38 41.83 33.10
N LEU B 75 18.60 43.06 32.66
CA LEU B 75 17.95 44.21 33.25
C LEU B 75 16.45 44.15 33.02
N TYR B 76 16.08 43.78 31.82
CA TYR B 76 14.65 43.55 31.51
C TYR B 76 14.07 42.51 32.43
N GLU B 77 14.71 41.35 32.50
CA GLU B 77 14.18 40.20 33.28
C GLU B 77 13.90 40.63 34.74
N LEU B 78 14.92 41.33 35.30
CA LEU B 78 14.88 41.80 36.74
C LEU B 78 14.05 43.01 36.97
N GLY B 79 13.45 43.53 35.91
CA GLY B 79 12.50 44.62 36.05
C GLY B 79 12.94 46.04 35.96
N TYR B 80 14.22 46.21 35.60
CA TYR B 80 14.84 47.52 35.57
C TYR B 80 14.77 48.26 34.25
N VAL B 81 14.53 47.52 33.16
CA VAL B 81 14.31 48.08 31.85
C VAL B 81 13.06 47.53 31.13
N ALA B 82 12.49 48.37 30.27
CA ALA B 82 11.43 47.99 29.36
C ALA B 82 11.80 48.33 27.90
N PHE B 83 11.05 47.76 26.96
CA PHE B 83 11.17 48.03 25.53
C PHE B 83 9.87 48.71 25.14
N GLU B 84 9.91 49.98 24.79
CA GLU B 84 8.71 50.72 24.37
C GLU B 84 8.98 51.54 23.11
N ASN B 85 8.19 51.30 22.07
CA ASN B 85 8.36 52.03 20.82
C ASN B 85 9.76 51.86 20.32
N ASN B 86 10.29 50.64 20.37
CA ASN B 86 11.68 50.36 19.96
C ASN B 86 12.82 51.12 20.61
N GLN B 87 12.61 51.52 21.88
CA GLN B 87 13.59 52.14 22.69
C GLN B 87 13.78 51.26 23.88
N VAL B 88 15.00 51.28 24.40
CA VAL B 88 15.33 50.56 25.59
C VAL B 88 15.25 51.69 26.63
N ILE B 89 14.44 51.47 27.63
CA ILE B 89 14.20 52.50 28.64
C ILE B 89 14.28 52.02 30.04
N LEU B 90 14.53 52.90 31.01
CA LEU B 90 14.55 52.46 32.36
C LEU B 90 13.05 52.45 32.88
N THR B 91 12.69 51.47 33.70
CA THR B 91 11.42 51.46 34.40
C THR B 91 11.64 52.32 35.62
N ARG B 92 10.57 52.49 36.38
CA ARG B 92 10.67 53.24 37.54
C ARG B 92 11.68 52.59 38.48
N LYS B 93 11.71 51.27 38.51
CA LYS B 93 12.63 50.52 39.35
C LYS B 93 14.10 50.68 38.90
N GLY B 94 14.24 50.76 37.57
CA GLY B 94 15.52 51.11 36.90
C GLY B 94 15.99 52.51 37.28
N LYS B 95 15.04 53.47 37.34
CA LYS B 95 15.42 54.84 37.78
C LYS B 95 15.89 54.81 39.22
N GLU B 96 15.25 54.02 40.05
CA GLU B 96 15.66 53.94 41.45
C GLU B 96 17.01 53.25 41.54
N LEU B 97 17.22 52.25 40.70
CA LEU B 97 18.52 51.52 40.70
C LEU B 97 19.72 52.55 40.38
N VAL B 98 19.54 53.32 39.34
CA VAL B 98 20.69 54.19 38.96
C VAL B 98 20.85 55.34 40.00
N GLU B 99 19.73 55.82 40.57
CA GLU B 99 19.82 56.82 41.62
C GLU B 99 20.54 56.20 42.81
N LYS B 100 20.16 55.02 43.23
CA LYS B 100 20.89 54.39 44.36
C LYS B 100 22.40 54.18 44.15
N TYR B 101 22.81 53.72 42.99
CA TYR B 101 24.19 53.52 42.74
C TYR B 101 24.92 54.81 42.20
N GLY B 102 24.25 55.94 41.95
CA GLY B 102 24.94 57.14 41.49
C GLY B 102 25.47 57.08 40.04
N ILE B 103 24.73 56.35 39.21
CA ILE B 103 25.11 56.14 37.80
C ILE B 103 24.39 57.15 36.98
N GLY B 104 25.09 58.18 36.52
CA GLY B 104 24.39 59.06 35.59
C GLY B 104 24.71 58.83 34.12
N PRO B 105 24.03 59.58 33.26
CA PRO B 105 24.23 59.42 31.86
C PRO B 105 25.62 59.86 31.50
N ARG B 106 26.09 59.26 30.48
CA ARG B 106 27.42 59.41 30.07
C ARG B 106 27.60 60.75 29.36
N ALA B 107 28.52 61.53 29.84
CA ALA B 107 28.83 62.74 29.19
C ALA B 107 29.96 62.48 28.12
N ASP B 108 30.00 63.34 27.14
CA ASP B 108 30.96 63.17 26.05
C ASP B 108 31.41 64.50 25.56
N TYR B 109 32.72 64.67 25.39
CA TYR B 109 33.28 65.99 25.14
C TYR B 109 34.24 65.80 23.95
N THR B 110 33.92 64.86 23.11
CA THR B 110 34.75 64.62 21.96
C THR B 110 34.88 65.95 21.14
N CYS B 111 36.13 66.27 20.75
CA CYS B 111 36.38 67.42 19.88
C CYS B 111 35.49 67.35 18.65
N SER B 112 34.72 68.42 18.44
CA SER B 112 33.75 68.43 17.37
C SER B 112 34.48 68.79 16.05
N HIS B 113 35.70 69.24 16.12
CA HIS B 113 36.47 69.49 14.97
C HIS B 113 37.19 68.26 14.34
N CYS B 114 37.93 67.48 15.08
CA CYS B 114 38.67 66.40 14.43
C CYS B 114 37.90 65.04 14.70
N GLN B 115 36.72 65.06 15.31
CA GLN B 115 35.94 63.89 15.64
C GLN B 115 36.79 63.07 16.53
N GLY B 116 37.68 63.68 17.36
CA GLY B 116 38.48 62.85 18.30
C GLY B 116 39.60 62.19 17.68
N ARG B 117 39.84 62.44 16.35
CA ARG B 117 40.96 61.73 15.73
C ARG B 117 42.39 62.21 16.14
N THR B 118 42.44 63.44 16.67
CA THR B 118 43.66 64.22 17.05
C THR B 118 44.36 64.84 15.82
N VAL B 119 43.96 64.42 14.61
CA VAL B 119 44.47 65.04 13.37
C VAL B 119 43.32 65.67 12.53
N GLU B 120 43.57 66.83 12.00
CA GLU B 120 42.64 67.39 11.03
C GLU B 120 43.10 67.11 9.60
N ILE B 121 42.09 67.06 8.70
CA ILE B 121 42.36 66.59 7.29
C ILE B 121 42.13 67.75 6.24
N ASP B 122 42.05 68.95 6.74
CA ASP B 122 41.99 70.23 5.96
C ASP B 122 43.02 70.21 4.87
N ALA B 123 44.25 69.82 5.20
CA ALA B 123 45.31 69.87 4.23
C ALA B 123 45.21 68.83 3.12
N PHE B 124 44.31 67.87 3.30
CA PHE B 124 44.08 66.83 2.33
C PHE B 124 42.69 66.92 1.75
N SER B 125 42.06 68.14 1.69
CA SER B 125 40.73 68.22 1.05
C SER B 125 40.63 67.75 -0.37
N GLU B 126 41.60 68.19 -1.19
CA GLU B 126 41.53 67.79 -2.53
C GLU B 126 41.76 66.34 -2.72
N LEU B 127 42.71 65.82 -2.00
CA LEU B 127 42.88 64.36 -2.02
C LEU B 127 41.56 63.63 -1.54
N LEU B 128 40.91 64.11 -0.51
CA LEU B 128 39.60 63.50 -0.14
C LEU B 128 38.55 63.54 -1.27
N GLU B 129 38.46 64.72 -1.91
CA GLU B 129 37.52 64.84 -3.13
C GLU B 129 37.93 63.84 -4.20
N GLN B 130 39.22 63.75 -4.48
CA GLN B 130 39.72 62.83 -5.56
C GLN B 130 39.48 61.35 -5.17
N PHE B 131 39.68 61.09 -3.88
CA PHE B 131 39.38 59.78 -3.35
C PHE B 131 37.88 59.45 -3.42
N LYS B 132 37.00 60.38 -3.10
CA LYS B 132 35.56 60.08 -3.22
C LYS B 132 35.18 59.74 -4.65
N GLU B 133 35.76 60.47 -5.59
CA GLU B 133 35.40 60.37 -7.00
C GLU B 133 35.82 58.97 -7.51
N ILE B 134 37.02 58.54 -7.11
CA ILE B 134 37.52 57.27 -7.55
C ILE B 134 36.84 56.09 -6.91
N THR B 135 36.36 56.22 -5.66
CA THR B 135 35.79 55.12 -4.88
C THR B 135 34.26 55.11 -4.87
N ARG B 136 33.62 55.99 -5.64
CA ARG B 136 32.13 56.11 -5.68
C ARG B 136 31.43 54.78 -5.96
N ASP B 137 32.13 53.89 -6.66
CA ASP B 137 31.69 52.56 -7.08
C ASP B 137 32.53 51.46 -6.51
N ARG B 138 33.18 51.64 -5.35
CA ARG B 138 33.93 50.61 -4.68
C ARG B 138 33.12 49.35 -4.43
N PRO B 139 33.82 48.19 -4.38
CA PRO B 139 33.13 46.99 -4.12
C PRO B 139 32.34 47.10 -2.81
N GLU B 140 31.11 46.70 -2.89
CA GLU B 140 30.25 46.60 -1.66
C GLU B 140 30.84 45.60 -0.66
N PRO B 141 30.68 45.88 0.65
CA PRO B 141 31.16 45.02 1.58
C PRO B 141 30.58 43.55 1.46
N ALA B 142 31.46 42.54 1.46
CA ALA B 142 31.16 41.14 1.41
C ALA B 142 31.16 40.57 2.83
N HIS B 143 30.05 40.02 3.18
CA HIS B 143 29.76 39.46 4.49
C HIS B 143 30.80 38.33 4.71
N GLN B 144 31.11 37.55 3.64
CA GLN B 144 31.99 36.38 3.87
C GLN B 144 33.40 36.74 4.28
N PHE B 145 33.86 37.98 4.00
CA PHE B 145 35.19 38.38 4.38
C PHE B 145 35.22 39.46 5.57
N ASP B 146 34.13 39.53 6.28
CA ASP B 146 34.00 40.42 7.44
C ASP B 146 34.25 41.91 7.02
N GLN B 147 33.84 42.29 5.81
CA GLN B 147 34.13 43.62 5.33
C GLN B 147 33.21 44.74 5.88
N ALA B 148 33.78 45.94 5.94
CA ALA B 148 33.06 47.16 6.10
C ALA B 148 34.06 48.26 5.97
N TYR B 149 33.88 49.05 4.97
CA TYR B 149 34.78 50.18 4.81
C TYR B 149 34.50 51.38 5.64
N VAL B 150 35.61 52.01 6.06
CA VAL B 150 35.57 53.27 6.83
C VAL B 150 35.10 54.39 5.94
N THR B 151 34.67 55.46 6.62
CA THR B 151 34.33 56.63 5.86
C THR B 151 35.55 57.16 5.08
N PRO B 152 35.23 57.88 4.00
CA PRO B 152 36.43 58.39 3.24
C PRO B 152 37.29 59.35 4.03
N GLU B 153 36.66 60.14 4.92
CA GLU B 153 37.31 61.02 5.84
C GLU B 153 38.24 60.25 6.80
N THR B 154 37.75 59.07 7.27
CA THR B 154 38.65 58.21 8.03
C THR B 154 39.89 57.74 7.22
N THR B 155 39.66 57.36 5.97
CA THR B 155 40.80 56.79 5.20
C THR B 155 41.86 57.92 5.00
N VAL B 156 41.37 59.14 4.68
CA VAL B 156 42.28 60.27 4.54
C VAL B 156 42.97 60.64 5.88
N ALA B 157 42.22 60.56 7.01
CA ALA B 157 42.80 60.79 8.33
C ALA B 157 43.89 59.79 8.68
N ARG B 158 43.79 58.56 8.16
CA ARG B 158 44.79 57.55 8.39
C ARG B 158 46.15 58.03 7.69
N VAL B 159 46.00 58.49 6.48
CA VAL B 159 47.17 59.03 5.75
C VAL B 159 47.79 60.18 6.51
N ALA B 160 46.98 61.12 6.97
CA ALA B 160 47.56 62.21 7.63
C ALA B 160 48.26 61.79 8.95
N LEU B 161 47.55 60.93 9.72
CA LEU B 161 48.25 60.44 10.89
C LEU B 161 49.58 59.76 10.62
N MET B 162 49.63 58.90 9.66
CA MET B 162 50.83 58.14 9.35
C MET B 162 51.93 59.14 8.87
N HIS B 163 51.51 60.13 8.07
CA HIS B 163 52.53 61.14 7.56
C HIS B 163 53.03 61.98 8.67
N SER B 164 52.14 62.38 9.61
CA SER B 164 52.60 63.11 10.74
C SER B 164 53.58 62.45 11.65
N ARG B 165 53.65 61.11 11.63
CA ARG B 165 54.60 60.37 12.44
C ARG B 165 55.76 59.96 11.59
N GLY B 166 55.89 60.40 10.36
CA GLY B 166 57.09 60.13 9.57
C GLY B 166 57.13 58.78 8.92
N ASP B 167 55.96 58.18 8.71
CA ASP B 167 55.87 56.81 8.26
C ASP B 167 55.38 56.56 6.84
N LEU B 168 55.34 57.65 6.02
CA LEU B 168 54.96 57.50 4.62
C LEU B 168 55.97 58.03 3.59
N GLU B 169 56.53 59.18 3.86
CA GLU B 169 57.34 59.90 2.80
C GLU B 169 58.55 59.15 2.47
N ASN B 170 58.63 58.70 1.24
CA ASN B 170 59.77 57.87 0.75
C ASN B 170 59.89 56.56 1.47
N LYS B 171 58.75 56.04 2.04
CA LYS B 171 58.74 54.75 2.73
C LYS B 171 58.07 53.68 1.86
N GLU B 172 58.38 52.43 2.16
CA GLU B 172 57.84 51.24 1.54
C GLU B 172 56.67 50.72 2.47
N VAL B 173 55.46 50.80 1.98
CA VAL B 173 54.25 50.63 2.80
C VAL B 173 53.51 49.37 2.37
N PHE B 174 53.22 48.50 3.37
CA PHE B 174 52.41 47.27 3.21
C PHE B 174 51.03 47.43 3.71
N VAL B 175 50.07 47.20 2.87
CA VAL B 175 48.64 47.29 3.28
C VAL B 175 48.06 45.83 3.26
N LEU B 176 47.67 45.32 4.45
CA LEU B 176 47.19 43.92 4.59
C LEU B 176 45.75 43.96 4.70
N GLY B 177 45.10 43.72 3.57
CA GLY B 177 43.68 43.87 3.47
C GLY B 177 43.29 45.27 3.22
N ASP B 178 42.45 45.49 2.24
CA ASP B 178 42.17 46.89 1.89
C ASP B 178 40.80 47.27 1.39
N ASP B 179 39.72 46.76 1.99
CA ASP B 179 38.38 47.31 1.77
C ASP B 179 38.25 48.81 1.97
N ASP B 180 39.12 49.34 2.80
CA ASP B 180 39.10 50.77 3.19
C ASP B 180 39.76 51.64 2.10
N LEU B 181 40.47 50.94 1.22
CA LEU B 181 41.13 51.55 0.07
C LEU B 181 42.12 52.60 0.52
N THR B 182 42.84 52.30 1.62
CA THR B 182 43.95 53.11 2.04
C THR B 182 45.02 53.21 0.96
N SER B 183 45.25 52.12 0.23
CA SER B 183 46.22 52.12 -0.80
C SER B 183 45.85 53.16 -1.86
N VAL B 184 44.59 53.45 -2.10
CA VAL B 184 44.21 54.46 -3.12
C VAL B 184 44.52 55.89 -2.64
N ALA B 185 44.20 56.16 -1.38
CA ALA B 185 44.55 57.42 -0.80
C ALA B 185 46.07 57.58 -0.73
N LEU B 186 46.78 56.47 -0.46
CA LEU B 186 48.26 56.56 -0.41
C LEU B 186 48.82 56.81 -1.85
N MET B 187 48.27 56.17 -2.90
CA MET B 187 48.73 56.52 -4.30
C MET B 187 48.43 57.98 -4.54
N LEU B 188 47.23 58.43 -4.24
CA LEU B 188 46.88 59.86 -4.41
C LEU B 188 47.83 60.82 -3.71
N SER B 189 48.29 60.47 -2.54
CA SER B 189 49.19 61.34 -1.80
C SER B 189 50.53 61.56 -2.47
N GLY B 190 50.98 60.55 -3.25
CA GLY B 190 52.30 60.63 -3.81
C GLY B 190 53.43 60.41 -2.78
N LEU B 191 53.13 60.01 -1.52
CA LEU B 191 54.21 59.98 -0.53
C LEU B 191 55.09 58.79 -0.55
N PRO B 192 54.53 57.57 -0.69
CA PRO B 192 55.40 56.44 -0.45
C PRO B 192 56.44 56.29 -1.60
N LYS B 193 57.54 55.63 -1.28
CA LYS B 193 58.45 55.12 -2.31
C LYS B 193 57.80 53.96 -3.09
N ARG B 194 57.09 53.06 -2.37
CA ARG B 194 56.30 52.06 -3.00
C ARG B 194 55.23 51.55 -2.01
N ILE B 195 54.28 50.79 -2.51
CA ILE B 195 53.16 50.17 -1.80
C ILE B 195 53.00 48.74 -2.23
N ALA B 196 52.77 47.82 -1.34
CA ALA B 196 52.33 46.53 -1.66
C ALA B 196 51.01 46.35 -0.97
N VAL B 197 50.06 45.70 -1.61
CA VAL B 197 48.76 45.52 -1.02
C VAL B 197 48.34 44.09 -1.28
N LEU B 198 47.65 43.48 -0.35
CA LEU B 198 47.03 42.23 -0.60
C LEU B 198 45.58 42.22 -0.05
N ASP B 199 44.83 41.25 -0.56
CA ASP B 199 43.50 41.00 -0.01
C ASP B 199 43.05 39.66 -0.51
N ILE B 200 42.18 39.02 0.25
CA ILE B 200 41.59 37.74 -0.16
C ILE B 200 40.54 38.02 -1.30
N ASP B 201 39.93 39.21 -1.34
CA ASP B 201 38.76 39.54 -2.19
C ASP B 201 39.34 40.10 -3.54
N GLU B 202 39.18 39.34 -4.61
CA GLU B 202 39.70 39.75 -5.86
C GLU B 202 38.92 40.91 -6.46
N ARG B 203 37.75 41.26 -5.94
CA ARG B 203 37.07 42.50 -6.40
C ARG B 203 37.91 43.64 -5.97
N LEU B 204 38.54 43.54 -4.79
CA LEU B 204 39.35 44.71 -4.31
C LEU B 204 40.71 44.77 -4.95
N THR B 205 41.39 43.63 -5.11
CA THR B 205 42.65 43.67 -5.85
C THR B 205 42.52 44.17 -7.30
N LYS B 206 41.44 43.80 -7.93
CA LYS B 206 41.07 44.30 -9.30
C LYS B 206 40.76 45.80 -9.31
N PHE B 207 40.03 46.27 -8.27
CA PHE B 207 39.67 47.65 -8.18
C PHE B 207 40.90 48.54 -7.93
N ILE B 208 41.82 48.05 -7.07
CA ILE B 208 43.00 48.83 -6.73
C ILE B 208 43.85 48.92 -8.03
N GLU B 209 43.90 47.81 -8.75
CA GLU B 209 44.70 47.81 -10.01
C GLU B 209 44.21 48.88 -11.01
N LYS B 210 42.92 48.85 -11.23
CA LYS B 210 42.25 49.86 -12.01
C LYS B 210 42.49 51.29 -11.57
N ALA B 211 42.33 51.53 -10.27
CA ALA B 211 42.64 52.84 -9.72
C ALA B 211 44.10 53.21 -9.92
N ALA B 212 45.07 52.26 -9.79
CA ALA B 212 46.48 52.59 -10.02
C ALA B 212 46.76 52.97 -11.48
N ASP B 213 46.23 52.16 -12.38
CA ASP B 213 46.22 52.54 -13.84
C ASP B 213 45.62 53.94 -14.04
N GLU B 214 44.52 54.25 -13.40
CA GLU B 214 43.89 55.55 -13.58
C GLU B 214 44.73 56.67 -13.02
N ILE B 215 45.47 56.45 -11.94
CA ILE B 215 46.29 57.45 -11.32
C ILE B 215 47.61 57.60 -12.09
N GLY B 216 48.02 56.56 -12.83
CA GLY B 216 49.37 56.44 -13.41
C GLY B 216 50.43 56.13 -12.32
N TYR B 217 50.09 55.42 -11.24
CA TYR B 217 51.00 55.14 -10.14
C TYR B 217 51.70 53.86 -10.48
N GLU B 218 53.02 53.80 -10.64
CA GLU B 218 53.53 52.48 -10.95
C GLU B 218 54.31 51.68 -9.93
N ASN B 219 54.61 52.24 -8.77
CA ASN B 219 55.32 51.49 -7.77
C ASN B 219 54.28 50.86 -6.78
N ILE B 220 53.29 50.13 -7.32
CA ILE B 220 52.40 49.31 -6.44
C ILE B 220 52.38 47.89 -6.87
N GLU B 221 52.43 46.95 -5.94
CA GLU B 221 52.24 45.54 -6.24
C GLU B 221 51.09 45.02 -5.48
N ILE B 222 50.19 44.35 -6.19
CA ILE B 222 48.88 44.06 -5.70
C ILE B 222 48.79 42.55 -5.78
N PHE B 223 48.29 41.87 -4.78
CA PHE B 223 48.04 40.45 -5.00
C PHE B 223 46.94 39.89 -4.14
N THR B 224 46.37 38.78 -4.60
CA THR B 224 45.37 38.11 -3.90
C THR B 224 46.01 37.19 -2.93
N PHE B 225 45.51 37.13 -1.67
CA PHE B 225 46.18 36.29 -0.71
C PHE B 225 45.24 35.99 0.43
N ASP B 226 45.31 34.78 0.93
CA ASP B 226 44.60 34.42 2.17
C ASP B 226 45.60 34.44 3.35
N LEU B 227 45.41 35.38 4.29
CA LEU B 227 46.30 35.47 5.45
C LEU B 227 46.25 34.32 6.49
N ARG B 228 45.40 33.35 6.31
CA ARG B 228 45.58 32.10 7.08
C ARG B 228 46.97 31.47 6.77
N LYS B 229 47.54 31.76 5.60
CA LYS B 229 48.83 31.15 5.21
C LYS B 229 49.92 32.16 5.54
N PRO B 230 51.18 31.66 5.81
CA PRO B 230 52.35 32.48 5.96
C PRO B 230 52.59 33.33 4.75
N LEU B 231 53.00 34.57 5.00
CA LEU B 231 53.37 35.39 3.86
C LEU B 231 54.61 34.77 3.11
N PRO B 232 54.70 35.01 1.81
CA PRO B 232 55.90 34.58 1.09
C PRO B 232 57.09 35.44 1.49
N ASP B 233 58.28 34.85 1.30
CA ASP B 233 59.53 35.57 1.60
C ASP B 233 59.67 36.94 1.04
N TYR B 234 59.13 37.22 -0.14
CA TYR B 234 59.30 38.56 -0.70
C TYR B 234 58.49 39.67 -0.03
N ALA B 235 57.52 39.32 0.85
CA ALA B 235 56.92 40.24 1.71
C ALA B 235 57.74 40.46 3.00
N LEU B 236 58.69 39.60 3.33
CA LEU B 236 59.30 39.64 4.64
C LEU B 236 60.44 40.61 4.76
N HIS B 237 60.48 41.31 5.90
CA HIS B 237 61.57 42.17 6.33
C HIS B 237 61.93 43.20 5.24
N LYS B 238 60.98 43.65 4.44
CA LYS B 238 61.28 44.57 3.32
C LYS B 238 60.54 45.92 3.38
N PHE B 239 59.72 46.16 4.45
CA PHE B 239 58.85 47.34 4.45
C PHE B 239 59.10 48.19 5.71
N ASP B 240 58.87 49.48 5.54
CA ASP B 240 58.99 50.41 6.65
C ASP B 240 57.75 50.57 7.58
N THR B 241 56.57 50.40 6.99
CA THR B 241 55.30 50.73 7.60
C THR B 241 54.29 49.76 7.08
N PHE B 242 53.40 49.22 7.99
CA PHE B 242 52.22 48.55 7.55
C PHE B 242 50.96 49.08 8.11
N ILE B 243 49.91 48.85 7.42
CA ILE B 243 48.57 49.13 7.95
C ILE B 243 47.63 48.04 7.61
N THR B 244 46.81 47.69 8.60
CA THR B 244 45.82 46.65 8.45
C THR B 244 44.61 46.97 9.33
N ASP B 245 43.42 46.42 9.04
CA ASP B 245 42.21 46.74 9.83
C ASP B 245 41.47 45.43 10.06
N PRO B 246 41.93 44.69 11.04
CA PRO B 246 41.66 43.26 11.01
C PRO B 246 40.37 42.81 11.67
N PRO B 247 40.02 41.49 11.49
CA PRO B 247 39.07 40.88 12.35
C PRO B 247 39.61 40.84 13.77
N GLU B 248 38.76 40.53 14.75
CA GLU B 248 39.21 40.68 16.13
C GLU B 248 39.33 39.44 17.02
N THR B 249 39.43 38.27 16.38
CA THR B 249 39.76 37.09 17.11
C THR B 249 41.24 37.26 17.36
N VAL B 250 41.75 36.54 18.36
CA VAL B 250 43.17 36.74 18.65
C VAL B 250 43.95 36.02 17.47
N GLU B 251 43.42 34.91 16.90
CA GLU B 251 44.06 34.34 15.72
C GLU B 251 44.19 35.32 14.54
N ALA B 252 43.11 36.10 14.28
CA ALA B 252 43.19 37.12 13.21
C ALA B 252 44.17 38.20 13.54
N ILE B 253 44.23 38.63 14.81
CA ILE B 253 45.23 39.58 15.17
C ILE B 253 46.65 39.08 14.77
N ARG B 254 46.96 37.84 15.09
CA ARG B 254 48.15 37.20 14.55
C ARG B 254 48.27 37.20 13.03
N ALA B 255 47.22 36.84 12.38
CA ALA B 255 47.23 36.65 10.92
C ALA B 255 47.39 37.98 10.17
N PHE B 256 46.94 39.08 10.76
CA PHE B 256 46.92 40.34 10.11
C PHE B 256 48.02 41.22 10.71
N VAL B 257 47.92 41.54 12.02
CA VAL B 257 48.85 42.41 12.63
C VAL B 257 50.28 41.78 12.77
N GLY B 258 50.29 40.53 13.19
CA GLY B 258 51.54 39.79 13.40
C GLY B 258 52.26 39.56 12.10
N ARG B 259 51.51 39.33 11.01
CA ARG B 259 52.18 39.19 9.69
C ARG B 259 52.61 40.57 9.22
N GLY B 260 51.81 41.60 9.51
CA GLY B 260 52.32 42.93 9.26
C GLY B 260 53.64 43.25 9.88
N ILE B 261 53.81 42.87 11.16
CA ILE B 261 55.06 43.06 11.81
C ILE B 261 56.19 42.28 11.08
N ALA B 262 55.90 41.09 10.63
CA ALA B 262 56.95 40.28 9.92
C ALA B 262 57.36 40.97 8.53
N THR B 263 56.49 41.82 7.94
CA THR B 263 56.88 42.58 6.72
C THR B 263 57.91 43.65 6.99
N LEU B 264 58.06 44.06 8.28
CA LEU B 264 58.91 45.18 8.67
C LEU B 264 60.41 44.85 8.65
N LYS B 265 61.19 45.82 8.19
CA LYS B 265 62.67 45.66 7.99
C LYS B 265 63.39 45.38 9.27
N GLY B 266 62.98 45.95 10.39
CA GLY B 266 63.76 45.81 11.62
C GLY B 266 63.28 46.91 12.53
N PRO B 267 64.07 47.35 13.49
CA PRO B 267 63.69 48.32 14.51
C PRO B 267 63.43 49.66 13.88
N GLY B 268 62.56 50.41 14.48
CA GLY B 268 62.17 51.71 14.09
C GLY B 268 61.15 51.78 12.95
N CYS B 269 60.46 50.69 12.67
CA CYS B 269 59.38 50.66 11.71
C CYS B 269 58.01 50.69 12.39
N ALA B 270 56.98 51.01 11.61
CA ALA B 270 55.67 51.30 12.21
C ALA B 270 54.54 50.46 11.64
N GLY B 271 53.58 50.23 12.52
CA GLY B 271 52.36 49.51 12.16
C GLY B 271 51.14 50.28 12.70
N TYR B 272 50.05 50.22 11.95
CA TYR B 272 48.75 50.91 12.21
C TYR B 272 47.64 49.91 12.04
N PHE B 273 46.72 49.86 13.04
CA PHE B 273 45.58 49.00 12.92
C PHE B 273 44.44 49.37 13.86
N GLY B 274 43.18 49.07 13.50
CA GLY B 274 42.08 49.40 14.36
C GLY B 274 41.73 48.28 15.33
N ILE B 275 41.23 48.62 16.51
CA ILE B 275 40.77 47.56 17.42
C ILE B 275 39.45 48.16 18.01
N THR B 276 38.33 47.43 18.02
CA THR B 276 37.09 47.98 18.55
C THR B 276 36.83 47.65 19.99
N ARG B 277 35.95 48.38 20.62
CA ARG B 277 35.27 47.96 21.84
C ARG B 277 33.96 47.28 21.58
N ARG B 278 33.55 47.24 20.30
CA ARG B 278 32.32 46.69 19.84
C ARG B 278 32.32 45.13 19.80
N GLU B 279 33.46 44.55 19.43
CA GLU B 279 33.66 43.12 19.22
C GLU B 279 34.81 42.54 20.00
N SER B 280 35.37 43.31 20.93
CA SER B 280 36.48 42.87 21.82
C SER B 280 36.21 43.47 23.20
N SER B 281 36.14 42.63 24.22
CA SER B 281 36.08 43.11 25.60
C SER B 281 37.45 43.67 26.00
N LEU B 282 37.48 44.38 27.09
CA LEU B 282 38.74 44.86 27.61
C LEU B 282 39.61 43.67 28.05
N ASP B 283 38.96 42.54 28.48
CA ASP B 283 39.79 41.37 28.76
C ASP B 283 40.50 40.88 27.52
N LYS B 284 39.80 40.88 26.40
CA LYS B 284 40.48 40.54 25.12
C LYS B 284 41.55 41.60 24.76
N TRP B 285 41.31 42.91 24.99
CA TRP B 285 42.36 43.90 24.72
C TRP B 285 43.60 43.60 25.54
N ARG B 286 43.44 43.17 26.79
CA ARG B 286 44.60 42.81 27.58
C ARG B 286 45.45 41.66 26.95
N GLU B 287 44.75 40.63 26.50
CA GLU B 287 45.35 39.54 25.85
C GLU B 287 46.08 40.04 24.54
N ILE B 288 45.37 40.83 23.69
CA ILE B 288 45.96 41.41 22.50
C ILE B 288 47.20 42.24 22.80
N GLN B 289 47.16 43.05 23.83
CA GLN B 289 48.30 43.86 24.24
C GLN B 289 49.47 43.03 24.70
N ARG B 290 49.19 41.93 25.41
CA ARG B 290 50.17 40.97 25.79
C ARG B 290 50.83 40.27 24.56
N VAL B 291 50.05 39.95 23.54
CA VAL B 291 50.56 39.43 22.26
C VAL B 291 51.57 40.44 21.68
N LEU B 292 51.14 41.72 21.63
CA LEU B 292 51.96 42.75 21.02
C LEU B 292 53.27 42.92 21.76
N LEU B 293 53.15 43.04 23.07
CA LEU B 293 54.29 43.38 23.89
C LEU B 293 55.19 42.15 24.17
N ASN B 294 54.62 40.99 24.30
CA ASN B 294 55.40 39.80 24.75
C ASN B 294 55.65 38.87 23.54
N GLU B 295 54.67 38.53 22.71
CA GLU B 295 54.98 37.60 21.64
C GLU B 295 55.76 38.32 20.53
N PHE B 296 55.29 39.52 20.14
CA PHE B 296 55.94 40.31 19.09
C PHE B 296 56.97 41.32 19.55
N GLY B 297 56.93 41.72 20.81
CA GLY B 297 57.94 42.61 21.33
C GLY B 297 57.89 44.06 20.71
N VAL B 298 56.72 44.54 20.31
CA VAL B 298 56.64 45.90 19.75
C VAL B 298 56.15 46.77 20.91
N VAL B 299 56.21 48.09 20.76
CA VAL B 299 55.68 49.08 21.69
C VAL B 299 54.43 49.68 21.05
N ILE B 300 53.48 50.05 21.88
CA ILE B 300 52.30 50.76 21.46
C ILE B 300 52.54 52.28 21.72
N THR B 301 52.52 53.03 20.58
CA THR B 301 52.88 54.44 20.69
C THR B 301 51.61 55.26 20.82
N ASP B 302 50.51 54.78 20.39
CA ASP B 302 49.27 55.58 20.33
C ASP B 302 48.06 54.63 20.35
N ILE B 303 47.01 55.05 21.11
CA ILE B 303 45.75 54.42 21.07
C ILE B 303 44.67 55.47 21.12
N ILE B 304 43.97 55.62 19.99
CA ILE B 304 43.14 56.85 19.87
C ILE B 304 41.66 56.43 19.63
N ARG B 305 40.85 56.76 20.57
CA ARG B 305 39.46 56.38 20.61
C ARG B 305 38.63 56.80 19.35
N ASN B 306 37.94 55.81 18.78
CA ASN B 306 36.90 56.14 17.70
C ASN B 306 37.57 56.81 16.50
N PHE B 307 38.83 56.57 16.30
CA PHE B 307 39.56 57.15 15.14
C PHE B 307 38.86 56.66 13.84
N ASN B 308 38.51 55.40 13.77
CA ASN B 308 37.95 54.82 12.55
C ASN B 308 36.42 54.79 12.69
N GLU B 309 35.75 55.36 11.71
CA GLU B 309 34.27 55.38 11.59
C GLU B 309 33.82 54.55 10.42
N TYR B 310 33.06 53.49 10.69
CA TYR B 310 32.80 52.48 9.67
C TYR B 310 31.44 52.78 9.06
N VAL B 311 31.35 52.67 7.77
CA VAL B 311 30.08 52.87 7.08
C VAL B 311 29.16 51.66 7.28
N ASN B 312 27.93 51.84 7.74
CA ASN B 312 26.97 50.74 7.93
C ASN B 312 26.92 49.88 6.68
N TRP B 313 27.01 48.59 6.89
CA TRP B 313 27.15 47.52 5.87
C TRP B 313 25.74 46.94 5.52
N GLY B 314 25.58 46.56 4.28
CA GLY B 314 24.26 46.02 3.77
C GLY B 314 23.78 44.68 4.32
N TYR B 315 24.71 43.89 4.76
CA TYR B 315 24.41 42.54 5.18
C TYR B 315 24.02 42.39 6.72
N VAL B 316 23.74 43.53 7.37
CA VAL B 316 23.48 43.64 8.80
C VAL B 316 22.41 42.58 9.25
N GLU B 317 21.29 42.52 8.50
CA GLU B 317 20.18 41.58 8.90
C GLU B 317 20.54 40.10 8.86
N GLU B 318 21.61 39.69 8.19
CA GLU B 318 22.12 38.32 8.15
C GLU B 318 23.21 38.02 9.22
N THR B 319 23.39 38.94 10.19
CA THR B 319 24.47 38.71 11.19
C THR B 319 23.93 38.35 12.56
N ARG B 320 24.82 37.78 13.34
CA ARG B 320 24.60 37.50 14.74
C ARG B 320 24.04 38.69 15.46
N ALA B 321 24.61 39.87 15.25
CA ALA B 321 24.16 40.98 15.98
C ALA B 321 22.64 41.18 15.81
N TRP B 322 22.14 41.13 14.54
CA TRP B 322 20.72 41.23 14.31
C TRP B 322 19.91 40.19 15.05
N ARG B 323 20.42 38.96 15.07
CA ARG B 323 19.70 37.87 15.75
C ARG B 323 19.65 38.11 17.25
N LEU B 324 20.71 38.74 17.82
CA LEU B 324 20.76 38.88 19.31
C LEU B 324 19.96 39.99 19.77
N LEU B 325 19.80 41.01 18.97
CA LEU B 325 19.22 42.26 19.51
C LEU B 325 17.74 42.12 19.86
N PRO B 326 17.35 42.75 20.94
CA PRO B 326 15.92 42.51 21.34
C PRO B 326 15.02 43.45 20.58
N ILE B 327 15.56 44.47 19.88
CA ILE B 327 14.72 45.39 19.10
C ILE B 327 15.53 45.40 17.80
N LYS B 328 14.88 45.19 16.67
CA LYS B 328 15.58 44.89 15.43
C LYS B 328 15.23 45.95 14.41
N VAL B 329 16.01 47.01 14.38
CA VAL B 329 15.75 48.14 13.49
C VAL B 329 17.14 48.49 12.95
N LYS B 330 17.25 48.79 11.69
CA LYS B 330 18.61 49.09 11.14
C LYS B 330 19.19 50.26 11.77
N PRO B 331 20.49 50.24 11.99
CA PRO B 331 21.05 51.49 12.55
C PRO B 331 20.82 52.78 11.73
N SER B 332 20.72 53.91 12.40
CA SER B 332 20.36 55.17 11.77
C SER B 332 21.59 56.06 11.64
N TYR B 333 22.75 55.60 12.13
CA TYR B 333 23.96 56.37 12.05
C TYR B 333 25.13 55.35 12.14
N ASN B 334 26.34 55.83 11.96
CA ASN B 334 27.48 54.94 11.92
C ASN B 334 27.94 54.68 13.41
N TRP B 335 27.24 53.70 14.00
CA TRP B 335 27.42 53.29 15.37
C TRP B 335 28.76 52.55 15.61
N TYR B 336 29.33 51.93 14.55
CA TYR B 336 30.47 51.12 14.69
C TYR B 336 31.76 51.91 14.43
N LYS B 337 32.64 52.01 15.47
CA LYS B 337 33.86 52.76 15.38
C LYS B 337 34.96 51.82 16.00
N SER B 338 36.17 52.14 15.68
CA SER B 338 37.35 51.55 16.27
C SER B 338 38.39 52.47 16.71
N TYR B 339 39.22 52.07 17.67
CA TYR B 339 40.38 52.84 18.11
C TYR B 339 41.49 52.64 17.10
N MET B 340 42.30 53.65 16.78
CA MET B 340 43.56 53.38 15.99
C MET B 340 44.67 53.13 16.99
N PHE B 341 45.31 52.04 16.80
CA PHE B 341 46.59 51.73 17.38
C PHE B 341 47.73 52.05 16.45
N ARG B 342 48.81 52.57 17.02
CA ARG B 342 50.11 52.62 16.32
C ARG B 342 51.10 51.87 17.12
N ILE B 343 51.86 51.00 16.47
CA ILE B 343 52.99 50.37 17.09
C ILE B 343 54.30 50.67 16.44
N GLN B 344 55.40 50.38 17.13
CA GLN B 344 56.69 50.62 16.60
C GLN B 344 57.62 49.44 17.00
N THR B 345 58.44 48.97 16.01
CA THR B 345 59.39 47.96 16.34
C THR B 345 60.61 48.55 17.07
N LEU B 346 61.26 47.67 17.82
CA LEU B 346 62.45 47.94 18.64
C LEU B 346 63.40 46.74 18.48
N GLU B 347 64.59 46.83 19.06
CA GLU B 347 65.57 45.68 19.16
C GLU B 347 64.80 44.46 19.67
N GLY B 348 64.88 43.33 18.96
CA GLY B 348 64.15 42.11 19.33
C GLY B 348 62.69 41.87 18.83
N SER B 349 62.03 42.87 18.26
CA SER B 349 60.71 42.66 17.85
C SER B 349 60.63 41.53 16.86
N LYS B 350 59.56 40.80 16.87
CA LYS B 350 59.36 39.91 15.72
C LYS B 350 57.91 39.70 15.34
N GLY B 351 57.69 39.20 14.16
CA GLY B 351 56.38 39.06 13.58
C GLY B 351 55.90 37.64 13.67
N PHE B 352 54.82 37.35 12.98
CA PHE B 352 54.19 36.06 13.03
C PHE B 352 54.31 35.40 11.65
N GLU B 353 54.80 34.18 11.66
CA GLU B 353 55.09 33.46 10.40
C GLU B 353 54.47 31.99 10.29
N ASP B 354 53.61 31.63 11.21
CA ASP B 354 53.01 30.29 11.21
C ASP B 354 51.75 30.22 10.39
N GLU B 355 51.34 29.03 10.06
CA GLU B 355 50.06 28.81 9.38
C GLU B 355 48.94 28.77 10.38
N ILE B 356 47.75 29.27 10.05
CA ILE B 356 46.59 29.28 10.98
C ILE B 356 45.58 28.34 10.28
N THR B 357 45.04 27.34 10.97
CA THR B 357 44.11 26.42 10.30
C THR B 357 42.71 26.64 10.93
N VAL B 358 41.91 27.57 10.49
CA VAL B 358 40.59 27.90 11.07
C VAL B 358 39.81 28.25 9.82
N GLY B 359 38.54 28.09 9.88
CA GLY B 359 37.63 28.45 8.80
C GLY B 359 36.96 29.80 9.23
N GLN B 360 35.69 29.75 9.46
CA GLN B 360 34.91 30.95 9.76
C GLN B 360 35.33 31.54 11.13
N GLU B 361 35.94 30.71 11.97
CA GLU B 361 36.48 31.19 13.30
C GLU B 361 37.69 32.13 13.17
N LEU B 362 38.20 32.34 11.98
CA LEU B 362 39.04 33.53 11.87
C LEU B 362 38.32 34.82 12.25
N TYR B 363 37.04 34.91 11.91
CA TYR B 363 36.24 36.09 12.14
C TYR B 363 35.40 35.98 13.40
N ASP B 364 35.04 34.78 13.80
CA ASP B 364 33.85 34.59 14.72
C ASP B 364 34.44 34.07 16.03
N ASP B 365 34.23 34.76 17.16
CA ASP B 365 34.47 34.27 18.50
C ASP B 365 33.29 34.69 19.40
N GLU B 366 33.39 34.46 20.67
CA GLU B 366 32.23 34.74 21.53
C GLU B 366 31.84 36.27 21.62
N GLU B 367 32.82 37.12 21.40
CA GLU B 367 32.55 38.55 21.51
C GLU B 367 32.20 39.20 20.19
N SER B 368 32.41 38.50 19.07
CA SER B 368 32.08 39.10 17.76
C SER B 368 30.60 38.96 17.45
N SER B 369 30.06 39.82 16.61
CA SER B 369 28.68 39.75 16.18
C SER B 369 28.37 40.30 14.80
N THR B 370 29.35 40.86 14.10
CA THR B 370 29.01 41.52 12.86
C THR B 370 29.29 40.71 11.60
N THR B 371 29.30 39.42 11.77
CA THR B 371 29.03 38.41 10.67
C THR B 371 27.97 37.39 11.13
N SER C 19 -3.99 -14.67 -17.85
CA SER C 19 -2.59 -14.81 -17.38
C SER C 19 -2.57 -14.30 -15.89
N HIS C 20 -2.05 -15.17 -15.02
CA HIS C 20 -2.07 -14.97 -13.59
C HIS C 20 -1.18 -13.73 -13.34
N MET C 21 0.00 -13.68 -14.01
CA MET C 21 0.92 -12.50 -13.81
C MET C 21 0.31 -11.16 -14.17
N ARG C 22 -0.29 -11.05 -15.33
CA ARG C 22 -0.95 -9.77 -15.71
C ARG C 22 -2.02 -9.34 -14.72
N GLU C 23 -2.77 -10.36 -14.24
CA GLU C 23 -3.82 -10.11 -13.23
C GLU C 23 -3.28 -9.46 -11.94
N ILE C 24 -2.18 -10.01 -11.42
CA ILE C 24 -1.54 -9.45 -10.22
C ILE C 24 -1.11 -7.98 -10.46
N ILE C 25 -0.45 -7.76 -11.58
CA ILE C 25 0.06 -6.43 -11.96
C ILE C 25 -0.99 -5.40 -12.05
N GLU C 26 -2.03 -5.69 -12.79
CA GLU C 26 -3.24 -4.86 -12.82
C GLU C 26 -3.82 -4.57 -11.46
N ARG C 27 -3.80 -5.53 -10.56
CA ARG C 27 -4.41 -5.29 -9.23
C ARG C 27 -3.51 -4.37 -8.43
N VAL C 28 -2.20 -4.60 -8.53
CA VAL C 28 -1.26 -3.75 -7.82
C VAL C 28 -1.43 -2.26 -8.30
N LYS C 29 -1.57 -2.03 -9.61
CA LYS C 29 -1.82 -0.67 -10.15
C LYS C 29 -3.03 0.00 -9.61
N GLU C 30 -4.03 -0.77 -9.15
CA GLU C 30 -5.19 -0.13 -8.48
C GLU C 30 -4.85 0.31 -7.12
N LYS C 31 -3.78 -0.19 -6.53
CA LYS C 31 -3.42 0.15 -5.11
C LYS C 31 -2.39 1.25 -5.00
N THR C 32 -1.57 1.50 -6.03
CA THR C 32 -0.47 2.45 -5.88
C THR C 32 -0.19 3.17 -7.18
N THR C 33 0.41 4.36 -7.09
CA THR C 33 0.96 5.06 -8.29
C THR C 33 2.41 4.73 -8.49
N ILE C 34 3.05 3.99 -7.59
CA ILE C 34 4.45 3.61 -7.75
C ILE C 34 4.57 2.63 -8.94
N PRO C 35 5.52 2.83 -9.85
CA PRO C 35 5.58 1.89 -10.95
C PRO C 35 5.61 0.42 -10.62
N VAL C 36 4.95 -0.40 -11.43
CA VAL C 36 4.88 -1.83 -11.14
C VAL C 36 5.25 -2.57 -12.40
N TYR C 37 6.12 -3.55 -12.25
CA TYR C 37 6.46 -4.40 -13.39
C TYR C 37 6.33 -5.85 -13.06
N GLU C 38 6.44 -6.74 -14.02
CA GLU C 38 6.58 -8.13 -13.68
C GLU C 38 7.79 -8.49 -12.71
N ARG C 39 8.92 -7.80 -12.92
CA ARG C 39 10.02 -7.94 -12.04
C ARG C 39 9.70 -7.61 -10.58
N THR C 40 8.88 -6.59 -10.36
CA THR C 40 8.43 -6.25 -9.03
C THR C 40 7.84 -7.47 -8.32
N ILE C 41 7.00 -8.17 -9.07
CA ILE C 41 6.25 -9.33 -8.54
C ILE C 41 7.20 -10.46 -8.23
N GLU C 42 8.15 -10.69 -9.16
CA GLU C 42 9.17 -11.69 -8.89
C GLU C 42 9.99 -11.40 -7.73
N ASN C 43 10.39 -10.14 -7.58
CA ASN C 43 11.16 -9.81 -6.39
C ASN C 43 10.47 -10.14 -5.07
N VAL C 44 9.20 -9.85 -5.00
CA VAL C 44 8.47 -9.98 -3.79
C VAL C 44 8.20 -11.52 -3.55
N LEU C 45 7.86 -12.20 -4.62
CA LEU C 45 7.54 -13.65 -4.52
C LEU C 45 8.80 -14.44 -4.19
N SER C 46 9.93 -14.03 -4.81
CA SER C 46 11.20 -14.67 -4.39
C SER C 46 11.51 -14.41 -2.91
N ALA C 47 11.26 -13.19 -2.40
CA ALA C 47 11.55 -12.91 -1.00
C ALA C 47 10.68 -13.72 -0.01
N ILE C 48 9.38 -13.74 -0.32
CA ILE C 48 8.37 -14.55 0.44
C ILE C 48 8.85 -15.96 0.58
N GLN C 49 9.49 -16.55 -0.42
CA GLN C 49 9.98 -17.93 -0.28
C GLN C 49 11.21 -18.04 0.56
N ALA C 50 11.85 -16.98 0.92
CA ALA C 50 12.96 -17.04 1.84
C ALA C 50 12.51 -16.68 3.21
N SER C 51 11.46 -15.85 3.39
CA SER C 51 11.11 -15.39 4.71
C SER C 51 9.62 -15.00 4.74
N GLY C 52 8.97 -15.28 5.83
CA GLY C 52 7.64 -14.73 6.09
C GLY C 52 7.51 -13.44 6.87
N ASP C 53 8.65 -12.90 7.27
CA ASP C 53 8.77 -11.66 8.03
C ASP C 53 8.62 -10.49 7.05
N VAL C 54 7.60 -9.67 7.29
CA VAL C 54 7.30 -8.56 6.39
C VAL C 54 8.52 -7.61 6.19
N TRP C 55 9.29 -7.44 7.25
CA TRP C 55 10.45 -6.56 7.19
C TRP C 55 11.49 -7.18 6.24
N ARG C 56 11.68 -8.48 6.39
CA ARG C 56 12.69 -9.24 5.63
C ARG C 56 12.32 -9.33 4.20
N ILE C 57 11.02 -9.43 3.97
CA ILE C 57 10.48 -9.42 2.60
C ILE C 57 10.80 -8.08 1.89
N VAL C 58 10.55 -6.98 2.57
CA VAL C 58 10.94 -5.68 2.01
C VAL C 58 12.48 -5.60 1.70
N ASP C 59 13.30 -6.04 2.65
CA ASP C 59 14.76 -6.10 2.58
C ASP C 59 15.20 -6.93 1.40
N LEU C 60 14.77 -8.20 1.36
CA LEU C 60 15.19 -9.12 0.28
C LEU C 60 14.65 -8.76 -1.12
N SER C 61 13.46 -8.17 -1.21
CA SER C 61 12.89 -7.90 -2.54
C SER C 61 13.58 -6.66 -3.15
N GLU C 62 14.18 -5.82 -2.31
CA GLU C 62 14.77 -4.56 -2.73
C GLU C 62 13.75 -3.71 -3.46
N GLU C 63 12.50 -3.82 -3.02
CA GLU C 63 11.43 -2.91 -3.48
C GLU C 63 10.96 -1.93 -2.41
N PRO C 64 10.48 -0.77 -2.79
CA PRO C 64 10.06 0.09 -1.66
C PRO C 64 8.91 -0.41 -0.85
N LEU C 65 8.89 -0.03 0.43
CA LEU C 65 7.90 -0.59 1.33
C LEU C 65 6.46 -0.45 0.83
N PRO C 66 6.02 0.76 0.44
CA PRO C 66 4.60 0.79 0.07
C PRO C 66 4.27 -0.08 -1.07
N LEU C 67 5.24 -0.30 -1.97
CA LEU C 67 5.02 -1.12 -3.17
C LEU C 67 4.97 -2.59 -2.79
N VAL C 68 5.84 -3.01 -1.87
CA VAL C 68 5.81 -4.33 -1.32
C VAL C 68 4.45 -4.59 -0.63
N VAL C 69 3.91 -3.57 0.10
CA VAL C 69 2.65 -3.71 0.78
C VAL C 69 1.57 -3.90 -0.26
N ALA C 70 1.60 -3.14 -1.36
CA ALA C 70 0.59 -3.30 -2.40
C ALA C 70 0.64 -4.67 -3.11
N VAL C 71 1.84 -5.15 -3.29
CA VAL C 71 2.04 -6.50 -3.93
C VAL C 71 1.55 -7.56 -3.00
N VAL C 72 1.89 -7.46 -1.71
CA VAL C 72 1.48 -8.45 -0.75
C VAL C 72 -0.07 -8.47 -0.61
N THR C 73 -0.71 -7.32 -0.55
CA THR C 73 -2.13 -7.21 -0.57
C THR C 73 -2.84 -7.77 -1.84
N ALA C 74 -2.26 -7.49 -2.99
CA ALA C 74 -2.78 -8.04 -4.24
C ALA C 74 -2.68 -9.53 -4.22
N LEU C 75 -1.49 -10.07 -3.84
CA LEU C 75 -1.30 -11.51 -3.78
C LEU C 75 -2.30 -12.21 -2.72
N TYR C 76 -2.56 -11.51 -1.65
CA TYR C 76 -3.49 -12.05 -0.63
C TYR C 76 -4.90 -12.13 -1.31
N GLU C 77 -5.31 -11.01 -1.88
CA GLU C 77 -6.61 -10.93 -2.47
C GLU C 77 -6.91 -11.95 -3.51
N LEU C 78 -5.90 -12.29 -4.31
CA LEU C 78 -6.05 -13.19 -5.41
C LEU C 78 -5.82 -14.65 -4.99
N GLY C 79 -5.37 -14.94 -3.78
CA GLY C 79 -5.35 -16.28 -3.21
C GLY C 79 -3.96 -16.92 -3.18
N TYR C 80 -2.91 -16.13 -3.46
CA TYR C 80 -1.55 -16.65 -3.58
C TYR C 80 -0.81 -16.65 -2.23
N VAL C 81 -1.21 -15.80 -1.31
CA VAL C 81 -0.56 -15.75 -0.02
C VAL C 81 -1.66 -15.67 1.05
N ALA C 82 -1.28 -16.07 2.26
CA ALA C 82 -2.12 -16.05 3.46
C ALA C 82 -1.21 -15.52 4.57
N PHE C 83 -1.82 -14.92 5.61
CA PHE C 83 -1.10 -14.50 6.81
C PHE C 83 -1.30 -15.51 7.89
N GLU C 84 -0.23 -16.14 8.36
CA GLU C 84 -0.43 -17.28 9.27
C GLU C 84 0.51 -17.04 10.41
N ASN C 85 -0.07 -16.72 11.56
CA ASN C 85 0.64 -16.39 12.78
C ASN C 85 1.84 -15.40 12.60
N ASN C 86 1.41 -14.22 12.16
CA ASN C 86 2.28 -13.09 11.86
C ASN C 86 3.38 -13.36 10.82
N GLN C 87 3.19 -14.38 10.01
CA GLN C 87 4.13 -14.73 8.93
C GLN C 87 3.39 -14.62 7.57
N VAL C 88 3.97 -14.01 6.54
CA VAL C 88 3.43 -14.05 5.17
C VAL C 88 3.88 -15.32 4.45
N ILE C 89 2.93 -16.13 3.99
CA ILE C 89 3.27 -17.43 3.41
C ILE C 89 2.52 -17.64 2.14
N LEU C 90 3.08 -18.43 1.26
CA LEU C 90 2.42 -18.76 0.03
C LEU C 90 1.34 -19.81 0.33
N THR C 91 0.19 -19.67 -0.29
CA THR C 91 -0.86 -20.73 -0.33
C THR C 91 -0.41 -21.82 -1.29
N ARG C 92 -1.21 -22.88 -1.36
CA ARG C 92 -1.02 -23.93 -2.28
C ARG C 92 -1.06 -23.35 -3.66
N LYS C 93 -1.98 -22.44 -3.90
CA LYS C 93 -2.06 -21.81 -5.26
C LYS C 93 -0.84 -20.90 -5.51
N GLY C 94 -0.37 -20.27 -4.46
CA GLY C 94 0.82 -19.43 -4.62
C GLY C 94 2.04 -20.28 -4.94
N LYS C 95 2.13 -21.47 -4.33
CA LYS C 95 3.18 -22.41 -4.75
C LYS C 95 3.11 -22.79 -6.18
N GLU C 96 1.89 -22.96 -6.68
CA GLU C 96 1.71 -23.29 -8.14
C GLU C 96 2.15 -22.17 -8.96
N LEU C 97 1.85 -20.94 -8.51
CA LEU C 97 2.19 -19.76 -9.23
C LEU C 97 3.70 -19.65 -9.41
N VAL C 98 4.43 -19.81 -8.31
CA VAL C 98 5.92 -19.63 -8.39
C VAL C 98 6.60 -20.77 -9.15
N GLU C 99 5.99 -21.96 -9.05
CA GLU C 99 6.49 -23.13 -9.78
C GLU C 99 6.26 -22.94 -11.26
N LYS C 100 5.09 -22.45 -11.63
CA LYS C 100 4.77 -22.19 -13.03
C LYS C 100 5.69 -21.17 -13.71
N TYR C 101 5.95 -20.06 -12.99
CA TYR C 101 6.76 -18.96 -13.54
C TYR C 101 8.24 -19.14 -13.27
N GLY C 102 8.66 -20.24 -12.55
CA GLY C 102 10.07 -20.54 -12.32
C GLY C 102 10.71 -19.52 -11.37
N ILE C 103 9.99 -19.10 -10.33
CA ILE C 103 10.47 -18.10 -9.37
C ILE C 103 10.91 -18.84 -8.13
N GLY C 104 12.21 -18.82 -7.87
CA GLY C 104 12.85 -19.43 -6.68
C GLY C 104 13.23 -18.37 -5.64
N PRO C 105 13.55 -18.80 -4.43
CA PRO C 105 14.16 -17.90 -3.51
C PRO C 105 15.52 -17.41 -4.10
N ARG C 106 16.01 -16.24 -3.71
CA ARG C 106 17.30 -15.74 -4.23
C ARG C 106 18.45 -16.31 -3.47
N ALA C 107 19.48 -16.72 -4.14
CA ALA C 107 20.69 -17.17 -3.48
C ALA C 107 21.43 -15.94 -3.01
N ASP C 108 22.19 -16.07 -1.94
CA ASP C 108 23.00 -14.96 -1.42
C ASP C 108 24.44 -15.42 -1.32
N TYR C 109 25.33 -14.68 -1.97
CA TYR C 109 26.73 -15.00 -1.97
C TYR C 109 27.57 -13.82 -1.42
N THR C 110 26.89 -12.94 -0.70
CA THR C 110 27.46 -11.77 -0.03
C THR C 110 28.64 -12.22 0.79
N CYS C 111 29.78 -11.58 0.55
CA CYS C 111 31.02 -11.88 1.28
C CYS C 111 30.76 -11.76 2.80
N SER C 112 31.03 -12.84 3.52
CA SER C 112 30.74 -12.92 4.96
C SER C 112 31.80 -12.16 5.77
N HIS C 113 32.98 -11.83 5.17
CA HIS C 113 34.00 -11.01 5.84
C HIS C 113 33.76 -9.53 5.76
N CYS C 114 33.37 -9.04 4.60
CA CYS C 114 33.19 -7.57 4.47
C CYS C 114 31.74 -7.15 4.57
N GLN C 115 30.83 -8.11 4.75
CA GLN C 115 29.41 -7.83 4.72
C GLN C 115 29.01 -7.21 3.42
N GLY C 116 29.80 -7.47 2.38
CA GLY C 116 29.53 -6.83 1.07
C GLY C 116 30.02 -5.42 0.93
N ARG C 117 30.72 -4.91 1.97
CA ARG C 117 31.11 -3.54 1.90
C ARG C 117 32.30 -3.26 0.88
N THR C 118 33.07 -4.28 0.55
CA THR C 118 34.32 -4.27 -0.34
C THR C 118 35.57 -3.85 0.49
N VAL C 119 35.35 -3.28 1.69
CA VAL C 119 36.38 -2.88 2.64
C VAL C 119 36.31 -3.64 3.92
N GLU C 120 37.46 -4.03 4.40
CA GLU C 120 37.57 -4.51 5.77
C GLU C 120 38.12 -3.46 6.80
N ILE C 121 37.67 -3.61 8.03
CA ILE C 121 37.91 -2.63 9.06
C ILE C 121 38.81 -3.15 10.24
N ASP C 122 39.41 -4.32 10.04
CA ASP C 122 40.41 -4.92 10.94
C ASP C 122 41.47 -3.93 11.42
N ALA C 123 42.09 -3.20 10.49
CA ALA C 123 43.05 -2.15 10.83
C ALA C 123 42.49 -1.00 11.67
N PHE C 124 41.16 -0.87 11.79
CA PHE C 124 40.51 0.21 12.52
C PHE C 124 39.87 -0.28 13.85
N SER C 125 40.36 -1.35 14.40
CA SER C 125 39.71 -1.94 15.56
C SER C 125 39.76 -1.02 16.79
N GLU C 126 40.85 -0.27 16.93
CA GLU C 126 41.02 0.70 17.98
C GLU C 126 40.07 1.89 17.82
N LEU C 127 40.00 2.41 16.61
CA LEU C 127 38.99 3.43 16.29
C LEU C 127 37.55 2.94 16.58
N LEU C 128 37.24 1.71 16.23
CA LEU C 128 35.95 1.19 16.48
C LEU C 128 35.68 1.29 18.01
N GLU C 129 36.61 0.75 18.81
CA GLU C 129 36.42 0.74 20.29
C GLU C 129 36.20 2.14 20.82
N GLN C 130 37.01 3.08 20.40
CA GLN C 130 36.90 4.50 20.84
C GLN C 130 35.61 5.13 20.41
N PHE C 131 35.18 4.82 19.19
CA PHE C 131 33.96 5.37 18.69
C PHE C 131 32.75 4.87 19.52
N LYS C 132 32.70 3.57 19.76
CA LYS C 132 31.64 2.99 20.58
C LYS C 132 31.55 3.61 21.95
N GLU C 133 32.72 3.84 22.55
CA GLU C 133 32.78 4.43 23.92
C GLU C 133 32.15 5.78 23.93
N ILE C 134 32.63 6.61 23.02
CA ILE C 134 32.31 7.98 23.08
C ILE C 134 30.88 8.21 22.64
N THR C 135 30.30 7.26 21.95
CA THR C 135 28.92 7.44 21.40
C THR C 135 27.93 6.57 22.20
N ARG C 136 28.38 5.99 23.31
CA ARG C 136 27.47 5.11 24.13
C ARG C 136 26.21 5.93 24.58
N ASP C 137 26.29 7.22 24.73
CA ASP C 137 25.11 8.06 25.06
C ASP C 137 24.69 9.05 23.95
N ARG C 138 24.80 8.65 22.68
CA ARG C 138 24.44 9.50 21.56
C ARG C 138 23.00 9.82 21.57
N PRO C 139 22.61 10.93 20.97
CA PRO C 139 21.21 11.33 20.94
C PRO C 139 20.36 10.31 20.18
N GLU C 140 19.22 10.00 20.72
CA GLU C 140 18.36 8.97 20.15
C GLU C 140 17.59 9.60 18.94
N PRO C 141 17.22 8.76 17.95
CA PRO C 141 16.78 9.35 16.68
C PRO C 141 15.46 10.09 16.87
N ALA C 142 15.40 11.27 16.34
CA ALA C 142 14.25 12.14 16.42
C ALA C 142 13.41 11.85 15.16
N HIS C 143 12.19 11.42 15.38
CA HIS C 143 11.18 11.26 14.34
C HIS C 143 11.04 12.55 13.43
N GLN C 144 11.00 13.70 13.98
CA GLN C 144 10.74 14.90 13.19
C GLN C 144 11.91 15.22 12.19
N PHE C 145 13.12 14.62 12.37
CA PHE C 145 14.20 14.97 11.50
C PHE C 145 14.59 13.74 10.67
N ASP C 146 13.70 12.73 10.61
CA ASP C 146 13.92 11.54 9.79
C ASP C 146 15.19 10.76 10.17
N GLN C 147 15.59 10.77 11.44
CA GLN C 147 16.81 10.18 11.92
C GLN C 147 16.80 8.68 12.09
N ALA C 148 17.99 8.16 11.90
CA ALA C 148 18.31 6.81 12.19
C ALA C 148 19.77 6.61 11.93
N TYR C 149 20.55 6.33 12.97
CA TYR C 149 21.98 6.24 12.82
C TYR C 149 22.42 4.82 12.43
N VAL C 150 23.51 4.69 11.64
CA VAL C 150 24.03 3.48 11.22
C VAL C 150 24.81 2.84 12.35
N THR C 151 25.03 1.55 12.19
CA THR C 151 25.87 0.79 13.14
C THR C 151 27.28 1.36 13.26
N PRO C 152 27.91 1.17 14.41
CA PRO C 152 29.25 1.68 14.50
C PRO C 152 30.18 1.13 13.44
N GLU C 153 29.97 -0.14 13.09
CA GLU C 153 30.84 -0.81 12.12
C GLU C 153 30.66 -0.13 10.76
N THR C 154 29.42 0.27 10.46
CA THR C 154 29.14 1.07 9.25
C THR C 154 29.94 2.37 9.27
N THR C 155 29.84 3.12 10.36
CA THR C 155 30.54 4.38 10.44
C THR C 155 32.00 4.23 10.21
N VAL C 156 32.59 3.21 10.85
CA VAL C 156 33.98 2.89 10.63
C VAL C 156 34.34 2.44 9.20
N ALA C 157 33.52 1.60 8.60
CA ALA C 157 33.68 1.24 7.19
C ALA C 157 33.65 2.43 6.28
N ARG C 158 32.88 3.44 6.66
CA ARG C 158 32.73 4.58 5.87
C ARG C 158 34.07 5.33 5.81
N VAL C 159 34.70 5.42 6.96
CA VAL C 159 36.00 6.06 7.06
C VAL C 159 37.01 5.26 6.20
N ALA C 160 37.00 3.95 6.38
CA ALA C 160 37.93 3.15 5.63
C ALA C 160 37.75 3.34 4.14
N LEU C 161 36.49 3.33 3.69
CA LEU C 161 36.21 3.53 2.27
C LEU C 161 36.71 4.91 1.78
N MET C 162 36.39 5.98 2.51
CA MET C 162 36.80 7.32 2.17
C MET C 162 38.33 7.47 2.15
N HIS C 163 38.96 6.89 3.14
CA HIS C 163 40.37 6.96 3.22
C HIS C 163 41.08 6.14 2.05
N SER C 164 40.52 5.02 1.71
CA SER C 164 41.09 4.16 0.62
C SER C 164 40.96 4.84 -0.73
N ARG C 165 40.02 5.80 -0.86
CA ARG C 165 39.95 6.62 -2.01
C ARG C 165 40.71 7.90 -2.00
N GLY C 166 41.52 8.17 -0.96
CA GLY C 166 42.36 9.33 -0.92
C GLY C 166 41.52 10.55 -0.55
N ASP C 167 40.34 10.38 0.11
CA ASP C 167 39.51 11.52 0.35
C ASP C 167 39.46 12.11 1.77
N LEU C 168 40.30 11.66 2.70
CA LEU C 168 40.32 12.17 4.05
C LEU C 168 41.65 12.77 4.54
N GLU C 169 42.77 12.13 4.21
CA GLU C 169 44.04 12.56 4.74
C GLU C 169 44.48 13.94 4.27
N ASN C 170 44.58 14.87 5.25
CA ASN C 170 44.87 16.23 5.02
C ASN C 170 43.79 16.95 4.19
N LYS C 171 42.59 16.45 4.15
CA LYS C 171 41.56 17.07 3.36
C LYS C 171 40.63 17.82 4.34
N GLU C 172 39.90 18.72 3.71
CA GLU C 172 38.92 19.55 4.37
C GLU C 172 37.57 18.94 4.09
N VAL C 173 36.90 18.42 5.14
CA VAL C 173 35.77 17.47 5.00
C VAL C 173 34.52 18.10 5.58
N PHE C 174 33.49 18.15 4.78
CA PHE C 174 32.19 18.66 5.19
C PHE C 174 31.23 17.56 5.43
N VAL C 175 30.49 17.60 6.60
CA VAL C 175 29.50 16.64 6.93
C VAL C 175 28.16 17.29 7.02
N LEU C 176 27.23 16.92 6.13
CA LEU C 176 25.92 17.56 6.02
C LEU C 176 24.91 16.67 6.70
N GLY C 177 24.59 17.02 7.96
CA GLY C 177 23.68 16.18 8.80
C GLY C 177 24.53 15.12 9.44
N ASP C 178 24.40 14.84 10.70
CA ASP C 178 25.31 13.86 11.31
C ASP C 178 24.81 13.03 12.47
N ASP C 179 23.58 12.54 12.34
CA ASP C 179 23.06 11.54 13.36
C ASP C 179 23.96 10.33 13.47
N ASP C 180 24.64 10.04 12.33
CA ASP C 180 25.62 8.94 12.24
C ASP C 180 26.86 9.18 12.93
N LEU C 181 27.11 10.43 13.31
CA LEU C 181 28.37 10.79 14.02
C LEU C 181 29.67 10.44 13.27
N THR C 182 29.61 10.49 11.95
CA THR C 182 30.80 10.33 11.11
C THR C 182 31.87 11.32 11.46
N SER C 183 31.45 12.56 11.83
CA SER C 183 32.38 13.59 12.29
C SER C 183 33.24 13.16 13.47
N VAL C 184 32.64 12.38 14.33
CA VAL C 184 33.29 11.91 15.55
C VAL C 184 34.29 10.82 15.17
N ALA C 185 33.88 9.90 14.27
CA ALA C 185 34.85 8.95 13.71
C ALA C 185 36.01 9.61 12.99
N LEU C 186 35.66 10.64 12.26
CA LEU C 186 36.73 11.41 11.55
C LEU C 186 37.71 12.06 12.58
N MET C 187 37.18 12.68 13.64
CA MET C 187 38.08 13.33 14.55
C MET C 187 38.98 12.25 15.19
N LEU C 188 38.40 11.11 15.57
CA LEU C 188 39.15 10.03 16.19
C LEU C 188 40.22 9.56 15.21
N SER C 189 39.92 9.58 13.93
CA SER C 189 40.91 9.08 12.93
C SER C 189 42.17 9.90 12.89
N GLY C 190 42.07 11.19 13.20
CA GLY C 190 43.11 12.19 13.04
C GLY C 190 43.49 12.40 11.55
N LEU C 191 42.70 11.93 10.57
CA LEU C 191 43.03 12.12 9.15
C LEU C 191 42.84 13.52 8.50
N PRO C 192 41.66 14.15 8.71
CA PRO C 192 41.38 15.40 8.07
C PRO C 192 42.30 16.55 8.47
N LYS C 193 42.44 17.49 7.56
CA LYS C 193 43.01 18.74 7.88
C LYS C 193 42.02 19.55 8.76
N ARG C 194 40.77 19.60 8.37
CA ARG C 194 39.75 20.16 9.20
C ARG C 194 38.41 19.61 8.80
N ILE C 195 37.43 19.78 9.68
CA ILE C 195 36.09 19.29 9.50
C ILE C 195 35.05 20.39 9.69
N ALA C 196 34.02 20.39 8.88
CA ALA C 196 32.88 21.29 9.10
C ALA C 196 31.65 20.38 9.18
N VAL C 197 30.72 20.64 10.10
CA VAL C 197 29.53 19.81 10.26
C VAL C 197 28.37 20.72 10.57
N LEU C 198 27.22 20.40 9.98
CA LEU C 198 25.97 21.02 10.27
C LEU C 198 24.93 19.99 10.52
N ASP C 199 23.90 20.38 11.31
CA ASP C 199 22.72 19.60 11.44
C ASP C 199 21.60 20.47 11.98
N ILE C 200 20.39 20.12 11.65
CA ILE C 200 19.21 20.89 12.14
C ILE C 200 18.96 20.66 13.61
N ASP C 201 19.44 19.52 14.13
CA ASP C 201 19.17 19.07 15.50
C ASP C 201 20.28 19.51 16.42
N GLU C 202 19.95 20.53 17.25
CA GLU C 202 20.81 20.98 18.25
C GLU C 202 21.38 19.94 19.11
N ARG C 203 20.67 18.89 19.40
CA ARG C 203 21.22 17.87 20.29
C ARG C 203 22.50 17.31 19.66
N LEU C 204 22.51 17.19 18.33
CA LEU C 204 23.66 16.59 17.65
C LEU C 204 24.88 17.51 17.53
N THR C 205 24.64 18.78 17.27
CA THR C 205 25.78 19.71 17.18
C THR C 205 26.38 19.89 18.57
N LYS C 206 25.51 19.87 19.61
CA LYS C 206 26.05 19.97 21.00
C LYS C 206 26.81 18.74 21.37
N PHE C 207 26.25 17.60 21.00
CA PHE C 207 26.96 16.34 21.26
C PHE C 207 28.35 16.29 20.57
N ILE C 208 28.39 16.69 19.31
CA ILE C 208 29.65 16.64 18.60
C ILE C 208 30.62 17.72 19.11
N GLU C 209 30.15 18.91 19.45
CA GLU C 209 31.19 19.72 20.15
C GLU C 209 31.73 19.22 21.43
N LYS C 210 30.90 18.49 22.17
CA LYS C 210 31.36 17.94 23.35
C LYS C 210 32.34 16.80 23.10
N ALA C 211 32.04 15.94 22.14
CA ALA C 211 33.01 14.97 21.72
C ALA C 211 34.34 15.61 21.30
N ALA C 212 34.29 16.66 20.48
CA ALA C 212 35.50 17.40 20.07
C ALA C 212 36.37 17.88 21.28
N ASP C 213 35.68 18.52 22.24
CA ASP C 213 36.30 18.91 23.48
C ASP C 213 36.93 17.73 24.16
N GLU C 214 36.20 16.63 24.30
CA GLU C 214 36.80 15.44 24.93
C GLU C 214 38.00 14.92 24.20
N ILE C 215 37.91 14.84 22.89
CA ILE C 215 38.95 14.26 22.08
C ILE C 215 40.15 15.20 22.07
N GLY C 216 39.92 16.50 22.26
CA GLY C 216 40.96 17.56 22.11
C GLY C 216 41.16 17.95 20.64
N TYR C 217 40.10 17.89 19.81
CA TYR C 217 40.21 18.08 18.37
C TYR C 217 39.87 19.52 18.07
N GLU C 218 40.83 20.26 17.55
CA GLU C 218 40.71 21.70 17.53
C GLU C 218 40.05 22.13 16.18
N ASN C 219 40.40 21.45 15.11
CA ASN C 219 40.04 21.95 13.75
C ASN C 219 38.65 21.53 13.25
N ILE C 220 37.57 21.78 14.04
CA ILE C 220 36.22 21.44 13.57
C ILE C 220 35.32 22.64 13.70
N GLU C 221 34.47 22.94 12.77
CA GLU C 221 33.48 24.06 13.01
C GLU C 221 32.14 23.45 12.83
N ILE C 222 31.30 23.73 13.77
CA ILE C 222 29.98 23.08 13.94
C ILE C 222 28.90 24.11 13.97
N PHE C 223 27.84 23.91 13.21
CA PHE C 223 26.73 24.83 13.32
C PHE C 223 25.41 24.16 13.07
N THR C 224 24.35 24.73 13.71
CA THR C 224 23.01 24.27 13.52
C THR C 224 22.48 24.98 12.26
N PHE C 225 21.72 24.24 11.44
CA PHE C 225 21.30 24.73 10.11
C PHE C 225 20.20 23.91 9.55
N ASP C 226 19.26 24.57 8.86
CA ASP C 226 18.25 23.96 8.02
C ASP C 226 18.56 24.06 6.55
N LEU C 227 18.90 22.88 5.97
CA LEU C 227 19.23 22.75 4.56
C LEU C 227 18.13 23.10 3.58
N ARG C 228 16.91 23.39 4.10
CA ARG C 228 15.96 24.16 3.27
C ARG C 228 16.55 25.43 2.77
N LYS C 229 17.49 26.08 3.50
CA LYS C 229 18.11 27.30 3.06
C LYS C 229 19.43 27.11 2.30
N PRO C 230 19.83 28.12 1.49
CA PRO C 230 21.13 28.01 0.79
C PRO C 230 22.28 28.00 1.82
N LEU C 231 23.31 27.18 1.61
CA LEU C 231 24.41 27.24 2.56
C LEU C 231 24.98 28.74 2.62
N PRO C 232 25.55 29.16 3.76
CA PRO C 232 26.30 30.43 3.83
C PRO C 232 27.61 30.39 3.05
N ASP C 233 28.09 31.57 2.62
CA ASP C 233 29.33 31.66 1.73
C ASP C 233 30.54 30.97 2.28
N TYR C 234 30.67 30.94 3.62
CA TYR C 234 31.78 30.26 4.23
C TYR C 234 31.79 28.80 4.09
N ALA C 235 30.64 28.18 3.80
CA ALA C 235 30.57 26.82 3.45
C ALA C 235 30.88 26.44 2.00
N LEU C 236 30.82 27.39 1.10
CA LEU C 236 30.86 27.10 -0.34
C LEU C 236 32.25 27.07 -0.89
N HIS C 237 32.46 26.19 -1.88
CA HIS C 237 33.69 26.16 -2.68
C HIS C 237 34.97 26.03 -1.93
N LYS C 238 34.95 25.39 -0.75
CA LYS C 238 36.11 25.34 0.13
C LYS C 238 36.55 23.92 0.60
N PHE C 239 35.77 22.88 0.28
CA PHE C 239 36.06 21.57 0.86
C PHE C 239 36.48 20.57 -0.22
N ASP C 240 37.22 19.58 0.20
CA ASP C 240 37.70 18.49 -0.75
C ASP C 240 36.70 17.41 -0.88
N THR C 241 35.97 17.09 0.24
CA THR C 241 35.14 15.93 0.38
C THR C 241 33.91 16.25 1.20
N PHE C 242 32.74 15.75 0.79
CA PHE C 242 31.56 15.82 1.64
C PHE C 242 30.99 14.46 1.91
N ILE C 243 30.24 14.38 3.02
CA ILE C 243 29.45 13.20 3.26
C ILE C 243 28.09 13.56 3.91
N THR C 244 27.04 12.96 3.44
CA THR C 244 25.68 13.19 3.89
C THR C 244 24.89 11.93 3.76
N ASP C 245 23.79 11.82 4.47
CA ASP C 245 22.96 10.59 4.36
C ASP C 245 21.55 10.96 4.36
N PRO C 246 21.02 11.36 3.18
CA PRO C 246 19.88 12.20 3.15
C PRO C 246 18.55 11.48 3.15
N PRO C 247 17.44 12.24 3.44
CA PRO C 247 16.11 11.78 3.08
C PRO C 247 16.14 11.55 1.55
N GLU C 248 15.03 11.00 1.02
CA GLU C 248 15.04 10.43 -0.31
C GLU C 248 14.05 10.98 -1.29
N THR C 249 13.47 12.08 -0.94
CA THR C 249 12.73 12.81 -1.96
C THR C 249 13.80 13.40 -2.91
N VAL C 250 13.40 13.77 -4.12
CA VAL C 250 14.34 14.40 -4.99
C VAL C 250 14.72 15.78 -4.44
N GLU C 251 13.73 16.48 -3.86
CA GLU C 251 14.00 17.71 -3.20
C GLU C 251 15.06 17.60 -2.10
N ALA C 252 15.01 16.55 -1.32
CA ALA C 252 16.05 16.29 -0.34
C ALA C 252 17.42 16.01 -0.90
N ILE C 253 17.45 15.25 -1.97
CA ILE C 253 18.70 14.99 -2.70
C ILE C 253 19.38 16.34 -3.06
N ARG C 254 18.62 17.26 -3.62
CA ARG C 254 19.17 18.59 -3.94
C ARG C 254 19.68 19.36 -2.65
N ALA C 255 18.90 19.31 -1.60
CA ALA C 255 19.20 20.04 -0.36
C ALA C 255 20.39 19.46 0.37
N PHE C 256 20.62 18.13 0.25
CA PHE C 256 21.67 17.46 0.98
C PHE C 256 22.92 17.18 0.12
N VAL C 257 22.70 16.39 -0.89
CA VAL C 257 23.82 16.05 -1.90
C VAL C 257 24.15 17.22 -2.80
N GLY C 258 23.13 17.92 -3.38
CA GLY C 258 23.38 19.08 -4.14
C GLY C 258 24.16 20.10 -3.42
N ARG C 259 23.74 20.45 -2.19
CA ARG C 259 24.50 21.40 -1.46
C ARG C 259 25.88 20.92 -1.08
N GLY C 260 26.01 19.63 -0.82
CA GLY C 260 27.30 19.07 -0.50
C GLY C 260 28.28 19.27 -1.70
N ILE C 261 27.74 19.15 -2.92
CA ILE C 261 28.57 19.40 -4.11
C ILE C 261 28.96 20.92 -4.13
N ALA C 262 28.06 21.84 -3.67
CA ALA C 262 28.40 23.27 -3.62
C ALA C 262 29.45 23.64 -2.60
N THR C 263 29.66 22.82 -1.62
CA THR C 263 30.81 22.94 -0.68
C THR C 263 32.20 22.69 -1.29
N LEU C 264 32.23 21.96 -2.39
CA LEU C 264 33.48 21.44 -2.90
C LEU C 264 34.21 22.49 -3.73
N LYS C 265 35.52 22.44 -3.66
CA LYS C 265 36.41 23.47 -4.26
C LYS C 265 36.28 23.58 -5.76
N GLY C 266 36.10 22.45 -6.41
CA GLY C 266 36.18 22.40 -7.90
C GLY C 266 36.29 20.96 -8.34
N PRO C 267 36.78 20.69 -9.54
CA PRO C 267 36.90 19.35 -10.07
C PRO C 267 37.82 18.53 -9.21
N GLY C 268 37.66 17.20 -9.15
CA GLY C 268 38.57 16.34 -8.45
C GLY C 268 38.22 16.09 -7.00
N CYS C 269 37.07 16.62 -6.61
CA CYS C 269 36.62 16.44 -5.24
C CYS C 269 35.53 15.35 -5.15
N ALA C 270 35.21 14.91 -3.90
CA ALA C 270 34.41 13.73 -3.74
C ALA C 270 33.22 13.91 -2.84
N GLY C 271 32.14 13.13 -3.12
CA GLY C 271 31.00 13.12 -2.17
C GLY C 271 30.57 11.65 -1.93
N TYR C 272 30.03 11.39 -0.75
CA TYR C 272 29.59 10.13 -0.31
C TYR C 272 28.25 10.24 0.30
N PHE C 273 27.31 9.34 -0.08
CA PHE C 273 25.99 9.36 0.51
C PHE C 273 25.34 8.03 0.30
N GLY C 274 24.42 7.69 1.15
CA GLY C 274 23.57 6.54 0.93
C GLY C 274 22.24 6.76 0.17
N ILE C 275 21.81 5.77 -0.57
CA ILE C 275 20.48 5.74 -1.29
C ILE C 275 19.90 4.36 -1.07
N THR C 276 18.67 4.28 -0.52
CA THR C 276 18.04 2.99 -0.30
C THR C 276 17.22 2.47 -1.44
N ARG C 277 16.96 1.18 -1.41
CA ARG C 277 15.93 0.63 -2.19
C ARG C 277 14.61 0.40 -1.34
N ARG C 278 14.69 0.73 -0.07
CA ARG C 278 13.60 0.64 0.87
C ARG C 278 12.57 1.78 0.72
N GLU C 279 13.05 3.00 0.39
CA GLU C 279 12.22 4.18 0.25
C GLU C 279 12.33 4.82 -1.13
N SER C 280 13.01 4.18 -2.09
CA SER C 280 13.13 4.79 -3.38
C SER C 280 13.10 3.60 -4.37
N SER C 281 12.22 3.65 -5.36
CA SER C 281 12.07 2.64 -6.44
C SER C 281 13.22 2.86 -7.42
N LEU C 282 13.51 1.88 -8.28
CA LEU C 282 14.51 2.10 -9.30
C LEU C 282 14.08 3.16 -10.27
N ASP C 283 12.77 3.41 -10.41
CA ASP C 283 12.37 4.58 -11.24
C ASP C 283 12.84 5.92 -10.60
N LYS C 284 12.68 6.02 -9.29
CA LYS C 284 13.18 7.19 -8.64
C LYS C 284 14.76 7.22 -8.70
N TRP C 285 15.45 6.08 -8.55
CA TRP C 285 16.92 5.97 -8.75
C TRP C 285 17.27 6.62 -10.10
N ARG C 286 16.53 6.32 -11.20
CA ARG C 286 16.86 6.87 -12.45
C ARG C 286 16.68 8.41 -12.44
N GLU C 287 15.66 8.93 -11.73
CA GLU C 287 15.51 10.39 -11.67
C GLU C 287 16.73 11.01 -10.87
N ILE C 288 17.08 10.37 -9.76
CA ILE C 288 18.20 10.80 -8.92
C ILE C 288 19.52 10.78 -9.72
N GLN C 289 19.77 9.71 -10.48
CA GLN C 289 20.97 9.69 -11.27
C GLN C 289 20.98 10.75 -12.37
N ARG C 290 19.84 10.99 -13.04
CA ARG C 290 19.68 12.13 -13.91
C ARG C 290 19.94 13.44 -13.21
N VAL C 291 19.47 13.65 -11.99
CA VAL C 291 19.89 14.85 -11.23
C VAL C 291 21.42 14.94 -11.11
N LEU C 292 22.06 13.87 -10.67
CA LEU C 292 23.51 13.85 -10.45
C LEU C 292 24.25 14.16 -11.73
N LEU C 293 23.90 13.50 -12.83
CA LEU C 293 24.72 13.60 -14.08
C LEU C 293 24.38 14.84 -14.87
N ASN C 294 23.10 15.25 -14.83
CA ASN C 294 22.62 16.34 -15.71
C ASN C 294 22.48 17.69 -15.04
N GLU C 295 21.93 17.75 -13.83
CA GLU C 295 21.84 18.99 -13.13
C GLU C 295 23.15 19.34 -12.47
N PHE C 296 23.73 18.42 -11.75
CA PHE C 296 24.98 18.70 -11.10
C PHE C 296 26.26 18.36 -11.91
N GLY C 297 26.08 17.55 -12.93
CA GLY C 297 27.21 17.13 -13.79
C GLY C 297 28.36 16.45 -13.03
N VAL C 298 28.08 15.66 -12.03
CA VAL C 298 29.11 14.87 -11.36
C VAL C 298 29.07 13.47 -11.94
N VAL C 299 30.06 12.65 -11.62
CA VAL C 299 30.13 11.26 -12.15
C VAL C 299 29.99 10.34 -10.94
N ILE C 300 29.35 9.21 -11.13
CA ILE C 300 29.18 8.24 -10.08
C ILE C 300 30.31 7.19 -10.15
N THR C 301 31.20 7.14 -9.18
CA THR C 301 32.36 6.22 -9.28
C THR C 301 32.12 4.91 -8.65
N ASP C 302 31.14 4.82 -7.75
CA ASP C 302 30.88 3.62 -6.96
C ASP C 302 29.42 3.59 -6.51
N ILE C 303 28.77 2.39 -6.56
CA ILE C 303 27.50 2.16 -5.96
C ILE C 303 27.54 0.78 -5.33
N ILE C 304 27.51 0.71 -4.04
CA ILE C 304 27.84 -0.49 -3.30
C ILE C 304 26.69 -0.99 -2.51
N ARG C 305 26.14 -2.14 -2.88
CA ARG C 305 24.88 -2.61 -2.30
C ARG C 305 24.96 -2.81 -0.78
N ASN C 306 23.99 -2.30 -0.01
CA ASN C 306 23.91 -2.62 1.41
C ASN C 306 25.13 -2.23 2.22
N PHE C 307 25.92 -1.20 1.82
CA PHE C 307 27.07 -0.81 2.53
C PHE C 307 26.63 -0.23 3.98
N ASN C 308 25.49 0.46 4.01
CA ASN C 308 25.01 1.16 5.27
C ASN C 308 23.94 0.28 5.95
N GLU C 309 24.18 -0.13 7.19
CA GLU C 309 23.18 -0.87 8.03
C GLU C 309 22.70 0.10 9.11
N TYR C 310 21.42 0.32 9.17
CA TYR C 310 20.79 1.34 10.06
C TYR C 310 20.29 0.61 11.28
N VAL C 311 20.57 1.19 12.43
CA VAL C 311 20.03 0.59 13.71
C VAL C 311 18.56 0.91 13.75
N ASN C 312 17.70 -0.07 14.12
CA ASN C 312 16.26 0.17 14.34
C ASN C 312 15.90 1.35 15.19
N TRP C 313 14.95 2.12 14.72
CA TRP C 313 14.66 3.38 15.34
C TRP C 313 13.38 3.21 16.30
N GLY C 314 13.42 3.92 17.40
CA GLY C 314 12.46 3.84 18.55
C GLY C 314 11.03 4.27 18.15
N TYR C 315 10.97 5.23 17.23
CA TYR C 315 9.71 5.74 16.69
C TYR C 315 8.91 5.00 15.63
N VAL C 316 9.24 3.75 15.31
CA VAL C 316 8.59 2.95 14.20
C VAL C 316 7.06 3.02 14.17
N GLU C 317 6.46 2.73 15.34
CA GLU C 317 4.97 2.62 15.43
C GLU C 317 4.19 3.92 15.05
N GLU C 318 4.90 5.07 15.02
CA GLU C 318 4.28 6.35 14.63
C GLU C 318 4.47 6.64 13.13
N THR C 319 5.07 5.70 12.40
CA THR C 319 5.38 5.93 11.00
C THR C 319 4.33 5.36 10.01
N ARG C 320 4.32 5.95 8.80
CA ARG C 320 3.64 5.32 7.68
C ARG C 320 3.87 3.82 7.53
N ALA C 321 5.10 3.35 7.60
CA ALA C 321 5.39 1.91 7.42
C ALA C 321 4.50 1.08 8.39
N TRP C 322 4.46 1.52 9.64
CA TRP C 322 3.65 0.72 10.61
C TRP C 322 2.21 0.72 10.18
N ARG C 323 1.66 1.88 9.78
CA ARG C 323 0.24 1.98 9.36
C ARG C 323 -0.09 1.17 8.12
N LEU C 324 0.87 1.00 7.20
CA LEU C 324 0.65 0.25 5.99
C LEU C 324 0.76 -1.27 6.08
N LEU C 325 1.58 -1.73 6.98
CA LEU C 325 1.95 -3.13 6.98
C LEU C 325 0.72 -3.99 7.43
N PRO C 326 0.51 -5.12 6.82
CA PRO C 326 -0.60 -6.04 7.18
C PRO C 326 -0.38 -6.86 8.44
N ILE C 327 0.88 -6.99 8.83
CA ILE C 327 1.28 -7.59 10.08
C ILE C 327 2.14 -6.55 10.75
N LYS C 328 1.75 -6.09 11.91
CA LYS C 328 2.43 -5.00 12.68
C LYS C 328 3.15 -5.58 13.91
N VAL C 329 4.39 -6.00 13.74
CA VAL C 329 5.32 -6.43 14.77
C VAL C 329 6.63 -5.63 14.63
N LYS C 330 7.22 -5.15 15.73
CA LYS C 330 8.49 -4.42 15.61
C LYS C 330 9.55 -5.31 14.95
N PRO C 331 10.48 -4.68 14.21
CA PRO C 331 11.41 -5.54 13.48
C PRO C 331 12.41 -6.17 14.41
N SER C 332 12.82 -7.36 14.08
CA SER C 332 13.69 -8.13 15.02
C SER C 332 15.17 -8.03 14.68
N TYR C 333 15.48 -7.33 13.56
CA TYR C 333 16.86 -7.25 13.10
C TYR C 333 16.92 -5.95 12.28
N ASN C 334 18.12 -5.60 11.84
CA ASN C 334 18.33 -4.35 11.08
C ASN C 334 18.00 -4.55 9.63
N TRP C 335 16.70 -4.49 9.34
CA TRP C 335 16.14 -4.70 8.01
C TRP C 335 16.50 -3.56 7.04
N TYR C 336 16.85 -2.38 7.53
CA TYR C 336 16.85 -1.18 6.66
C TYR C 336 18.37 -0.90 6.44
N LYS C 337 18.70 -0.95 5.18
CA LYS C 337 20.02 -0.69 4.66
C LYS C 337 20.00 0.23 3.48
N SER C 338 21.16 0.81 3.17
CA SER C 338 21.27 1.60 1.94
C SER C 338 22.59 1.31 1.22
N TYR C 339 22.53 1.63 -0.03
CA TYR C 339 23.70 1.56 -0.94
C TYR C 339 24.60 2.77 -0.75
N MET C 340 25.94 2.59 -0.72
CA MET C 340 26.84 3.73 -0.70
C MET C 340 27.07 4.16 -2.12
N PHE C 341 26.86 5.42 -2.38
CA PHE C 341 27.29 6.12 -3.59
C PHE C 341 28.50 6.93 -3.28
N ARG C 342 29.42 6.93 -4.25
CA ARG C 342 30.49 7.88 -4.28
C ARG C 342 30.44 8.62 -5.61
N ILE C 343 30.47 9.99 -5.54
CA ILE C 343 30.55 10.87 -6.68
C ILE C 343 31.83 11.69 -6.65
N GLN C 344 32.21 12.20 -7.84
CA GLN C 344 33.40 12.98 -8.03
C GLN C 344 33.08 14.10 -8.96
N THR C 345 33.61 15.28 -8.69
CA THR C 345 33.31 16.45 -9.52
C THR C 345 34.36 16.46 -10.69
N LEU C 346 33.96 17.12 -11.72
CA LEU C 346 34.74 17.25 -12.94
C LEU C 346 34.55 18.67 -13.46
N GLU C 347 35.27 18.99 -14.51
CA GLU C 347 35.07 20.31 -15.17
C GLU C 347 33.55 20.50 -15.47
N GLY C 348 33.00 21.62 -14.99
CA GLY C 348 31.64 21.96 -15.27
C GLY C 348 30.65 21.44 -14.18
N SER C 349 31.12 20.67 -13.19
CA SER C 349 30.20 20.17 -12.18
C SER C 349 29.71 21.39 -11.37
N LYS C 350 28.47 21.34 -10.89
CA LYS C 350 27.97 22.46 -10.00
C LYS C 350 26.98 21.95 -9.00
N GLY C 351 26.90 22.67 -7.89
CA GLY C 351 26.08 22.25 -6.79
C GLY C 351 24.76 22.96 -6.78
N PHE C 352 24.07 22.84 -5.68
CA PHE C 352 22.74 23.35 -5.52
C PHE C 352 22.79 24.54 -4.54
N GLU C 353 22.26 25.68 -5.01
CA GLU C 353 22.32 26.97 -4.26
C GLU C 353 21.00 27.66 -4.02
N ASP C 354 19.91 27.04 -4.42
CA ASP C 354 18.60 27.69 -4.27
C ASP C 354 17.90 27.35 -2.96
N GLU C 355 16.87 28.11 -2.63
CA GLU C 355 16.01 27.82 -1.50
C GLU C 355 14.96 26.80 -1.81
N ILE C 356 14.70 25.83 -0.94
CA ILE C 356 13.61 24.92 -1.05
C ILE C 356 12.52 25.40 -0.04
N THR C 357 11.28 25.52 -0.45
CA THR C 357 10.15 26.03 0.46
C THR C 357 9.15 25.00 1.04
N VAL C 358 9.45 23.73 0.90
CA VAL C 358 8.58 22.63 1.35
C VAL C 358 8.87 22.28 2.83
N GLY C 359 7.82 21.88 3.55
CA GLY C 359 7.89 21.46 4.97
C GLY C 359 8.10 19.96 4.99
N GLN C 360 7.10 19.18 5.43
CA GLN C 360 7.20 17.73 5.55
C GLN C 360 7.48 17.00 4.25
N GLU C 361 7.14 17.61 3.10
CA GLU C 361 7.48 17.03 1.78
C GLU C 361 8.98 16.93 1.56
N LEU C 362 9.81 17.52 2.43
CA LEU C 362 11.22 17.26 2.34
C LEU C 362 11.49 15.78 2.60
N TYR C 363 10.72 15.14 3.48
CA TYR C 363 11.02 13.78 3.83
C TYR C 363 10.00 12.76 3.25
N ASP C 364 8.86 13.26 2.78
CA ASP C 364 7.74 12.42 2.34
C ASP C 364 7.42 12.54 0.87
N ASP C 365 7.37 11.38 0.22
CA ASP C 365 6.75 11.24 -1.06
C ASP C 365 6.08 9.89 -1.06
N GLU C 366 5.51 9.56 -2.20
CA GLU C 366 4.71 8.36 -2.42
CA GLU C 366 4.69 8.35 -2.34
C GLU C 366 5.46 7.04 -1.97
N GLU C 367 6.80 7.03 -2.11
CA GLU C 367 7.61 5.82 -1.84
C GLU C 367 8.21 5.70 -0.44
N SER C 368 8.25 6.78 0.26
CA SER C 368 8.87 6.81 1.59
C SER C 368 7.83 6.32 2.63
N SER C 369 8.32 5.74 3.72
CA SER C 369 7.46 5.26 4.77
C SER C 369 8.05 5.30 6.19
N THR C 370 9.32 5.67 6.34
CA THR C 370 9.86 5.61 7.66
C THR C 370 9.72 6.88 8.51
N THR C 371 8.79 7.77 8.18
CA THR C 371 8.33 8.76 9.12
C THR C 371 6.85 8.75 9.15
N SER D 19 52.04 27.68 -6.76
CA SER D 19 52.24 27.60 -8.20
C SER D 19 52.96 26.31 -8.69
N HIS D 20 53.55 25.48 -7.80
CA HIS D 20 54.17 24.23 -8.20
C HIS D 20 53.06 23.41 -8.93
N MET D 21 51.89 23.22 -8.33
CA MET D 21 50.89 22.22 -8.88
C MET D 21 50.36 22.77 -10.15
N ARG D 22 50.16 24.10 -10.24
CA ARG D 22 49.67 24.67 -11.50
C ARG D 22 50.68 24.47 -12.65
N GLU D 23 51.94 24.66 -12.33
CA GLU D 23 52.96 24.50 -13.31
C GLU D 23 52.92 23.06 -13.88
N ILE D 24 52.67 22.07 -13.04
CA ILE D 24 52.63 20.72 -13.45
C ILE D 24 51.45 20.49 -14.31
N ILE D 25 50.30 20.95 -13.84
CA ILE D 25 49.05 20.76 -14.60
C ILE D 25 49.22 21.40 -15.99
N GLU D 26 49.73 22.63 -16.08
CA GLU D 26 49.93 23.24 -17.43
C GLU D 26 50.80 22.47 -18.33
N ARG D 27 51.84 21.88 -17.76
CA ARG D 27 52.77 21.09 -18.62
C ARG D 27 52.08 19.84 -19.15
N VAL D 28 51.24 19.18 -18.30
CA VAL D 28 50.54 18.01 -18.75
C VAL D 28 49.59 18.37 -19.91
N LYS D 29 49.00 19.54 -19.85
CA LYS D 29 48.13 19.97 -20.90
C LYS D 29 48.81 20.27 -22.23
N GLU D 30 50.12 20.52 -22.26
CA GLU D 30 50.85 20.57 -23.51
C GLU D 30 50.99 19.22 -24.13
N LYS D 31 50.85 18.13 -23.38
CA LYS D 31 51.18 16.75 -23.89
C LYS D 31 49.94 15.96 -24.26
N THR D 32 48.74 16.32 -23.72
CA THR D 32 47.58 15.51 -23.98
C THR D 32 46.37 16.39 -23.97
N THR D 33 45.34 15.93 -24.64
CA THR D 33 44.01 16.59 -24.64
C THR D 33 43.09 15.93 -23.57
N ILE D 34 43.54 14.85 -22.95
CA ILE D 34 42.75 14.22 -21.89
C ILE D 34 42.70 15.16 -20.71
N PRO D 35 41.50 15.32 -20.13
CA PRO D 35 41.40 16.26 -18.98
C PRO D 35 42.39 16.01 -17.88
N VAL D 36 42.95 17.07 -17.27
CA VAL D 36 43.84 16.97 -16.13
C VAL D 36 43.43 17.97 -15.06
N TYR D 37 43.40 17.48 -13.83
CA TYR D 37 43.12 18.28 -12.63
C TYR D 37 44.23 18.09 -11.63
N GLU D 38 44.24 18.94 -10.62
CA GLU D 38 45.06 18.69 -9.47
C GLU D 38 44.93 17.29 -8.96
N ARG D 39 43.67 16.83 -8.87
CA ARG D 39 43.42 15.45 -8.38
C ARG D 39 44.13 14.38 -9.20
N THR D 40 44.16 14.64 -10.50
CA THR D 40 44.95 13.76 -11.41
C THR D 40 46.42 13.57 -10.92
N ILE D 41 47.07 14.69 -10.69
CA ILE D 41 48.43 14.73 -10.20
C ILE D 41 48.57 14.08 -8.90
N GLU D 42 47.64 14.38 -8.01
CA GLU D 42 47.70 13.72 -6.68
C GLU D 42 47.56 12.23 -6.74
N ASN D 43 46.61 11.74 -7.56
CA ASN D 43 46.46 10.29 -7.78
C ASN D 43 47.77 9.62 -8.23
N VAL D 44 48.45 10.28 -9.19
CA VAL D 44 49.69 9.69 -9.71
C VAL D 44 50.81 9.77 -8.68
N LEU D 45 50.97 10.91 -8.00
CA LEU D 45 51.96 11.11 -6.94
C LEU D 45 51.75 10.15 -5.69
N SER D 46 50.50 9.92 -5.35
CA SER D 46 50.10 8.96 -4.26
C SER D 46 50.59 7.58 -4.73
N ALA D 47 50.30 7.24 -5.99
CA ALA D 47 50.66 5.93 -6.51
C ALA D 47 52.17 5.71 -6.59
N ILE D 48 52.90 6.72 -7.06
CA ILE D 48 54.38 6.59 -7.15
C ILE D 48 54.99 6.27 -5.76
N GLN D 49 54.40 6.83 -4.72
CA GLN D 49 54.95 6.57 -3.38
C GLN D 49 54.69 5.12 -2.93
N ALA D 50 53.78 4.39 -3.54
CA ALA D 50 53.50 3.02 -3.19
C ALA D 50 54.22 2.10 -4.07
N SER D 51 54.54 2.49 -5.30
CA SER D 51 55.21 1.59 -6.19
C SER D 51 55.95 2.33 -7.24
N GLY D 52 57.05 1.78 -7.68
CA GLY D 52 57.84 2.29 -8.81
C GLY D 52 57.60 1.71 -10.16
N ASP D 53 56.77 0.66 -10.22
CA ASP D 53 56.39 -0.05 -11.45
C ASP D 53 55.29 0.76 -12.21
N VAL D 54 55.59 1.17 -13.41
CA VAL D 54 54.65 1.92 -14.21
C VAL D 54 53.25 1.31 -14.34
N TRP D 55 53.16 0.00 -14.49
CA TRP D 55 51.87 -0.69 -14.64
C TRP D 55 51.05 -0.57 -13.30
N ARG D 56 51.75 -0.73 -12.19
CA ARG D 56 51.11 -0.55 -10.87
C ARG D 56 50.78 0.89 -10.56
N ILE D 57 51.59 1.84 -11.07
CA ILE D 57 51.20 3.23 -10.90
C ILE D 57 49.84 3.56 -11.61
N VAL D 58 49.69 3.06 -12.81
CA VAL D 58 48.48 3.18 -13.57
C VAL D 58 47.31 2.55 -12.80
N ASP D 59 47.46 1.32 -12.35
CA ASP D 59 46.51 0.59 -11.55
C ASP D 59 46.09 1.39 -10.28
N LEU D 60 47.05 1.74 -9.43
CA LEU D 60 46.72 2.43 -8.14
C LEU D 60 46.20 3.84 -8.37
N SER D 61 46.69 4.55 -9.41
CA SER D 61 46.19 5.90 -9.69
C SER D 61 44.76 6.00 -10.14
N GLU D 62 44.30 4.94 -10.76
CA GLU D 62 43.01 4.87 -11.41
C GLU D 62 42.83 5.97 -12.42
N GLU D 63 43.92 6.33 -13.09
CA GLU D 63 43.82 7.28 -14.18
C GLU D 63 44.19 6.51 -15.41
N PRO D 64 43.77 7.02 -16.57
CA PRO D 64 44.03 6.22 -17.78
C PRO D 64 45.47 6.30 -18.21
N LEU D 65 45.96 5.25 -18.83
CA LEU D 65 47.41 5.08 -19.05
C LEU D 65 48.04 6.25 -19.78
N PRO D 66 47.40 6.83 -20.84
CA PRO D 66 48.11 7.89 -21.53
C PRO D 66 48.22 9.12 -20.70
N LEU D 67 47.22 9.34 -19.83
CA LEU D 67 47.25 10.47 -18.97
C LEU D 67 48.30 10.27 -17.93
N VAL D 68 48.42 9.06 -17.42
CA VAL D 68 49.43 8.82 -16.44
C VAL D 68 50.86 9.00 -17.02
N VAL D 69 51.02 8.59 -18.26
CA VAL D 69 52.33 8.79 -18.94
C VAL D 69 52.61 10.25 -19.09
N ALA D 70 51.59 11.05 -19.49
CA ALA D 70 51.81 12.51 -19.58
C ALA D 70 52.18 13.12 -18.27
N VAL D 71 51.57 12.67 -17.13
CA VAL D 71 51.88 13.17 -15.82
C VAL D 71 53.25 12.79 -15.36
N VAL D 72 53.61 11.53 -15.49
CA VAL D 72 54.91 11.17 -15.09
C VAL D 72 56.01 11.92 -15.94
N THR D 73 55.81 12.02 -17.25
CA THR D 73 56.70 12.81 -18.12
C THR D 73 56.86 14.29 -17.62
N ALA D 74 55.73 14.94 -17.36
CA ALA D 74 55.79 16.26 -16.77
C ALA D 74 56.53 16.34 -15.45
N LEU D 75 56.30 15.39 -14.56
CA LEU D 75 56.94 15.32 -13.28
C LEU D 75 58.46 15.07 -13.41
N TYR D 76 58.83 14.26 -14.38
CA TYR D 76 60.24 14.07 -14.69
C TYR D 76 60.82 15.41 -15.15
N GLU D 77 60.16 16.05 -16.11
CA GLU D 77 60.72 17.22 -16.77
C GLU D 77 60.99 18.25 -15.78
N LEU D 78 60.01 18.46 -14.94
CA LEU D 78 60.11 19.46 -13.91
C LEU D 78 60.91 19.10 -12.67
N GLY D 79 61.49 17.95 -12.60
CA GLY D 79 62.46 17.68 -11.57
C GLY D 79 61.96 16.91 -10.34
N TYR D 80 60.69 16.46 -10.39
CA TYR D 80 60.02 15.79 -9.22
C TYR D 80 60.17 14.28 -9.29
N VAL D 81 60.42 13.68 -10.46
CA VAL D 81 60.59 12.24 -10.60
C VAL D 81 61.84 11.86 -11.44
N ALA D 82 62.34 10.68 -11.19
CA ALA D 82 63.49 10.19 -11.94
C ALA D 82 63.21 8.75 -12.25
N PHE D 83 63.90 8.23 -13.26
CA PHE D 83 63.81 6.83 -13.63
C PHE D 83 65.07 6.11 -13.23
N GLU D 84 65.00 5.18 -12.30
CA GLU D 84 66.19 4.47 -11.85
C GLU D 84 65.91 3.01 -11.81
N ASN D 85 66.79 2.22 -12.46
CA ASN D 85 66.59 0.79 -12.53
C ASN D 85 65.19 0.40 -12.85
N ASN D 86 64.67 0.96 -13.95
CA ASN D 86 63.33 0.66 -14.42
C ASN D 86 62.25 0.83 -13.35
N GLN D 87 62.48 1.77 -12.44
CA GLN D 87 61.47 2.22 -11.47
C GLN D 87 61.28 3.70 -11.61
N VAL D 88 60.03 4.13 -11.40
CA VAL D 88 59.70 5.54 -11.28
C VAL D 88 59.85 5.92 -9.85
N ILE D 89 60.69 6.92 -9.51
CA ILE D 89 60.86 7.34 -8.10
C ILE D 89 60.73 8.83 -7.96
N LEU D 90 60.37 9.28 -6.78
CA LEU D 90 60.44 10.70 -6.47
C LEU D 90 61.92 11.15 -6.18
N THR D 91 62.31 12.29 -6.68
CA THR D 91 63.54 12.90 -6.33
C THR D 91 63.42 13.57 -4.96
N ARG D 92 64.51 14.15 -4.49
CA ARG D 92 64.36 14.99 -3.31
C ARG D 92 63.33 16.11 -3.51
N LYS D 93 63.33 16.69 -4.71
CA LYS D 93 62.36 17.83 -4.95
C LYS D 93 60.92 17.26 -5.01
N GLY D 94 60.79 16.04 -5.50
CA GLY D 94 59.53 15.39 -5.51
C GLY D 94 59.00 15.10 -4.10
N LYS D 95 59.89 14.65 -3.23
CA LYS D 95 59.54 14.41 -1.84
C LYS D 95 59.13 15.65 -1.16
N GLU D 96 59.84 16.74 -1.39
CA GLU D 96 59.37 18.06 -0.96
C GLU D 96 58.01 18.46 -1.49
N LEU D 97 57.74 18.19 -2.75
CA LEU D 97 56.41 18.53 -3.32
C LEU D 97 55.27 17.78 -2.60
N VAL D 98 55.44 16.47 -2.40
CA VAL D 98 54.31 15.67 -1.75
C VAL D 98 54.09 16.11 -0.30
N GLU D 99 55.20 16.46 0.37
CA GLU D 99 55.22 16.93 1.75
C GLU D 99 54.49 18.24 1.87
N LYS D 100 54.85 19.15 1.02
CA LYS D 100 54.16 20.40 0.95
C LYS D 100 52.69 20.25 0.64
N TYR D 101 52.30 19.34 -0.25
CA TYR D 101 50.89 19.30 -0.60
C TYR D 101 50.11 18.24 0.24
N GLY D 102 50.76 17.62 1.21
CA GLY D 102 50.14 16.58 2.10
C GLY D 102 49.62 15.36 1.35
N ILE D 103 50.32 15.00 0.25
CA ILE D 103 49.95 13.86 -0.53
C ILE D 103 50.76 12.66 -0.03
N GLY D 104 50.05 11.71 0.52
CA GLY D 104 50.69 10.39 0.82
C GLY D 104 50.27 9.23 0.03
N PRO D 105 50.91 8.10 0.28
CA PRO D 105 50.47 6.92 -0.47
C PRO D 105 49.07 6.49 -0.04
N ARG D 106 48.30 5.79 -0.87
CA ARG D 106 46.93 5.30 -0.52
C ARG D 106 46.93 4.09 0.39
N ALA D 107 46.12 4.10 1.41
CA ALA D 107 45.88 2.93 2.20
C ALA D 107 44.89 2.10 1.36
N ASP D 108 44.93 0.80 1.61
CA ASP D 108 44.07 -0.11 0.88
C ASP D 108 43.45 -1.00 1.90
N TYR D 109 42.14 -1.03 1.89
CA TYR D 109 41.42 -1.84 2.83
C TYR D 109 40.50 -2.84 2.07
N THR D 110 40.80 -3.10 0.81
CA THR D 110 40.01 -4.06 0.02
C THR D 110 39.88 -5.40 0.80
N CYS D 111 38.67 -5.91 0.94
CA CYS D 111 38.45 -7.16 1.64
C CYS D 111 39.33 -8.27 1.00
N SER D 112 40.16 -8.92 1.80
CA SER D 112 41.07 -9.97 1.26
C SER D 112 40.34 -11.28 0.93
N HIS D 113 39.10 -11.45 1.36
CA HIS D 113 38.34 -12.68 1.05
C HIS D 113 37.60 -12.61 -0.23
N CYS D 114 37.01 -11.51 -0.51
CA CYS D 114 36.35 -11.48 -1.79
C CYS D 114 37.04 -10.67 -2.84
N GLN D 115 38.20 -10.15 -2.53
CA GLN D 115 38.89 -9.39 -3.52
C GLN D 115 38.14 -8.16 -3.85
N GLY D 116 37.26 -7.67 -2.97
CA GLY D 116 36.47 -6.49 -3.28
C GLY D 116 35.25 -6.74 -4.14
N ARG D 117 34.98 -7.99 -4.53
CA ARG D 117 33.90 -8.19 -5.47
C ARG D 117 32.49 -8.09 -4.86
N THR D 118 32.42 -8.21 -3.55
CA THR D 118 31.14 -8.30 -2.80
C THR D 118 30.58 -9.70 -2.74
N VAL D 119 31.04 -10.61 -3.60
CA VAL D 119 30.55 -11.98 -3.55
C VAL D 119 31.70 -12.97 -3.31
N GLU D 120 31.42 -14.03 -2.60
CA GLU D 120 32.35 -15.13 -2.44
C GLU D 120 31.87 -16.24 -3.37
N ILE D 121 32.80 -17.03 -3.85
CA ILE D 121 32.52 -18.10 -4.74
C ILE D 121 32.84 -19.51 -4.21
N ASP D 122 32.96 -19.65 -2.91
CA ASP D 122 33.17 -20.99 -2.29
C ASP D 122 32.09 -22.00 -2.71
N ALA D 123 30.85 -21.58 -2.70
CA ALA D 123 29.78 -22.43 -3.19
C ALA D 123 29.86 -22.86 -4.69
N PHE D 124 30.77 -22.30 -5.48
CA PHE D 124 30.94 -22.61 -6.90
C PHE D 124 32.29 -23.29 -7.12
N SER D 125 32.83 -23.96 -6.10
CA SER D 125 34.16 -24.53 -6.28
C SER D 125 34.17 -25.66 -7.37
N GLU D 126 33.10 -26.38 -7.48
CA GLU D 126 32.96 -27.42 -8.47
C GLU D 126 32.86 -26.80 -9.88
N LEU D 127 31.96 -25.83 -10.00
CA LEU D 127 31.84 -25.11 -11.26
C LEU D 127 33.20 -24.51 -11.72
N LEU D 128 33.94 -23.89 -10.80
CA LEU D 128 35.28 -23.36 -11.10
C LEU D 128 36.23 -24.42 -11.61
N GLU D 129 36.25 -25.55 -10.91
CA GLU D 129 37.13 -26.65 -11.32
C GLU D 129 36.72 -27.13 -12.72
N GLN D 130 35.45 -27.37 -12.91
CA GLN D 130 34.97 -27.73 -14.25
C GLN D 130 35.30 -26.70 -15.30
N PHE D 131 35.04 -25.43 -14.99
CA PHE D 131 35.38 -24.34 -15.94
C PHE D 131 36.87 -24.33 -16.34
N LYS D 132 37.76 -24.43 -15.34
CA LYS D 132 39.19 -24.45 -15.62
C LYS D 132 39.58 -25.58 -16.56
N GLU D 133 39.05 -26.74 -16.28
CA GLU D 133 39.30 -27.96 -17.04
C GLU D 133 38.88 -27.78 -18.53
N ILE D 134 37.67 -27.31 -18.77
CA ILE D 134 37.20 -27.13 -20.12
C ILE D 134 37.80 -25.97 -20.88
N THR D 135 38.33 -24.99 -20.18
CA THR D 135 38.88 -23.77 -20.88
C THR D 135 40.43 -23.76 -20.98
N ARG D 136 41.04 -24.77 -20.42
CA ARG D 136 42.48 -25.03 -20.47
C ARG D 136 43.16 -24.70 -21.82
N ASP D 137 42.47 -24.96 -22.90
CA ASP D 137 42.98 -24.68 -24.24
C ASP D 137 42.14 -23.56 -24.93
N ARG D 138 41.71 -22.57 -24.15
CA ARG D 138 40.92 -21.51 -24.72
C ARG D 138 41.65 -20.71 -25.80
N PRO D 139 40.90 -20.13 -26.74
CA PRO D 139 41.58 -19.34 -27.74
C PRO D 139 42.32 -18.17 -27.09
N GLU D 140 43.53 -18.00 -27.56
CA GLU D 140 44.47 -17.01 -27.03
CA GLU D 140 44.47 -17.03 -27.01
C GLU D 140 44.00 -15.63 -27.46
N PRO D 141 44.24 -14.58 -26.63
CA PRO D 141 43.61 -13.35 -27.08
C PRO D 141 44.14 -12.80 -28.41
N ALA D 142 43.23 -12.40 -29.26
CA ALA D 142 43.48 -11.68 -30.52
C ALA D 142 43.52 -10.19 -30.47
N HIS D 143 44.66 -9.67 -30.87
CA HIS D 143 44.94 -8.23 -30.87
C HIS D 143 43.89 -7.47 -31.69
N GLN D 144 43.52 -8.04 -32.85
CA GLN D 144 42.65 -7.29 -33.77
C GLN D 144 41.28 -7.17 -33.15
N PHE D 145 40.94 -7.97 -32.17
CA PHE D 145 39.62 -7.86 -31.54
C PHE D 145 39.61 -7.31 -30.13
N ASP D 146 40.71 -6.60 -29.73
CA ASP D 146 40.82 -6.02 -28.39
C ASP D 146 40.53 -7.04 -27.24
N GLN D 147 40.86 -8.32 -27.46
CA GLN D 147 40.59 -9.39 -26.48
C GLN D 147 41.54 -9.38 -25.29
N ALA D 148 40.99 -9.80 -24.16
CA ALA D 148 41.76 -10.22 -22.98
C ALA D 148 40.78 -10.81 -22.05
N TYR D 149 40.89 -12.09 -21.75
CA TYR D 149 39.99 -12.76 -20.90
C TYR D 149 40.24 -12.55 -19.42
N VAL D 150 39.13 -12.51 -18.66
CA VAL D 150 39.27 -12.42 -17.23
C VAL D 150 39.70 -13.72 -16.61
N THR D 151 40.20 -13.63 -15.40
CA THR D 151 40.54 -14.83 -14.69
C THR D 151 39.29 -15.79 -14.52
N PRO D 152 39.56 -17.09 -14.39
CA PRO D 152 38.48 -18.02 -14.15
C PRO D 152 37.67 -17.66 -12.87
N GLU D 153 38.33 -17.14 -11.89
CA GLU D 153 37.67 -16.74 -10.67
C GLU D 153 36.68 -15.57 -10.94
N THR D 154 37.14 -14.64 -11.77
CA THR D 154 36.28 -13.54 -12.21
C THR D 154 35.04 -14.10 -12.95
N THR D 155 35.22 -14.98 -13.94
CA THR D 155 34.08 -15.53 -14.63
C THR D 155 33.07 -16.20 -13.65
N VAL D 156 33.59 -16.97 -12.72
CA VAL D 156 32.69 -17.61 -11.75
C VAL D 156 32.05 -16.54 -10.86
N ALA D 157 32.80 -15.53 -10.46
CA ALA D 157 32.20 -14.49 -9.61
C ALA D 157 31.08 -13.71 -10.34
N ARG D 158 31.24 -13.51 -11.64
CA ARG D 158 30.19 -12.95 -12.49
C ARG D 158 28.89 -13.77 -12.36
N VAL D 159 29.02 -15.12 -12.47
CA VAL D 159 27.82 -15.98 -12.41
C VAL D 159 27.20 -15.79 -11.02
N ALA D 160 28.02 -15.82 -9.97
CA ALA D 160 27.51 -15.74 -8.60
C ALA D 160 26.77 -14.38 -8.42
N LEU D 161 27.34 -13.33 -8.97
CA LEU D 161 26.79 -11.98 -8.82
C LEU D 161 25.42 -11.93 -9.56
N MET D 162 25.40 -12.35 -10.81
CA MET D 162 24.19 -12.30 -11.58
C MET D 162 23.11 -13.22 -10.93
N HIS D 163 23.53 -14.33 -10.34
CA HIS D 163 22.56 -15.25 -9.74
C HIS D 163 21.95 -14.62 -8.48
N SER D 164 22.80 -13.94 -7.72
CA SER D 164 22.37 -13.29 -6.49
C SER D 164 21.38 -12.25 -6.77
N ARG D 165 21.37 -11.66 -7.98
CA ARG D 165 20.38 -10.63 -8.31
C ARG D 165 19.17 -11.16 -9.00
N GLY D 166 19.00 -12.49 -9.12
CA GLY D 166 17.84 -13.02 -9.76
C GLY D 166 17.82 -12.95 -11.29
N ASP D 167 19.01 -12.83 -11.96
CA ASP D 167 19.02 -12.62 -13.38
C ASP D 167 19.52 -13.81 -14.22
N LEU D 168 19.71 -14.97 -13.60
CA LEU D 168 20.07 -16.20 -14.29
C LEU D 168 19.05 -17.33 -14.31
N GLU D 169 18.54 -17.65 -13.13
CA GLU D 169 17.72 -18.91 -12.99
C GLU D 169 16.41 -18.83 -13.76
N ASN D 170 16.27 -19.76 -14.71
CA ASN D 170 15.14 -19.76 -15.67
C ASN D 170 15.02 -18.54 -16.53
N LYS D 171 16.14 -17.86 -16.72
CA LYS D 171 16.19 -16.68 -17.55
C LYS D 171 16.83 -16.92 -18.90
N GLU D 172 16.45 -16.09 -19.86
CA GLU D 172 17.00 -16.11 -21.20
C GLU D 172 18.14 -15.06 -21.26
N VAL D 173 19.36 -15.54 -21.46
CA VAL D 173 20.52 -14.70 -21.24
C VAL D 173 21.28 -14.53 -22.57
N PHE D 174 21.54 -13.30 -22.91
CA PHE D 174 22.39 -12.93 -24.06
C PHE D 174 23.82 -12.51 -23.68
N VAL D 175 24.80 -13.06 -24.38
CA VAL D 175 26.18 -12.77 -24.08
C VAL D 175 26.76 -12.16 -25.35
N LEU D 176 27.08 -10.89 -25.29
CA LEU D 176 27.60 -10.15 -26.41
C LEU D 176 29.08 -10.05 -26.38
N GLY D 177 29.78 -10.89 -27.20
CA GLY D 177 31.20 -11.02 -27.10
C GLY D 177 31.49 -11.99 -25.98
N ASP D 178 32.40 -12.93 -26.18
CA ASP D 178 32.70 -13.90 -25.12
C ASP D 178 34.07 -14.55 -24.98
N ASP D 179 35.13 -13.74 -25.14
CA ASP D 179 36.45 -14.23 -24.83
C ASP D 179 36.63 -14.66 -23.39
N ASP D 180 35.75 -14.17 -22.49
CA ASP D 180 35.75 -14.49 -21.11
C ASP D 180 35.14 -15.86 -20.84
N LEU D 181 34.40 -16.36 -21.85
CA LEU D 181 33.73 -17.64 -21.87
C LEU D 181 32.69 -17.73 -20.80
N THR D 182 32.07 -16.55 -20.54
CA THR D 182 30.97 -16.55 -19.57
C THR D 182 29.84 -17.54 -19.98
N SER D 183 29.62 -17.73 -21.30
CA SER D 183 28.57 -18.59 -21.75
C SER D 183 28.87 -20.04 -21.33
N VAL D 184 30.13 -20.41 -21.28
CA VAL D 184 30.53 -21.74 -20.85
C VAL D 184 30.30 -21.95 -19.33
N ALA D 185 30.66 -20.96 -18.49
CA ALA D 185 30.27 -21.00 -17.07
C ALA D 185 28.77 -21.06 -16.84
N LEU D 186 28.01 -20.33 -17.65
CA LEU D 186 26.54 -20.32 -17.56
C LEU D 186 25.95 -21.70 -17.95
N MET D 187 26.55 -22.34 -18.96
CA MET D 187 26.10 -23.66 -19.33
C MET D 187 26.42 -24.62 -18.19
N LEU D 188 27.63 -24.58 -17.66
CA LEU D 188 27.97 -25.43 -16.58
C LEU D 188 27.16 -25.17 -15.31
N SER D 189 26.65 -23.95 -15.12
CA SER D 189 25.83 -23.72 -13.95
C SER D 189 24.51 -24.40 -14.03
N GLY D 190 24.05 -24.67 -15.26
CA GLY D 190 22.68 -25.15 -15.48
C GLY D 190 21.53 -24.21 -15.04
N LEU D 191 21.79 -22.91 -14.79
CA LEU D 191 20.76 -22.01 -14.36
C LEU D 191 19.86 -21.45 -15.44
N PRO D 192 20.41 -20.97 -16.61
CA PRO D 192 19.56 -20.27 -17.53
C PRO D 192 18.44 -21.23 -18.13
N LYS D 193 17.33 -20.65 -18.51
CA LYS D 193 16.41 -21.28 -19.45
C LYS D 193 17.09 -21.49 -20.85
N ARG D 194 17.74 -20.45 -21.36
CA ARG D 194 18.50 -20.61 -22.54
C ARG D 194 19.58 -19.53 -22.60
N ILE D 195 20.52 -19.70 -23.50
CA ILE D 195 21.56 -18.77 -23.78
C ILE D 195 21.74 -18.46 -25.25
N ALA D 196 22.02 -17.22 -25.55
CA ALA D 196 22.49 -16.81 -26.85
C ALA D 196 23.77 -16.06 -26.72
N VAL D 197 24.67 -16.27 -27.65
CA VAL D 197 26.04 -15.78 -27.62
C VAL D 197 26.51 -15.46 -29.03
N LEU D 198 27.10 -14.25 -29.17
CA LEU D 198 27.71 -13.85 -30.39
C LEU D 198 29.16 -13.41 -30.14
N ASP D 199 29.93 -13.49 -31.18
CA ASP D 199 31.25 -12.95 -31.19
C ASP D 199 31.69 -12.73 -32.63
N ILE D 200 32.55 -11.73 -32.82
CA ILE D 200 33.20 -11.55 -34.14
C ILE D 200 34.20 -12.65 -34.44
N ASP D 201 34.72 -13.32 -33.42
CA ASP D 201 35.90 -14.20 -33.56
C ASP D 201 35.44 -15.64 -33.69
N GLU D 202 35.47 -16.14 -34.92
CA GLU D 202 35.08 -17.56 -35.14
C GLU D 202 35.78 -18.56 -34.24
N ARG D 203 37.00 -18.27 -33.78
CA ARG D 203 37.68 -19.21 -32.87
C ARG D 203 36.82 -19.38 -31.66
N LEU D 204 36.16 -18.30 -31.21
CA LEU D 204 35.39 -18.38 -30.00
C LEU D 204 34.04 -19.06 -30.15
N THR D 205 33.32 -18.72 -31.23
CA THR D 205 32.01 -19.27 -31.45
C THR D 205 32.18 -20.81 -31.65
N LYS D 206 33.24 -21.18 -32.33
CA LYS D 206 33.55 -22.60 -32.51
C LYS D 206 33.91 -23.26 -31.23
N PHE D 207 34.69 -22.57 -30.41
CA PHE D 207 35.10 -23.15 -29.12
C PHE D 207 33.86 -23.34 -28.24
N ILE D 208 32.94 -22.36 -28.23
CA ILE D 208 31.76 -22.48 -27.43
C ILE D 208 30.83 -23.64 -27.90
N GLU D 209 30.69 -23.78 -29.21
CA GLU D 209 29.94 -24.89 -29.84
C GLU D 209 30.48 -26.24 -29.35
N LYS D 210 31.80 -26.42 -29.42
CA LYS D 210 32.39 -27.64 -28.84
C LYS D 210 32.19 -27.86 -27.37
N ALA D 211 32.36 -26.81 -26.60
CA ALA D 211 32.13 -26.90 -25.18
C ALA D 211 30.68 -27.30 -24.93
N ALA D 212 29.72 -26.75 -25.67
CA ALA D 212 28.31 -27.08 -25.42
C ALA D 212 28.06 -28.61 -25.75
N ASP D 213 28.63 -29.07 -26.86
CA ASP D 213 28.59 -30.50 -27.23
C ASP D 213 29.11 -31.40 -26.12
N GLU D 214 30.28 -31.11 -25.60
CA GLU D 214 30.87 -31.86 -24.52
C GLU D 214 30.03 -31.83 -23.25
N ILE D 215 29.37 -30.70 -22.93
CA ILE D 215 28.55 -30.67 -21.74
C ILE D 215 27.21 -31.33 -22.05
N GLY D 216 26.82 -31.41 -23.31
CA GLY D 216 25.49 -31.91 -23.70
C GLY D 216 24.47 -30.84 -23.52
N TYR D 217 24.86 -29.56 -23.65
CA TYR D 217 23.98 -28.42 -23.29
C TYR D 217 23.17 -28.13 -24.53
N GLU D 218 21.87 -28.21 -24.46
CA GLU D 218 21.04 -28.09 -25.69
C GLU D 218 20.60 -26.69 -26.04
N ASN D 219 20.31 -25.90 -25.05
CA ASN D 219 19.66 -24.60 -25.27
C ASN D 219 20.58 -23.40 -25.39
N ILE D 220 21.53 -23.50 -26.26
CA ILE D 220 22.44 -22.37 -26.53
C ILE D 220 22.42 -22.04 -28.03
N GLU D 221 22.31 -20.78 -28.42
CA GLU D 221 22.43 -20.45 -29.87
C GLU D 221 23.62 -19.54 -30.03
N ILE D 222 24.43 -19.79 -31.05
CA ILE D 222 25.75 -19.20 -31.16
C ILE D 222 25.93 -18.63 -32.53
N PHE D 223 26.40 -17.41 -32.62
CA PHE D 223 26.67 -16.95 -33.91
C PHE D 223 27.76 -15.89 -34.05
N THR D 224 28.38 -15.94 -35.22
CA THR D 224 29.41 -15.00 -35.57
C THR D 224 28.72 -13.70 -36.07
N PHE D 225 29.19 -12.56 -35.61
CA PHE D 225 28.53 -11.29 -35.87
C PHE D 225 29.51 -10.16 -35.46
N ASP D 226 29.42 -9.12 -36.22
CA ASP D 226 30.17 -7.90 -36.03
C ASP D 226 29.19 -6.86 -35.52
N LEU D 227 29.35 -6.44 -34.23
CA LEU D 227 28.41 -5.52 -33.63
C LEU D 227 28.47 -4.03 -34.20
N ARG D 228 29.25 -3.80 -35.23
CA ARG D 228 29.13 -2.52 -35.96
C ARG D 228 27.77 -2.50 -36.68
N LYS D 229 27.23 -3.65 -36.98
CA LYS D 229 25.88 -3.74 -37.57
C LYS D 229 24.79 -3.88 -36.54
N PRO D 230 23.56 -3.46 -36.87
CA PRO D 230 22.37 -3.73 -36.07
C PRO D 230 22.16 -5.18 -35.84
N LEU D 231 21.89 -5.57 -34.61
CA LEU D 231 21.53 -6.94 -34.33
C LEU D 231 20.40 -7.41 -35.19
N PRO D 232 20.42 -8.68 -35.61
CA PRO D 232 19.24 -9.24 -36.30
C PRO D 232 18.01 -9.28 -35.38
N ASP D 233 16.83 -9.32 -35.97
CA ASP D 233 15.55 -9.28 -35.31
C ASP D 233 15.37 -10.35 -34.29
N TYR D 234 16.04 -11.49 -34.45
CA TYR D 234 15.89 -12.50 -33.38
C TYR D 234 16.68 -12.29 -32.14
N ALA D 235 17.63 -11.33 -32.18
CA ALA D 235 18.30 -10.93 -30.96
C ALA D 235 17.53 -9.86 -30.26
N LEU D 236 16.46 -9.30 -30.86
CA LEU D 236 15.80 -8.12 -30.31
C LEU D 236 14.66 -8.40 -29.40
N HIS D 237 14.63 -7.77 -28.23
CA HIS D 237 13.40 -7.80 -27.34
C HIS D 237 12.98 -9.18 -26.86
N LYS D 238 13.91 -10.10 -26.62
CA LYS D 238 13.61 -11.39 -26.30
C LYS D 238 14.35 -11.96 -25.10
N PHE D 239 15.27 -11.21 -24.46
CA PHE D 239 16.09 -11.79 -23.36
C PHE D 239 15.78 -11.13 -21.99
N ASP D 240 16.08 -11.85 -20.92
CA ASP D 240 15.88 -11.24 -19.60
C ASP D 240 17.13 -10.48 -19.09
N THR D 241 18.31 -10.88 -19.57
CA THR D 241 19.59 -10.44 -19.03
C THR D 241 20.61 -10.50 -20.13
N PHE D 242 21.49 -9.54 -20.12
CA PHE D 242 22.65 -9.57 -21.05
C PHE D 242 23.94 -9.35 -20.29
N ILE D 243 25.06 -9.83 -20.86
CA ILE D 243 26.34 -9.52 -20.32
C ILE D 243 27.31 -9.28 -21.46
N THR D 244 28.12 -8.24 -21.31
CA THR D 244 29.12 -7.88 -22.37
C THR D 244 30.30 -7.24 -21.66
N ASP D 245 31.46 -7.21 -22.28
CA ASP D 245 32.63 -6.61 -21.65
C ASP D 245 33.39 -5.84 -22.72
N PRO D 246 32.95 -4.62 -23.02
CA PRO D 246 33.10 -3.89 -24.26
C PRO D 246 34.42 -3.12 -24.34
N PRO D 247 34.83 -2.79 -25.58
CA PRO D 247 35.85 -1.72 -25.72
C PRO D 247 35.26 -0.43 -25.11
N GLU D 248 36.08 0.60 -24.99
CA GLU D 248 35.66 1.73 -24.21
C GLU D 248 35.55 3.04 -24.88
N THR D 249 35.49 3.00 -26.18
CA THR D 249 35.09 4.20 -26.89
C THR D 249 33.60 4.28 -26.65
N VAL D 250 33.07 5.48 -26.71
CA VAL D 250 31.64 5.67 -26.49
C VAL D 250 30.82 5.00 -27.63
N GLU D 251 31.38 5.04 -28.86
CA GLU D 251 30.82 4.18 -29.90
C GLU D 251 30.69 2.72 -29.55
N ALA D 252 31.71 2.16 -29.00
CA ALA D 252 31.66 0.78 -28.68
C ALA D 252 30.67 0.57 -27.54
N ILE D 253 30.57 1.55 -26.63
CA ILE D 253 29.52 1.43 -25.58
C ILE D 253 28.19 1.28 -26.22
N ARG D 254 27.90 2.10 -27.19
CA ARG D 254 26.64 1.95 -27.94
C ARG D 254 26.53 0.55 -28.64
N ALA D 255 27.58 0.14 -29.36
CA ALA D 255 27.50 -1.11 -30.11
C ALA D 255 27.43 -2.40 -29.28
N PHE D 256 27.92 -2.32 -28.04
CA PHE D 256 27.86 -3.48 -27.20
C PHE D 256 26.80 -3.40 -26.10
N VAL D 257 27.00 -2.46 -25.22
CA VAL D 257 25.99 -2.21 -24.11
C VAL D 257 24.65 -1.75 -24.66
N GLY D 258 24.63 -0.76 -25.52
CA GLY D 258 23.41 -0.28 -26.17
C GLY D 258 22.65 -1.37 -26.90
N ARG D 259 23.40 -2.23 -27.67
CA ARG D 259 22.69 -3.30 -28.25
C ARG D 259 22.27 -4.36 -27.30
N GLY D 260 23.05 -4.59 -26.28
CA GLY D 260 22.59 -5.45 -25.25
C GLY D 260 21.23 -5.04 -24.71
N ILE D 261 21.03 -3.75 -24.47
CA ILE D 261 19.77 -3.24 -23.95
C ILE D 261 18.65 -3.64 -24.92
N ALA D 262 18.94 -3.59 -26.23
CA ALA D 262 17.96 -3.88 -27.24
C ALA D 262 17.63 -5.38 -27.29
N THR D 263 18.49 -6.24 -26.75
CA THR D 263 18.10 -7.64 -26.66
C THR D 263 17.00 -7.80 -25.60
N LEU D 264 16.83 -6.82 -24.68
CA LEU D 264 15.99 -7.02 -23.53
C LEU D 264 14.48 -6.88 -23.80
N LYS D 265 13.68 -7.77 -23.16
CA LYS D 265 12.23 -7.81 -23.46
C LYS D 265 11.46 -6.49 -23.12
N GLY D 266 11.92 -5.78 -22.11
CA GLY D 266 11.16 -4.69 -21.53
C GLY D 266 11.69 -4.35 -20.15
N PRO D 267 10.92 -3.59 -19.41
CA PRO D 267 11.32 -3.16 -18.12
C PRO D 267 11.55 -4.33 -17.22
N GLY D 268 12.40 -4.16 -16.21
CA GLY D 268 12.68 -5.21 -15.27
C GLY D 268 13.78 -6.19 -15.65
N CYS D 269 14.41 -5.95 -16.79
CA CYS D 269 15.52 -6.78 -17.23
C CYS D 269 16.93 -6.21 -16.90
N ALA D 270 17.93 -7.07 -16.87
CA ALA D 270 19.23 -6.70 -16.38
C ALA D 270 20.32 -6.69 -17.44
N GLY D 271 21.32 -5.82 -17.20
CA GLY D 271 22.57 -5.81 -17.98
C GLY D 271 23.78 -5.71 -17.09
N TYR D 272 24.85 -6.41 -17.55
CA TYR D 272 26.07 -6.43 -16.85
C TYR D 272 27.24 -6.15 -17.78
N PHE D 273 28.17 -5.27 -17.35
CA PHE D 273 29.35 -5.00 -18.21
C PHE D 273 30.42 -4.43 -17.41
N GLY D 274 31.66 -4.54 -17.90
CA GLY D 274 32.80 -3.88 -17.17
C GLY D 274 33.18 -2.56 -17.81
N ILE D 275 33.61 -1.61 -16.98
CA ILE D 275 34.19 -0.31 -17.46
C ILE D 275 35.44 -0.04 -16.66
N THR D 276 36.53 0.27 -17.35
CA THR D 276 37.85 0.45 -16.67
C THR D 276 38.09 1.93 -16.31
N ARG D 277 38.97 2.11 -15.35
CA ARG D 277 39.69 3.36 -15.15
C ARG D 277 41.01 3.47 -15.93
N ARG D 278 41.48 2.33 -16.47
CA ARG D 278 42.69 2.21 -17.26
C ARG D 278 42.57 2.84 -18.64
N GLU D 279 41.42 2.80 -19.28
CA GLU D 279 41.25 3.27 -20.62
C GLU D 279 40.13 4.27 -20.76
N SER D 280 39.56 4.72 -19.59
CA SER D 280 38.55 5.73 -19.64
C SER D 280 38.75 6.70 -18.42
N SER D 281 38.81 8.02 -18.65
CA SER D 281 38.97 8.99 -17.69
C SER D 281 37.54 9.09 -17.03
N LEU D 282 37.49 9.72 -15.86
CA LEU D 282 36.21 9.96 -15.24
C LEU D 282 35.36 10.96 -16.04
N ASP D 283 35.98 11.80 -16.87
CA ASP D 283 35.22 12.59 -17.82
C ASP D 283 34.51 11.71 -18.78
N LYS D 284 35.16 10.73 -19.28
CA LYS D 284 34.50 9.84 -20.16
C LYS D 284 33.42 8.97 -19.45
N TRP D 285 33.68 8.57 -18.19
CA TRP D 285 32.64 7.93 -17.36
C TRP D 285 31.41 8.76 -17.29
N ARG D 286 31.57 10.05 -17.10
CA ARG D 286 30.43 10.96 -17.08
C ARG D 286 29.67 10.95 -18.41
N GLU D 287 30.39 10.91 -19.53
CA GLU D 287 29.72 10.73 -20.81
C GLU D 287 29.01 9.42 -21.00
N ILE D 288 29.63 8.33 -20.63
CA ILE D 288 29.04 7.01 -20.64
C ILE D 288 27.77 6.91 -19.76
N GLN D 289 27.85 7.43 -18.56
CA GLN D 289 26.66 7.44 -17.65
C GLN D 289 25.57 8.26 -18.22
N ARG D 290 25.87 9.38 -18.90
CA ARG D 290 24.87 10.20 -19.57
C ARG D 290 24.22 9.43 -20.73
N VAL D 291 24.99 8.59 -21.47
CA VAL D 291 24.42 7.79 -22.53
C VAL D 291 23.43 6.78 -21.90
N LEU D 292 23.88 6.15 -20.79
CA LEU D 292 23.05 5.14 -20.16
C LEU D 292 21.69 5.76 -19.69
N LEU D 293 21.80 6.87 -19.00
CA LEU D 293 20.69 7.43 -18.29
C LEU D 293 19.77 8.25 -19.22
N ASN D 294 20.36 8.90 -20.25
CA ASN D 294 19.63 9.92 -21.11
C ASN D 294 19.36 9.32 -22.48
N GLU D 295 20.30 8.60 -23.08
CA GLU D 295 19.93 8.01 -24.38
C GLU D 295 19.21 6.69 -24.28
N PHE D 296 19.68 5.81 -23.42
CA PHE D 296 19.01 4.52 -23.18
C PHE D 296 17.94 4.49 -22.04
N GLY D 297 17.95 5.47 -21.19
CA GLY D 297 17.07 5.49 -20.05
C GLY D 297 17.10 4.30 -19.13
N VAL D 298 18.28 3.71 -18.90
CA VAL D 298 18.39 2.62 -17.93
C VAL D 298 18.90 3.23 -16.60
N VAL D 299 18.79 2.50 -15.52
CA VAL D 299 19.27 2.91 -14.24
C VAL D 299 20.47 2.05 -13.91
N ILE D 300 21.43 2.62 -13.22
CA ILE D 300 22.65 1.92 -12.75
C ILE D 300 22.41 1.45 -11.36
N THR D 301 22.35 0.14 -11.14
CA THR D 301 22.03 -0.43 -9.78
C THR D 301 23.30 -0.72 -8.95
N ASP D 302 24.43 -0.85 -9.59
CA ASP D 302 25.67 -1.36 -8.93
C ASP D 302 26.88 -0.86 -9.76
N ILE D 303 27.93 -0.42 -9.09
CA ILE D 303 29.26 -0.15 -9.71
C ILE D 303 30.30 -0.58 -8.71
N ILE D 304 30.98 -1.65 -8.99
CA ILE D 304 31.82 -2.34 -8.08
C ILE D 304 33.24 -2.32 -8.54
N ARG D 305 34.04 -1.58 -7.80
CA ARG D 305 35.48 -1.38 -8.12
C ARG D 305 36.27 -2.67 -8.30
N ASN D 306 36.94 -2.74 -9.40
CA ASN D 306 37.83 -3.84 -9.64
C ASN D 306 37.24 -5.22 -9.55
N PHE D 307 36.00 -5.41 -9.94
CA PHE D 307 35.41 -6.69 -9.88
C PHE D 307 36.10 -7.67 -10.85
N ASN D 308 36.49 -7.13 -11.98
CA ASN D 308 37.01 -8.01 -13.11
C ASN D 308 38.50 -7.87 -13.11
N GLU D 309 39.20 -8.99 -13.08
CA GLU D 309 40.66 -9.00 -13.11
C GLU D 309 41.04 -9.67 -14.49
N TYR D 310 41.78 -9.01 -15.32
CA TYR D 310 42.07 -9.51 -16.67
C TYR D 310 43.46 -10.23 -16.65
N VAL D 311 43.54 -11.35 -17.36
CA VAL D 311 44.82 -12.11 -17.50
C VAL D 311 45.65 -11.29 -18.58
N ASN D 312 46.88 -10.98 -18.27
CA ASN D 312 47.78 -10.28 -19.15
C ASN D 312 47.81 -10.99 -20.52
N TRP D 313 47.80 -10.19 -21.56
CA TRP D 313 47.67 -10.66 -22.98
C TRP D 313 49.04 -10.58 -23.67
N GLY D 314 49.27 -11.52 -24.57
CA GLY D 314 50.56 -11.70 -25.22
C GLY D 314 50.94 -10.66 -26.26
N TYR D 315 49.98 -9.95 -26.84
CA TYR D 315 50.25 -8.92 -27.84
C TYR D 315 50.70 -7.54 -27.25
N VAL D 316 50.96 -7.52 -25.95
CA VAL D 316 51.30 -6.25 -25.23
C VAL D 316 52.33 -5.35 -25.94
N GLU D 317 53.43 -5.95 -26.44
CA GLU D 317 54.51 -5.11 -27.03
C GLU D 317 54.08 -4.42 -28.31
N GLU D 318 52.99 -4.89 -28.95
CA GLU D 318 52.53 -4.23 -30.17
C GLU D 318 51.50 -3.13 -29.91
N THR D 319 51.22 -2.76 -28.61
CA THR D 319 50.14 -1.88 -28.39
C THR D 319 50.65 -0.44 -28.12
N ARG D 320 49.76 0.51 -28.30
CA ARG D 320 50.02 1.88 -27.93
C ARG D 320 50.62 2.02 -26.53
N ALA D 321 50.13 1.23 -25.58
CA ALA D 321 50.57 1.33 -24.16
C ALA D 321 52.10 1.12 -24.12
N TRP D 322 52.56 0.12 -24.89
CA TRP D 322 54.02 -0.20 -24.93
C TRP D 322 54.83 0.95 -25.42
N ARG D 323 54.32 1.58 -26.50
CA ARG D 323 55.04 2.71 -27.18
C ARG D 323 55.09 3.88 -26.34
N LEU D 324 54.04 4.04 -25.48
CA LEU D 324 53.92 5.26 -24.65
C LEU D 324 54.75 5.21 -23.39
N LEU D 325 54.99 4.03 -22.84
CA LEU D 325 55.61 3.92 -21.50
C LEU D 325 57.06 4.32 -21.50
N PRO D 326 57.48 5.05 -20.47
CA PRO D 326 58.86 5.47 -20.40
C PRO D 326 59.80 4.31 -20.03
N ILE D 327 59.26 3.30 -19.38
CA ILE D 327 59.98 2.11 -19.03
C ILE D 327 59.21 1.00 -19.69
N LYS D 328 59.86 0.10 -20.43
CA LYS D 328 59.13 -0.95 -21.11
C LYS D 328 59.63 -2.29 -20.67
N VAL D 329 58.89 -2.87 -19.73
CA VAL D 329 59.13 -4.21 -19.19
C VAL D 329 57.71 -4.82 -19.20
N LYS D 330 57.54 -6.10 -19.57
CA LYS D 330 56.21 -6.71 -19.50
C LYS D 330 55.62 -6.66 -18.05
N PRO D 331 54.27 -6.53 -17.92
CA PRO D 331 53.70 -6.48 -16.53
C PRO D 331 53.99 -7.80 -15.85
N SER D 332 54.27 -7.77 -14.56
CA SER D 332 54.61 -8.96 -13.78
C SER D 332 53.41 -9.41 -12.91
N TYR D 333 52.28 -8.73 -13.00
CA TYR D 333 51.06 -9.21 -12.29
C TYR D 333 49.86 -8.70 -13.08
N ASN D 334 48.64 -9.04 -12.66
CA ASN D 334 47.50 -8.58 -13.44
C ASN D 334 47.05 -7.21 -13.06
N TRP D 335 47.65 -6.21 -13.69
CA TRP D 335 47.47 -4.78 -13.42
C TRP D 335 46.17 -4.24 -13.97
N TYR D 336 45.56 -4.96 -14.89
CA TYR D 336 44.44 -4.39 -15.62
C TYR D 336 43.14 -4.99 -15.04
N LYS D 337 42.31 -4.09 -14.54
CA LYS D 337 41.04 -4.41 -13.90
C LYS D 337 39.92 -3.50 -14.41
N SER D 338 38.66 -3.93 -14.23
CA SER D 338 37.57 -3.10 -14.54
C SER D 338 36.54 -3.16 -13.41
N TYR D 339 35.71 -2.14 -13.36
CA TYR D 339 34.55 -2.09 -12.45
C TYR D 339 33.35 -2.81 -13.06
N MET D 340 32.60 -3.54 -12.28
CA MET D 340 31.34 -4.22 -12.81
C MET D 340 30.27 -3.22 -12.70
N PHE D 341 29.61 -2.96 -13.78
CA PHE D 341 28.34 -2.19 -13.76
C PHE D 341 27.16 -3.15 -13.97
N ARG D 342 26.09 -2.92 -13.21
CA ARG D 342 24.84 -3.55 -13.47
C ARG D 342 23.85 -2.44 -13.76
N ILE D 343 23.06 -2.64 -14.78
CA ILE D 343 21.96 -1.74 -15.10
C ILE D 343 20.64 -2.52 -15.18
N GLN D 344 19.55 -1.79 -15.09
CA GLN D 344 18.22 -2.37 -15.17
C GLN D 344 17.32 -1.44 -16.01
N THR D 345 16.49 -2.04 -16.84
CA THR D 345 15.49 -1.35 -17.61
C THR D 345 14.20 -1.05 -16.78
N LEU D 346 13.58 0.04 -17.18
CA LEU D 346 12.47 0.62 -16.63
C LEU D 346 11.52 1.01 -17.79
N GLU D 347 10.34 1.47 -17.44
CA GLU D 347 9.41 2.09 -18.43
C GLU D 347 10.19 3.09 -19.29
N GLY D 348 10.12 3.01 -20.62
CA GLY D 348 10.81 3.99 -21.44
C GLY D 348 12.26 3.66 -21.76
N SER D 349 12.84 2.59 -21.20
CA SER D 349 14.20 2.31 -21.53
C SER D 349 14.30 1.94 -23.02
N LYS D 350 15.40 2.16 -23.69
CA LYS D 350 15.52 1.55 -25.07
C LYS D 350 16.96 1.42 -25.42
N GLY D 351 17.25 0.49 -26.35
CA GLY D 351 18.60 0.17 -26.73
C GLY D 351 19.03 0.91 -27.98
N PHE D 352 20.06 0.40 -28.59
CA PHE D 352 20.75 1.01 -29.70
C PHE D 352 20.56 0.07 -30.90
N GLU D 353 20.03 0.61 -32.01
CA GLU D 353 19.70 -0.18 -33.19
C GLU D 353 20.35 0.34 -34.51
N ASP D 354 21.17 1.39 -34.47
CA ASP D 354 21.74 1.97 -35.70
C ASP D 354 22.99 1.31 -36.09
N GLU D 355 23.40 1.56 -37.32
CA GLU D 355 24.71 1.09 -37.77
C GLU D 355 25.77 2.04 -37.37
N ILE D 356 26.91 1.51 -36.94
CA ILE D 356 28.14 2.21 -36.76
C ILE D 356 29.17 1.93 -37.95
N THR D 357 29.63 3.00 -38.57
CA THR D 357 30.57 2.90 -39.73
C THR D 357 31.96 3.40 -39.38
N VAL D 358 32.63 2.73 -38.48
CA VAL D 358 33.93 3.12 -37.98
C VAL D 358 34.70 1.78 -37.94
N GLY D 359 36.00 1.87 -38.31
CA GLY D 359 37.00 0.74 -38.38
C GLY D 359 37.73 0.61 -37.00
N GLN D 360 39.03 1.00 -36.92
CA GLN D 360 39.82 0.94 -35.66
C GLN D 360 39.27 1.78 -34.51
N GLU D 361 38.60 2.90 -34.84
CA GLU D 361 38.05 3.83 -33.83
C GLU D 361 36.83 3.22 -33.08
N LEU D 362 36.45 1.97 -33.44
CA LEU D 362 35.68 1.16 -32.52
C LEU D 362 36.41 0.89 -31.19
N TYR D 363 37.69 0.61 -31.29
CA TYR D 363 38.57 0.37 -30.21
C TYR D 363 39.48 1.50 -29.76
N ASP D 364 39.75 2.50 -30.60
CA ASP D 364 40.75 3.48 -30.28
C ASP D 364 40.13 4.88 -30.07
N ASP D 365 40.56 5.50 -29.02
CA ASP D 365 40.28 6.94 -28.80
C ASP D 365 41.51 7.50 -28.03
N GLU D 366 41.41 8.72 -27.53
CA GLU D 366 42.70 9.29 -26.97
C GLU D 366 43.08 8.59 -25.67
N GLU D 367 42.04 8.02 -24.98
CA GLU D 367 42.28 7.44 -23.71
C GLU D 367 42.70 5.95 -23.70
N SER D 368 42.39 5.28 -24.77
CA SER D 368 42.68 3.86 -24.92
C SER D 368 44.19 3.60 -25.25
N SER D 369 44.65 2.43 -24.83
CA SER D 369 46.08 2.14 -25.13
C SER D 369 46.37 0.68 -25.27
N THR D 370 45.41 -0.26 -25.06
CA THR D 370 45.74 -1.68 -25.04
C THR D 370 45.49 -2.46 -26.38
N THR D 371 45.43 -1.69 -27.45
CA THR D 371 45.65 -2.17 -28.80
C THR D 371 46.73 -1.29 -29.48
N SER E 19 -10.06 -26.37 -5.14
CA SER E 19 -11.49 -26.02 -5.44
C SER E 19 -11.74 -24.48 -5.32
N HIS E 20 -12.06 -23.91 -6.47
CA HIS E 20 -12.37 -22.53 -6.60
C HIS E 20 -13.46 -22.11 -5.55
N MET E 21 -14.55 -22.86 -5.49
CA MET E 21 -15.69 -22.43 -4.64
C MET E 21 -15.35 -22.46 -3.18
N ARG E 22 -14.57 -23.43 -2.74
CA ARG E 22 -14.13 -23.52 -1.35
C ARG E 22 -13.38 -22.22 -0.98
N GLU E 23 -12.52 -21.76 -1.91
CA GLU E 23 -11.71 -20.60 -1.70
C GLU E 23 -12.60 -19.35 -1.61
N ILE E 24 -13.64 -19.26 -2.43
CA ILE E 24 -14.53 -18.11 -2.41
C ILE E 24 -15.26 -18.09 -1.09
N ILE E 25 -15.80 -19.24 -0.70
CA ILE E 25 -16.56 -19.36 0.54
C ILE E 25 -15.71 -19.02 1.77
N GLU E 26 -14.48 -19.52 1.79
CA GLU E 26 -13.51 -19.20 2.83
C GLU E 26 -13.22 -17.73 2.98
N ARG E 27 -13.13 -17.06 1.82
CA ARG E 27 -12.86 -15.61 1.83
C ARG E 27 -14.07 -14.84 2.34
N VAL E 28 -15.27 -15.30 1.95
CA VAL E 28 -16.50 -14.60 2.33
C VAL E 28 -16.59 -14.73 3.88
N LYS E 29 -16.29 -15.88 4.41
CA LYS E 29 -16.24 -16.09 5.88
C LYS E 29 -15.27 -15.18 6.69
N GLU E 30 -14.20 -14.69 6.05
CA GLU E 30 -13.34 -13.76 6.67
C GLU E 30 -14.02 -12.43 6.74
N LYS E 31 -15.09 -12.18 5.95
CA LYS E 31 -15.72 -10.86 5.90
C LYS E 31 -17.01 -10.68 6.67
N THR E 32 -17.64 -11.76 7.11
CA THR E 32 -19.01 -11.70 7.72
C THR E 32 -19.24 -12.95 8.55
N THR E 33 -20.06 -12.82 9.60
CA THR E 33 -20.48 -13.92 10.41
C THR E 33 -21.84 -14.45 9.88
N ILE E 34 -22.42 -13.85 8.86
CA ILE E 34 -23.69 -14.31 8.30
C ILE E 34 -23.36 -15.65 7.66
N PRO E 35 -24.25 -16.66 7.82
CA PRO E 35 -23.88 -17.98 7.22
C PRO E 35 -23.75 -17.90 5.70
N VAL E 36 -22.78 -18.64 5.17
CA VAL E 36 -22.45 -18.66 3.73
C VAL E 36 -22.40 -20.11 3.30
N TYR E 37 -23.10 -20.44 2.23
CA TYR E 37 -23.00 -21.77 1.60
C TYR E 37 -22.63 -21.58 0.12
N GLU E 38 -22.35 -22.69 -0.53
CA GLU E 38 -22.17 -22.67 -1.95
C GLU E 38 -23.33 -22.05 -2.71
N ARG E 39 -24.56 -22.40 -2.27
CA ARG E 39 -25.76 -21.82 -2.84
C ARG E 39 -25.80 -20.31 -2.75
N THR E 40 -25.24 -19.75 -1.69
CA THR E 40 -25.10 -18.30 -1.60
C THR E 40 -24.31 -17.74 -2.74
N ILE E 41 -23.20 -18.39 -3.00
CA ILE E 41 -22.31 -17.99 -4.10
C ILE E 41 -23.02 -18.11 -5.41
N GLU E 42 -23.77 -19.17 -5.59
CA GLU E 42 -24.48 -19.42 -6.84
C GLU E 42 -25.59 -18.41 -7.09
N ASN E 43 -26.34 -18.07 -6.06
CA ASN E 43 -27.39 -17.10 -6.20
C ASN E 43 -26.85 -15.72 -6.63
N VAL E 44 -25.73 -15.31 -6.04
CA VAL E 44 -25.09 -14.10 -6.39
C VAL E 44 -24.53 -14.11 -7.80
N LEU E 45 -23.85 -15.18 -8.15
CA LEU E 45 -23.27 -15.35 -9.54
C LEU E 45 -24.36 -15.40 -10.58
N SER E 46 -25.40 -16.21 -10.28
CA SER E 46 -26.65 -16.21 -11.06
C SER E 46 -27.21 -14.80 -11.29
N ALA E 47 -27.31 -13.97 -10.20
CA ALA E 47 -27.83 -12.63 -10.35
C ALA E 47 -26.92 -11.64 -11.15
N ILE E 48 -25.64 -11.72 -10.92
CA ILE E 48 -24.62 -10.91 -11.64
C ILE E 48 -24.75 -11.12 -13.16
N GLN E 49 -25.00 -12.39 -13.51
CA GLN E 49 -25.16 -12.75 -14.94
C GLN E 49 -26.44 -12.14 -15.56
N ALA E 50 -27.40 -11.68 -14.75
CA ALA E 50 -28.61 -11.01 -15.24
C ALA E 50 -28.56 -9.52 -15.09
N SER E 51 -27.67 -8.98 -14.25
CA SER E 51 -27.68 -7.54 -13.95
C SER E 51 -26.37 -7.17 -13.29
N GLY E 52 -25.89 -5.97 -13.60
CA GLY E 52 -24.69 -5.38 -12.99
C GLY E 52 -25.00 -4.33 -11.92
N ASP E 53 -26.30 -4.11 -11.69
CA ASP E 53 -26.73 -3.07 -10.80
C ASP E 53 -26.78 -3.78 -9.45
N VAL E 54 -26.02 -3.21 -8.54
CA VAL E 54 -25.84 -3.87 -7.23
C VAL E 54 -27.21 -4.04 -6.45
N TRP E 55 -28.13 -3.09 -6.56
CA TRP E 55 -29.42 -3.23 -5.87
C TRP E 55 -30.20 -4.40 -6.43
N ARG E 56 -30.13 -4.57 -7.73
CA ARG E 56 -30.82 -5.62 -8.46
C ARG E 56 -30.14 -6.94 -8.24
N ILE E 57 -28.82 -6.93 -8.01
CA ILE E 57 -28.12 -8.21 -7.64
C ILE E 57 -28.65 -8.66 -6.28
N VAL E 58 -28.81 -7.71 -5.33
CA VAL E 58 -29.37 -8.11 -4.02
C VAL E 58 -30.77 -8.72 -4.24
N ASP E 59 -31.61 -8.00 -4.98
CA ASP E 59 -33.02 -8.38 -5.36
C ASP E 59 -33.07 -9.78 -5.88
N LEU E 60 -32.32 -10.03 -6.97
CA LEU E 60 -32.35 -11.27 -7.59
C LEU E 60 -31.74 -12.44 -6.86
N SER E 61 -30.63 -12.25 -6.18
CA SER E 61 -29.96 -13.28 -5.47
C SER E 61 -30.88 -13.82 -4.32
N GLU E 62 -31.75 -12.95 -3.83
CA GLU E 62 -32.55 -13.17 -2.59
C GLU E 62 -31.61 -13.57 -1.39
N GLU E 63 -30.49 -12.85 -1.29
CA GLU E 63 -29.57 -12.94 -0.12
C GLU E 63 -29.56 -11.58 0.54
N PRO E 64 -29.25 -11.54 1.88
CA PRO E 64 -29.34 -10.29 2.58
C PRO E 64 -28.15 -9.41 2.10
N LEU E 65 -28.47 -8.14 1.90
CA LEU E 65 -27.46 -7.21 1.34
C LEU E 65 -26.03 -7.35 1.90
N PRO E 66 -25.85 -7.44 3.22
CA PRO E 66 -24.43 -7.47 3.70
C PRO E 66 -23.69 -8.73 3.30
N LEU E 67 -24.46 -9.79 3.08
CA LEU E 67 -23.89 -11.06 2.58
C LEU E 67 -23.55 -10.93 1.14
N VAL E 68 -24.43 -10.26 0.40
CA VAL E 68 -24.23 -9.99 -1.05
C VAL E 68 -22.95 -9.19 -1.21
N VAL E 69 -22.84 -8.15 -0.41
CA VAL E 69 -21.63 -7.35 -0.45
C VAL E 69 -20.36 -8.15 -0.12
N ALA E 70 -20.35 -8.95 0.93
CA ALA E 70 -19.18 -9.81 1.21
C ALA E 70 -18.82 -10.77 0.03
N VAL E 71 -19.83 -11.42 -0.57
CA VAL E 71 -19.65 -12.26 -1.74
C VAL E 71 -19.14 -11.49 -2.96
N VAL E 72 -19.72 -10.30 -3.21
CA VAL E 72 -19.25 -9.52 -4.35
C VAL E 72 -17.80 -9.08 -4.14
N THR E 73 -17.53 -8.55 -2.93
CA THR E 73 -16.16 -8.19 -2.54
C THR E 73 -15.16 -9.38 -2.71
N ALA E 74 -15.52 -10.59 -2.20
CA ALA E 74 -14.67 -11.77 -2.32
C ALA E 74 -14.44 -12.11 -3.78
N LEU E 75 -15.48 -11.98 -4.62
CA LEU E 75 -15.37 -12.30 -6.06
C LEU E 75 -14.42 -11.27 -6.75
N TYR E 76 -14.62 -10.02 -6.42
CA TYR E 76 -13.67 -8.98 -6.84
C TYR E 76 -12.20 -9.40 -6.52
N GLU E 77 -11.94 -9.65 -5.21
CA GLU E 77 -10.60 -9.84 -4.69
C GLU E 77 -9.95 -10.97 -5.48
N LEU E 78 -10.71 -12.05 -5.59
CA LEU E 78 -10.20 -13.25 -6.28
C LEU E 78 -10.15 -13.15 -7.85
N GLY E 79 -10.66 -12.08 -8.45
CA GLY E 79 -10.52 -11.86 -9.86
C GLY E 79 -11.68 -12.22 -10.73
N TYR E 80 -12.83 -12.52 -10.13
CA TYR E 80 -13.95 -13.10 -10.85
C TYR E 80 -14.90 -11.98 -11.29
N VAL E 81 -14.88 -10.86 -10.61
CA VAL E 81 -15.69 -9.70 -11.00
C VAL E 81 -14.83 -8.46 -10.93
N ALA E 82 -15.31 -7.46 -11.67
CA ALA E 82 -14.71 -6.17 -11.78
C ALA E 82 -15.85 -5.20 -11.65
N PHE E 83 -15.52 -3.97 -11.34
CA PHE E 83 -16.43 -2.87 -11.32
C PHE E 83 -16.11 -1.92 -12.49
N GLU E 84 -17.03 -1.79 -13.44
CA GLU E 84 -16.84 -0.94 -14.60
C GLU E 84 -18.05 -0.11 -14.80
N ASN E 85 -17.87 1.21 -14.80
CA ASN E 85 -18.94 2.07 -15.20
C ASN E 85 -20.13 1.93 -14.23
N ASN E 86 -19.81 1.81 -12.94
CA ASN E 86 -20.81 1.52 -11.93
C ASN E 86 -21.64 0.24 -12.15
N GLN E 87 -21.05 -0.76 -12.81
CA GLN E 87 -21.67 -2.10 -12.95
C GLN E 87 -20.75 -3.13 -12.32
N VAL E 88 -21.33 -4.10 -11.62
CA VAL E 88 -20.64 -5.34 -11.22
C VAL E 88 -20.72 -6.31 -12.42
N ILE E 89 -19.61 -6.82 -12.90
CA ILE E 89 -19.58 -7.53 -14.17
C ILE E 89 -18.60 -8.64 -13.93
N LEU E 90 -18.78 -9.73 -14.66
CA LEU E 90 -17.90 -10.88 -14.54
C LEU E 90 -16.64 -10.60 -15.41
N THR E 91 -15.43 -10.96 -14.92
CA THR E 91 -14.16 -10.91 -15.69
C THR E 91 -14.11 -12.17 -16.54
N ARG E 92 -13.25 -12.23 -17.53
CA ARG E 92 -13.16 -13.42 -18.36
C ARG E 92 -13.00 -14.61 -17.47
N LYS E 93 -12.29 -14.45 -16.36
CA LYS E 93 -12.16 -15.53 -15.34
C LYS E 93 -13.48 -15.88 -14.58
N GLY E 94 -14.27 -14.84 -14.30
CA GLY E 94 -15.64 -14.99 -13.77
C GLY E 94 -16.51 -15.82 -14.73
N LYS E 95 -16.41 -15.53 -16.04
CA LYS E 95 -17.21 -16.24 -17.07
C LYS E 95 -16.84 -17.69 -17.10
N GLU E 96 -15.59 -17.96 -16.78
CA GLU E 96 -14.98 -19.30 -16.76
C GLU E 96 -15.39 -20.08 -15.53
N LEU E 97 -15.54 -19.36 -14.41
CA LEU E 97 -16.03 -19.96 -13.20
C LEU E 97 -17.47 -20.43 -13.35
N VAL E 98 -18.32 -19.53 -13.86
CA VAL E 98 -19.71 -19.89 -13.94
C VAL E 98 -19.96 -21.01 -14.97
N GLU E 99 -19.24 -20.94 -16.11
CA GLU E 99 -19.26 -22.05 -17.06
C GLU E 99 -18.92 -23.32 -16.34
N LYS E 100 -17.81 -23.31 -15.65
CA LYS E 100 -17.34 -24.52 -15.09
C LYS E 100 -18.31 -25.05 -14.06
N TYR E 101 -18.99 -24.19 -13.31
CA TYR E 101 -19.88 -24.69 -12.25
C TYR E 101 -21.32 -24.89 -12.78
N GLY E 102 -21.61 -24.51 -14.05
CA GLY E 102 -22.96 -24.60 -14.60
C GLY E 102 -23.97 -23.57 -14.07
N ILE E 103 -23.52 -22.40 -13.65
CA ILE E 103 -24.39 -21.38 -12.99
C ILE E 103 -24.83 -20.41 -14.09
N GLY E 104 -26.11 -20.50 -14.44
CA GLY E 104 -26.68 -19.63 -15.43
C GLY E 104 -27.40 -18.49 -14.76
N PRO E 105 -27.76 -17.46 -15.56
CA PRO E 105 -28.59 -16.35 -15.10
C PRO E 105 -29.92 -16.88 -14.68
N ARG E 106 -30.59 -16.27 -13.69
CA ARG E 106 -31.91 -16.74 -13.29
C ARG E 106 -33.00 -16.47 -14.28
N ALA E 107 -33.86 -17.42 -14.57
CA ALA E 107 -35.07 -17.15 -15.36
C ALA E 107 -36.13 -16.62 -14.41
N ASP E 108 -37.04 -15.78 -14.89
CA ASP E 108 -38.15 -15.34 -14.06
C ASP E 108 -39.40 -15.43 -14.87
N TYR E 109 -40.39 -16.07 -14.23
CA TYR E 109 -41.71 -16.23 -14.78
C TYR E 109 -42.77 -15.64 -13.86
N THR E 110 -42.39 -14.69 -12.99
CA THR E 110 -43.33 -13.96 -12.18
C THR E 110 -44.45 -13.50 -13.08
N CYS E 111 -45.67 -13.73 -12.63
CA CYS E 111 -46.81 -13.42 -13.44
C CYS E 111 -46.89 -11.90 -13.65
N SER E 112 -46.99 -11.50 -14.90
CA SER E 112 -46.99 -10.07 -15.29
C SER E 112 -48.25 -9.35 -14.85
N HIS E 113 -49.31 -10.10 -14.63
CA HIS E 113 -50.58 -9.50 -14.20
C HIS E 113 -50.75 -9.11 -12.73
N CYS E 114 -50.44 -10.04 -11.83
CA CYS E 114 -50.59 -9.82 -10.42
C CYS E 114 -49.27 -9.45 -9.78
N GLN E 115 -48.18 -9.41 -10.53
CA GLN E 115 -46.87 -9.14 -9.96
C GLN E 115 -46.47 -10.21 -9.01
N GLY E 116 -46.97 -11.41 -9.19
CA GLY E 116 -46.68 -12.48 -8.22
C GLY E 116 -47.47 -12.44 -6.93
N ARG E 117 -48.42 -11.50 -6.79
CA ARG E 117 -49.12 -11.36 -5.53
C ARG E 117 -50.16 -12.48 -5.21
N THR E 118 -50.52 -13.26 -6.26
CA THR E 118 -51.68 -14.17 -6.33
C THR E 118 -53.01 -13.51 -6.47
N VAL E 119 -53.07 -12.22 -6.37
CA VAL E 119 -54.35 -11.51 -6.21
C VAL E 119 -54.38 -10.35 -7.19
N GLU E 120 -55.50 -10.21 -7.93
CA GLU E 120 -55.71 -9.01 -8.80
C GLU E 120 -56.43 -7.91 -8.09
N ILE E 121 -56.20 -6.67 -8.49
CA ILE E 121 -56.93 -5.58 -7.87
C ILE E 121 -57.89 -4.80 -8.80
N ASP E 122 -58.17 -5.30 -10.00
CA ASP E 122 -59.24 -4.71 -10.90
C ASP E 122 -60.51 -4.37 -10.06
N ALA E 123 -60.94 -5.31 -9.21
CA ALA E 123 -62.17 -5.15 -8.43
C ALA E 123 -62.13 -4.04 -7.45
N PHE E 124 -60.94 -3.47 -7.19
CA PHE E 124 -60.72 -2.44 -6.20
C PHE E 124 -60.22 -1.13 -6.80
N SER E 125 -60.35 -0.98 -8.12
CA SER E 125 -59.88 0.27 -8.80
C SER E 125 -60.31 1.62 -8.19
N GLU E 126 -61.53 1.63 -7.66
CA GLU E 126 -62.10 2.81 -7.01
C GLU E 126 -61.40 3.09 -5.69
N LEU E 127 -61.28 2.04 -4.88
CA LEU E 127 -60.54 2.14 -3.64
C LEU E 127 -59.09 2.61 -3.88
N LEU E 128 -58.41 2.02 -4.86
CA LEU E 128 -57.02 2.44 -5.22
C LEU E 128 -56.95 3.96 -5.48
N GLU E 129 -57.81 4.42 -6.37
CA GLU E 129 -57.96 5.83 -6.73
C GLU E 129 -58.18 6.80 -5.54
N GLN E 130 -59.14 6.46 -4.67
CA GLN E 130 -59.40 7.21 -3.44
C GLN E 130 -58.17 7.19 -2.49
N PHE E 131 -57.58 6.01 -2.30
CA PHE E 131 -56.35 5.85 -1.53
C PHE E 131 -55.19 6.75 -2.01
N LYS E 132 -54.94 6.77 -3.33
CA LYS E 132 -53.85 7.58 -3.87
C LYS E 132 -54.08 9.07 -3.63
N GLU E 133 -55.33 9.50 -3.75
CA GLU E 133 -55.66 10.92 -3.53
C GLU E 133 -55.43 11.39 -2.11
N ILE E 134 -56.00 10.62 -1.19
CA ILE E 134 -56.02 10.91 0.21
C ILE E 134 -54.64 10.67 0.83
N THR E 135 -53.75 9.91 0.14
CA THR E 135 -52.38 9.69 0.64
C THR E 135 -51.28 10.46 -0.04
N ARG E 136 -51.65 11.29 -0.99
CA ARG E 136 -50.66 12.00 -1.78
C ARG E 136 -49.69 12.89 -0.96
N ASP E 137 -50.13 13.38 0.20
CA ASP E 137 -49.26 14.12 1.12
C ASP E 137 -48.96 13.32 2.40
N ARG E 138 -48.79 12.01 2.26
CA ARG E 138 -48.46 11.15 3.40
C ARG E 138 -47.12 11.49 4.00
N PRO E 139 -46.93 11.24 5.32
CA PRO E 139 -45.63 11.42 5.94
C PRO E 139 -44.49 10.61 5.26
N GLU E 140 -43.39 11.28 4.96
CA GLU E 140 -42.31 10.62 4.30
C GLU E 140 -41.55 9.80 5.37
N PRO E 141 -40.87 8.73 4.92
CA PRO E 141 -40.32 7.76 5.81
C PRO E 141 -39.31 8.35 6.77
N ALA E 142 -39.48 8.08 8.05
CA ALA E 142 -38.50 8.50 9.08
C ALA E 142 -37.47 7.41 9.31
N HIS E 143 -36.24 7.80 9.10
CA HIS E 143 -35.09 6.95 9.32
C HIS E 143 -35.10 6.35 10.73
N GLN E 144 -35.44 7.16 11.70
CA GLN E 144 -35.33 6.67 13.06
C GLN E 144 -36.28 5.53 13.36
N PHE E 145 -37.37 5.40 12.63
CA PHE E 145 -38.33 4.35 12.94
C PHE E 145 -38.35 3.24 11.86
N ASP E 146 -37.32 3.16 11.07
CA ASP E 146 -37.13 2.11 10.05
C ASP E 146 -38.23 2.12 9.03
N GLN E 147 -38.81 3.29 8.74
CA GLN E 147 -39.94 3.39 7.83
C GLN E 147 -39.63 3.27 6.32
N ALA E 148 -40.62 2.74 5.58
CA ALA E 148 -40.71 2.76 4.12
C ALA E 148 -42.04 2.18 3.75
N TYR E 149 -42.82 2.99 3.07
CA TYR E 149 -44.18 2.62 2.76
C TYR E 149 -44.22 1.85 1.52
N VAL E 150 -45.13 0.87 1.50
CA VAL E 150 -45.36 0.15 0.27
C VAL E 150 -46.09 0.97 -0.78
N THR E 151 -46.03 0.51 -2.02
CA THR E 151 -46.77 1.12 -3.10
C THR E 151 -48.29 1.07 -2.81
N PRO E 152 -49.06 2.07 -3.29
CA PRO E 152 -50.51 2.07 -3.15
C PRO E 152 -51.19 0.76 -3.58
N GLU E 153 -50.73 0.22 -4.72
CA GLU E 153 -51.17 -1.07 -5.25
C GLU E 153 -50.94 -2.19 -4.22
N THR E 154 -49.77 -2.21 -3.57
CA THR E 154 -49.45 -3.25 -2.59
C THR E 154 -50.48 -3.09 -1.45
N THR E 155 -50.74 -1.84 -1.01
CA THR E 155 -51.64 -1.61 0.12
C THR E 155 -53.06 -2.15 -0.22
N VAL E 156 -53.49 -1.94 -1.47
CA VAL E 156 -54.82 -2.38 -1.89
C VAL E 156 -54.80 -3.88 -2.04
N ALA E 157 -53.71 -4.45 -2.56
CA ALA E 157 -53.62 -5.91 -2.68
C ALA E 157 -53.65 -6.61 -1.35
N ARG E 158 -53.10 -5.97 -0.32
CA ARG E 158 -53.21 -6.48 1.04
C ARG E 158 -54.68 -6.62 1.46
N VAL E 159 -55.47 -5.58 1.19
CA VAL E 159 -56.89 -5.61 1.51
C VAL E 159 -57.59 -6.78 0.78
N ALA E 160 -57.34 -6.87 -0.53
CA ALA E 160 -57.87 -7.90 -1.37
C ALA E 160 -57.49 -9.27 -0.78
N LEU E 161 -56.20 -9.46 -0.55
CA LEU E 161 -55.75 -10.72 0.10
C LEU E 161 -56.52 -11.04 1.39
N MET E 162 -56.56 -10.10 2.34
CA MET E 162 -57.11 -10.41 3.65
C MET E 162 -58.64 -10.68 3.55
N HIS E 163 -59.30 -9.94 2.68
CA HIS E 163 -60.74 -10.16 2.40
C HIS E 163 -60.95 -11.53 1.82
N SER E 164 -60.09 -11.93 0.87
CA SER E 164 -60.22 -13.22 0.21
C SER E 164 -60.11 -14.32 1.17
N ARG E 165 -59.51 -14.11 2.33
CA ARG E 165 -59.44 -15.21 3.27
C ARG E 165 -60.46 -15.13 4.37
N GLY E 166 -61.37 -14.15 4.31
CA GLY E 166 -62.37 -13.96 5.26
C GLY E 166 -62.04 -13.09 6.42
N ASP E 167 -61.01 -12.23 6.39
CA ASP E 167 -60.45 -11.72 7.65
C ASP E 167 -60.71 -10.25 7.88
N LEU E 168 -61.53 -9.65 7.00
CA LEU E 168 -61.91 -8.23 7.15
C LEU E 168 -63.40 -7.91 7.45
N GLU E 169 -64.28 -8.59 6.74
CA GLU E 169 -65.75 -8.31 6.77
C GLU E 169 -66.34 -8.49 8.15
N ASN E 170 -66.79 -7.36 8.72
CA ASN E 170 -67.30 -7.28 10.10
C ASN E 170 -66.31 -7.82 11.11
N LYS E 171 -65.01 -7.70 10.83
CA LYS E 171 -63.97 -8.16 11.77
C LYS E 171 -63.39 -6.96 12.46
N GLU E 172 -62.81 -7.24 13.60
CA GLU E 172 -62.18 -6.26 14.43
C GLU E 172 -60.70 -6.35 14.17
N VAL E 173 -60.13 -5.28 13.57
CA VAL E 173 -58.78 -5.34 12.97
C VAL E 173 -57.82 -4.43 13.72
N PHE E 174 -56.69 -5.01 14.14
CA PHE E 174 -55.57 -4.27 14.73
C PHE E 174 -54.37 -4.12 13.74
N VAL E 175 -53.92 -2.89 13.52
CA VAL E 175 -52.84 -2.51 12.68
C VAL E 175 -51.67 -2.03 13.58
N LEU E 176 -50.65 -2.88 13.70
CA LEU E 176 -49.47 -2.56 14.54
C LEU E 176 -48.35 -1.97 13.68
N GLY E 177 -48.26 -0.65 13.71
CA GLY E 177 -47.42 0.19 12.86
C GLY E 177 -48.19 0.48 11.58
N ASP E 178 -48.14 1.70 11.04
CA ASP E 178 -48.89 1.90 9.79
C ASP E 178 -48.38 2.92 8.87
N ASP E 179 -47.07 2.94 8.65
CA ASP E 179 -46.55 3.85 7.61
C ASP E 179 -47.11 3.53 6.24
N ASP E 180 -47.54 2.28 6.08
CA ASP E 180 -48.21 1.78 4.84
C ASP E 180 -49.63 2.32 4.65
N LEU E 181 -50.21 2.79 5.75
CA LEU E 181 -51.57 3.35 5.78
C LEU E 181 -52.62 2.31 5.29
N THR E 182 -52.39 1.08 5.74
CA THR E 182 -53.38 0.03 5.58
C THR E 182 -54.67 0.41 6.24
N SER E 183 -54.57 1.02 7.43
CA SER E 183 -55.77 1.40 8.15
C SER E 183 -56.58 2.38 7.32
N VAL E 184 -55.92 3.23 6.56
CA VAL E 184 -56.67 4.15 5.67
C VAL E 184 -57.40 3.34 4.59
N ALA E 185 -56.70 2.47 3.90
CA ALA E 185 -57.32 1.60 2.90
C ALA E 185 -58.46 0.81 3.47
N LEU E 186 -58.28 0.35 4.71
CA LEU E 186 -59.33 -0.40 5.40
C LEU E 186 -60.57 0.49 5.67
N MET E 187 -60.35 1.75 6.05
CA MET E 187 -61.49 2.64 6.24
C MET E 187 -62.24 2.79 4.93
N LEU E 188 -61.52 3.05 3.85
CA LEU E 188 -62.12 3.22 2.51
C LEU E 188 -62.86 1.97 2.01
N SER E 189 -62.39 0.80 2.39
CA SER E 189 -63.09 -0.43 2.06
C SER E 189 -64.46 -0.55 2.72
N GLY E 190 -64.63 -0.03 3.95
CA GLY E 190 -65.87 -0.17 4.75
C GLY E 190 -66.07 -1.58 5.31
N LEU E 191 -65.08 -2.48 5.18
CA LEU E 191 -65.27 -3.88 5.55
C LEU E 191 -65.27 -4.17 7.08
N PRO E 192 -64.35 -3.58 7.85
CA PRO E 192 -64.25 -4.09 9.23
C PRO E 192 -65.36 -3.56 10.09
N LYS E 193 -65.63 -4.24 11.17
CA LYS E 193 -66.50 -3.74 12.18
C LYS E 193 -65.83 -2.55 12.88
N ARG E 194 -64.55 -2.75 13.24
CA ARG E 194 -63.74 -1.69 13.79
C ARG E 194 -62.24 -1.87 13.55
N ILE E 195 -61.50 -0.77 13.70
CA ILE E 195 -60.06 -0.74 13.43
C ILE E 195 -59.40 -0.17 14.69
N ALA E 196 -58.31 -0.80 15.12
CA ALA E 196 -57.38 -0.18 16.07
C ALA E 196 -55.99 -0.05 15.40
N VAL E 197 -55.43 1.17 15.41
CA VAL E 197 -54.12 1.43 14.86
C VAL E 197 -53.20 2.00 15.96
N LEU E 198 -51.94 1.64 15.86
CA LEU E 198 -50.88 2.01 16.83
C LEU E 198 -49.62 2.34 16.04
N ASP E 199 -48.89 3.34 16.46
CA ASP E 199 -47.61 3.66 15.82
C ASP E 199 -46.81 4.48 16.80
N ILE E 200 -45.51 4.37 16.72
CA ILE E 200 -44.63 5.15 17.51
C ILE E 200 -44.54 6.58 16.96
N ASP E 201 -44.84 6.79 15.69
CA ASP E 201 -44.65 8.08 15.04
C ASP E 201 -45.93 8.92 15.02
N GLU E 202 -45.91 10.00 15.81
CA GLU E 202 -47.05 10.90 15.94
C GLU E 202 -47.51 11.50 14.61
N ARG E 203 -46.61 11.64 13.63
CA ARG E 203 -46.99 12.14 12.30
C ARG E 203 -48.03 11.23 11.67
N LEU E 204 -47.95 9.93 11.96
CA LEU E 204 -48.80 8.95 11.29
C LEU E 204 -50.11 8.87 12.01
N THR E 205 -50.05 8.78 13.34
CA THR E 205 -51.29 8.69 14.12
C THR E 205 -52.20 9.87 13.82
N LYS E 206 -51.67 11.08 13.78
CA LYS E 206 -52.58 12.19 13.48
C LYS E 206 -52.86 12.38 11.97
N PHE E 207 -52.04 11.84 11.08
CA PHE E 207 -52.45 11.76 9.66
C PHE E 207 -53.63 10.80 9.50
N ILE E 208 -53.60 9.71 10.24
CA ILE E 208 -54.67 8.72 10.18
C ILE E 208 -56.01 9.30 10.72
N GLU E 209 -55.91 10.04 11.81
CA GLU E 209 -57.05 10.69 12.47
C GLU E 209 -57.74 11.69 11.52
N LYS E 210 -56.94 12.37 10.72
CA LYS E 210 -57.35 13.34 9.72
C LYS E 210 -57.97 12.67 8.46
N ALA E 211 -57.37 11.56 8.01
CA ALA E 211 -58.02 10.72 7.00
C ALA E 211 -59.35 10.16 7.52
N ALA E 212 -59.41 9.81 8.82
CA ALA E 212 -60.65 9.21 9.39
C ALA E 212 -61.83 10.20 9.35
N ASP E 213 -61.57 11.44 9.81
CA ASP E 213 -62.50 12.58 9.67
C ASP E 213 -62.87 12.84 8.23
N GLU E 214 -61.88 12.97 7.37
CA GLU E 214 -62.11 13.24 5.94
C GLU E 214 -62.95 12.14 5.29
N ILE E 215 -62.80 10.92 5.76
CA ILE E 215 -63.64 9.78 5.34
C ILE E 215 -65.01 9.83 6.04
N GLY E 216 -65.02 10.25 7.31
CA GLY E 216 -66.19 10.13 8.19
C GLY E 216 -66.33 8.76 8.82
N TYR E 217 -65.19 8.05 8.93
CA TYR E 217 -65.18 6.72 9.51
C TYR E 217 -65.22 6.81 11.04
N GLU E 218 -66.12 6.03 11.59
CA GLU E 218 -66.53 6.13 12.97
C GLU E 218 -65.68 5.23 13.83
N ASN E 219 -65.53 3.97 13.43
CA ASN E 219 -65.13 2.92 14.37
C ASN E 219 -63.61 2.64 14.33
N ILE E 220 -62.81 3.69 14.46
CA ILE E 220 -61.32 3.54 14.52
C ILE E 220 -60.79 4.14 15.80
N GLU E 221 -59.86 3.48 16.48
CA GLU E 221 -59.11 4.10 17.59
C GLU E 221 -57.63 4.05 17.26
N ILE E 222 -56.95 5.15 17.53
CA ILE E 222 -55.69 5.50 17.02
C ILE E 222 -54.83 5.90 18.22
N PHE E 223 -53.61 5.33 18.33
CA PHE E 223 -52.73 5.75 19.42
C PHE E 223 -51.24 5.65 19.16
N THR E 224 -50.47 6.51 19.81
CA THR E 224 -49.06 6.40 19.79
C THR E 224 -48.66 5.31 20.80
N PHE E 225 -47.65 4.50 20.42
CA PHE E 225 -47.15 3.45 21.32
C PHE E 225 -45.80 3.03 20.81
N ASP E 226 -44.91 2.70 21.75
CA ASP E 226 -43.66 2.02 21.47
C ASP E 226 -43.75 0.55 21.83
N LEU E 227 -43.65 -0.29 20.78
CA LEU E 227 -43.84 -1.76 20.93
C LEU E 227 -42.71 -2.50 21.63
N ARG E 228 -41.71 -1.78 22.13
CA ARG E 228 -40.79 -2.38 23.11
C ARG E 228 -41.49 -2.76 24.38
N LYS E 229 -42.54 -1.99 24.70
CA LYS E 229 -43.26 -2.22 25.95
C LYS E 229 -44.41 -3.15 25.72
N PRO E 230 -44.85 -3.87 26.77
CA PRO E 230 -46.04 -4.71 26.65
C PRO E 230 -47.32 -3.94 26.34
N LEU E 231 -48.20 -4.53 25.52
CA LEU E 231 -49.47 -3.88 25.24
C LEU E 231 -50.34 -3.90 26.50
N PRO E 232 -51.11 -2.80 26.78
CA PRO E 232 -52.07 -2.82 27.90
C PRO E 232 -53.14 -3.89 27.68
N ASP E 233 -53.90 -4.20 28.74
CA ASP E 233 -54.95 -5.27 28.65
C ASP E 233 -56.10 -4.85 27.80
N TYR E 234 -56.37 -3.56 27.78
CA TYR E 234 -57.47 -3.03 26.97
C TYR E 234 -57.30 -3.32 25.48
N ALA E 235 -56.18 -3.93 25.09
CA ALA E 235 -55.97 -4.30 23.71
C ALA E 235 -55.76 -5.80 23.51
N LEU E 236 -55.74 -6.62 24.58
CA LEU E 236 -55.42 -8.07 24.39
C LEU E 236 -56.67 -8.92 24.21
N HIS E 237 -56.54 -9.98 23.42
CA HIS E 237 -57.62 -10.98 23.24
C HIS E 237 -58.94 -10.35 22.80
N LYS E 238 -58.92 -9.39 21.88
CA LYS E 238 -60.14 -8.67 21.45
C LYS E 238 -60.28 -8.46 19.94
N PHE E 239 -59.32 -8.92 19.13
CA PHE E 239 -59.36 -8.68 17.71
C PHE E 239 -59.43 -9.98 16.92
N ASP E 240 -59.89 -9.89 15.69
CA ASP E 240 -60.05 -11.08 14.87
C ASP E 240 -58.84 -11.28 13.97
N THR E 241 -58.21 -10.16 13.59
CA THR E 241 -57.15 -10.08 12.62
C THR E 241 -56.19 -8.97 12.97
N PHE E 242 -54.90 -9.18 12.70
CA PHE E 242 -53.93 -8.09 12.84
C PHE E 242 -53.04 -8.06 11.61
N ILE E 243 -52.49 -6.90 11.35
CA ILE E 243 -51.51 -6.78 10.29
C ILE E 243 -50.42 -5.90 10.84
N THR E 244 -49.19 -6.29 10.56
CA THR E 244 -48.03 -5.54 10.92
C THR E 244 -46.94 -5.78 9.82
N ASP E 245 -46.01 -4.87 9.68
CA ASP E 245 -44.95 -5.04 8.69
C ASP E 245 -43.66 -4.66 9.38
N PRO E 246 -43.03 -5.65 9.98
CA PRO E 246 -42.12 -5.25 11.03
C PRO E 246 -40.67 -5.07 10.63
N PRO E 247 -39.82 -4.57 11.58
CA PRO E 247 -38.42 -4.67 11.35
C PRO E 247 -38.05 -6.11 11.37
N GLU E 248 -36.80 -6.41 11.05
CA GLU E 248 -36.42 -7.83 10.90
C GLU E 248 -35.56 -8.56 11.89
N THR E 249 -35.36 -7.94 13.00
CA THR E 249 -34.69 -8.65 14.03
C THR E 249 -35.70 -9.63 14.59
N VAL E 250 -35.20 -10.66 15.24
CA VAL E 250 -36.05 -11.62 15.89
C VAL E 250 -36.77 -10.98 17.03
N GLU E 251 -36.04 -10.16 17.82
CA GLU E 251 -36.72 -9.40 18.79
C GLU E 251 -37.88 -8.53 18.25
N ALA E 252 -37.68 -7.80 17.14
CA ALA E 252 -38.79 -7.05 16.60
C ALA E 252 -39.98 -7.94 16.18
N ILE E 253 -39.68 -9.17 15.74
CA ILE E 253 -40.77 -10.12 15.33
C ILE E 253 -41.61 -10.43 16.59
N ARG E 254 -40.97 -10.60 17.73
CA ARG E 254 -41.78 -10.73 18.99
C ARG E 254 -42.62 -9.51 19.31
N ALA E 255 -42.01 -8.36 19.16
CA ALA E 255 -42.62 -7.11 19.56
C ALA E 255 -43.77 -6.67 18.64
N PHE E 256 -43.70 -7.08 17.35
CA PHE E 256 -44.68 -6.66 16.37
C PHE E 256 -45.62 -7.80 16.08
N VAL E 257 -45.07 -8.89 15.59
CA VAL E 257 -45.90 -10.10 15.32
C VAL E 257 -46.41 -10.83 16.54
N GLY E 258 -45.50 -11.09 17.49
CA GLY E 258 -45.87 -11.74 18.71
C GLY E 258 -46.94 -10.93 19.49
N ARG E 259 -46.76 -9.62 19.58
CA ARG E 259 -47.83 -8.78 20.25
C ARG E 259 -49.13 -8.83 19.44
N GLY E 260 -48.98 -8.83 18.12
CA GLY E 260 -50.13 -8.92 17.25
C GLY E 260 -51.00 -10.14 17.62
N ILE E 261 -50.32 -11.27 17.83
CA ILE E 261 -50.99 -12.49 18.15
C ILE E 261 -51.67 -12.38 19.52
N ALA E 262 -51.06 -11.70 20.48
CA ALA E 262 -51.75 -11.44 21.76
C ALA E 262 -52.99 -10.57 21.67
N THR E 263 -53.14 -9.77 20.60
CA THR E 263 -54.36 -9.03 20.35
C THR E 263 -55.51 -9.93 19.87
N LEU E 264 -55.24 -11.20 19.55
CA LEU E 264 -56.26 -12.00 18.91
C LEU E 264 -57.12 -12.71 19.97
N LYS E 265 -58.42 -12.81 19.67
CA LYS E 265 -59.46 -13.37 20.64
C LYS E 265 -59.15 -14.79 21.09
N GLY E 266 -58.69 -15.63 20.15
CA GLY E 266 -58.36 -17.02 20.41
C GLY E 266 -58.21 -17.73 19.06
N PRO E 267 -58.46 -19.05 19.04
CA PRO E 267 -58.31 -19.78 17.78
C PRO E 267 -59.15 -19.27 16.62
N GLY E 268 -58.63 -19.50 15.38
CA GLY E 268 -59.28 -19.10 14.19
C GLY E 268 -59.12 -17.68 13.74
N CYS E 269 -58.15 -17.01 14.34
CA CYS E 269 -57.89 -15.60 14.06
C CYS E 269 -56.62 -15.54 13.21
N ALA E 270 -56.49 -14.43 12.48
CA ALA E 270 -55.49 -14.29 11.43
C ALA E 270 -54.51 -13.18 11.66
N GLY E 271 -53.27 -13.43 11.21
CA GLY E 271 -52.27 -12.37 11.25
C GLY E 271 -51.57 -12.28 9.89
N TYR E 272 -51.23 -11.03 9.51
CA TYR E 272 -50.49 -10.81 8.23
C TYR E 272 -49.27 -9.94 8.46
N PHE E 273 -48.18 -10.26 7.80
CA PHE E 273 -46.96 -9.56 7.96
C PHE E 273 -45.91 -9.87 6.90
N GLY E 274 -45.09 -8.91 6.58
CA GLY E 274 -44.05 -9.15 5.53
C GLY E 274 -42.71 -9.56 6.23
N ILE E 275 -41.92 -10.33 5.52
CA ILE E 275 -40.62 -10.75 5.91
C ILE E 275 -39.75 -10.77 4.62
N THR E 276 -38.62 -10.09 4.70
CA THR E 276 -37.78 -9.98 3.45
C THR E 276 -36.75 -11.06 3.34
N ARG E 277 -36.20 -11.20 2.13
CA ARG E 277 -34.93 -11.85 1.87
C ARG E 277 -33.75 -10.84 1.78
N ARG E 278 -34.07 -9.55 1.87
CA ARG E 278 -33.16 -8.44 1.78
C ARG E 278 -32.37 -8.27 3.11
N GLU E 279 -33.01 -8.46 4.26
CA GLU E 279 -32.45 -8.19 5.54
C GLU E 279 -32.43 -9.37 6.48
N SER E 280 -32.93 -10.52 6.03
CA SER E 280 -33.02 -11.73 6.82
C SER E 280 -32.48 -12.86 5.91
N SER E 281 -31.47 -13.57 6.39
CA SER E 281 -31.02 -14.83 5.73
C SER E 281 -32.04 -15.96 5.93
N LEU E 282 -31.93 -17.00 5.10
CA LEU E 282 -32.75 -18.16 5.39
C LEU E 282 -32.47 -18.81 6.73
N ASP E 283 -31.24 -18.69 7.25
CA ASP E 283 -30.98 -19.08 8.66
C ASP E 283 -31.86 -18.31 9.66
N LYS E 284 -32.00 -17.02 9.46
CA LYS E 284 -32.84 -16.21 10.26
C LYS E 284 -34.34 -16.60 9.99
N TRP E 285 -34.71 -16.86 8.75
CA TRP E 285 -36.07 -17.38 8.45
C TRP E 285 -36.40 -18.64 9.24
N ARG E 286 -35.44 -19.54 9.32
CA ARG E 286 -35.68 -20.73 10.15
C ARG E 286 -35.89 -20.37 11.63
N GLU E 287 -35.09 -19.45 12.15
CA GLU E 287 -35.24 -18.96 13.53
CA GLU E 287 -35.30 -19.15 13.56
C GLU E 287 -36.64 -18.39 13.76
N ILE E 288 -37.06 -17.51 12.82
CA ILE E 288 -38.33 -16.88 12.88
C ILE E 288 -39.51 -17.90 12.81
N GLN E 289 -39.43 -18.84 11.86
CA GLN E 289 -40.48 -19.87 11.74
C GLN E 289 -40.57 -20.69 12.98
N ARG E 290 -39.41 -20.98 13.58
CA ARG E 290 -39.40 -21.73 14.88
C ARG E 290 -40.07 -20.93 16.00
N VAL E 291 -39.91 -19.60 15.99
CA VAL E 291 -40.54 -18.79 16.95
C VAL E 291 -42.07 -18.94 16.77
N LEU E 292 -42.53 -18.65 15.57
CA LEU E 292 -43.94 -18.72 15.21
C LEU E 292 -44.61 -20.02 15.62
N LEU E 293 -43.96 -21.12 15.26
CA LEU E 293 -44.50 -22.47 15.49
C LEU E 293 -44.33 -22.99 16.91
N ASN E 294 -43.24 -22.58 17.56
CA ASN E 294 -42.90 -23.11 18.87
C ASN E 294 -43.17 -22.14 20.00
N GLU E 295 -42.84 -20.88 19.88
CA GLU E 295 -43.15 -19.92 20.94
C GLU E 295 -44.61 -19.51 20.94
N PHE E 296 -45.13 -19.23 19.78
CA PHE E 296 -46.49 -18.79 19.65
C PHE E 296 -47.49 -19.87 19.22
N GLY E 297 -47.04 -21.03 18.74
CA GLY E 297 -47.92 -22.07 18.35
C GLY E 297 -48.91 -21.70 17.31
N VAL E 298 -48.54 -20.90 16.33
CA VAL E 298 -49.41 -20.54 15.23
C VAL E 298 -48.98 -21.34 14.05
N VAL E 299 -49.87 -21.42 13.05
CA VAL E 299 -49.62 -22.09 11.76
C VAL E 299 -49.40 -21.05 10.68
N ILE E 300 -48.49 -21.34 9.73
CA ILE E 300 -48.24 -20.44 8.64
C ILE E 300 -49.13 -20.95 7.44
N THR E 301 -50.11 -20.15 7.01
CA THR E 301 -51.00 -20.63 5.92
C THR E 301 -50.59 -20.20 4.53
N ASP E 302 -49.82 -19.12 4.41
CA ASP E 302 -49.33 -18.60 3.11
C ASP E 302 -47.96 -17.94 3.31
N ILE E 303 -47.11 -18.10 2.31
CA ILE E 303 -45.88 -17.34 2.18
C ILE E 303 -45.73 -16.97 0.76
N ILE E 304 -45.92 -15.67 0.45
CA ILE E 304 -46.03 -15.31 -0.96
C ILE E 304 -44.88 -14.36 -1.31
N ARG E 305 -44.04 -14.81 -2.18
CA ARG E 305 -42.86 -14.08 -2.60
C ARG E 305 -43.12 -12.72 -3.16
N ASN E 306 -42.35 -11.75 -2.71
CA ASN E 306 -42.41 -10.38 -3.28
C ASN E 306 -43.76 -9.78 -3.33
N PHE E 307 -44.66 -10.15 -2.40
CA PHE E 307 -46.02 -9.62 -2.39
C PHE E 307 -45.95 -8.09 -2.15
N ASN E 308 -45.07 -7.67 -1.22
CA ASN E 308 -44.94 -6.27 -0.82
C ASN E 308 -43.80 -5.60 -1.59
N GLU E 309 -44.12 -4.53 -2.32
CA GLU E 309 -43.13 -3.69 -2.99
C GLU E 309 -43.02 -2.39 -2.21
N TYR E 310 -41.79 -2.05 -1.81
CA TYR E 310 -41.58 -0.83 -1.03
C TYR E 310 -41.11 0.31 -1.93
N VAL E 311 -41.64 1.51 -1.64
CA VAL E 311 -41.18 2.74 -2.31
C VAL E 311 -39.84 3.09 -1.72
N ASN E 312 -38.85 3.24 -2.57
CA ASN E 312 -37.61 3.89 -2.25
C ASN E 312 -37.70 5.07 -1.33
N TRP E 313 -36.84 5.04 -0.33
CA TRP E 313 -36.94 5.98 0.80
C TRP E 313 -35.74 6.94 0.68
N GLY E 314 -35.99 8.18 1.07
CA GLY E 314 -35.05 9.26 0.95
C GLY E 314 -33.86 9.30 1.88
N TYR E 315 -33.88 8.61 3.01
CA TYR E 315 -32.72 8.55 3.87
C TYR E 315 -31.63 7.51 3.51
N VAL E 316 -31.67 6.94 2.33
CA VAL E 316 -30.76 5.82 1.92
C VAL E 316 -29.29 6.08 2.16
N GLU E 317 -28.88 7.29 1.85
CA GLU E 317 -27.43 7.57 1.86
C GLU E 317 -26.89 7.61 3.27
N GLU E 318 -27.78 7.68 4.29
CA GLU E 318 -27.34 7.68 5.68
C GLU E 318 -27.38 6.26 6.26
N THR E 319 -27.59 5.24 5.43
CA THR E 319 -27.81 3.91 6.02
C THR E 319 -26.62 3.03 5.87
N ARG E 320 -26.61 1.94 6.63
CA ARG E 320 -25.54 1.00 6.56
C ARG E 320 -25.33 0.48 5.12
N ALA E 321 -26.44 0.19 4.44
CA ALA E 321 -26.39 -0.37 3.11
C ALA E 321 -25.54 0.52 2.22
N TRP E 322 -25.84 1.82 2.23
CA TRP E 322 -25.01 2.79 1.50
C TRP E 322 -23.51 2.69 1.80
N ARG E 323 -23.16 2.61 3.07
CA ARG E 323 -21.75 2.54 3.46
C ARG E 323 -21.09 1.27 3.01
N LEU E 324 -21.87 0.18 2.99
CA LEU E 324 -21.30 -1.15 2.58
C LEU E 324 -21.08 -1.36 1.08
N LEU E 325 -21.87 -0.68 0.27
CA LEU E 325 -21.91 -0.95 -1.14
C LEU E 325 -20.65 -0.52 -1.86
N PRO E 326 -20.16 -1.38 -2.73
CA PRO E 326 -18.91 -1.04 -3.42
C PRO E 326 -19.15 -0.03 -4.49
N ILE E 327 -20.36 0.05 -5.04
CA ILE E 327 -20.78 1.11 -5.93
C ILE E 327 -21.98 1.81 -5.31
N LYS E 328 -21.90 3.11 -5.19
CA LYS E 328 -22.88 3.88 -4.42
C LYS E 328 -23.60 4.82 -5.35
N VAL E 329 -24.75 4.37 -5.82
CA VAL E 329 -25.68 5.10 -6.66
C VAL E 329 -27.07 4.81 -6.17
N LYS E 330 -27.89 5.86 -5.92
CA LYS E 330 -29.31 5.71 -5.62
C LYS E 330 -30.02 4.65 -6.46
N PRO E 331 -30.92 3.85 -5.82
CA PRO E 331 -31.64 2.86 -6.56
C PRO E 331 -32.55 3.49 -7.63
N SER E 332 -32.64 2.87 -8.78
CA SER E 332 -33.41 3.40 -9.87
C SER E 332 -34.82 2.84 -9.99
N TYR E 333 -35.14 1.83 -9.19
CA TYR E 333 -36.42 1.09 -9.24
C TYR E 333 -36.65 0.55 -7.79
N ASN E 334 -37.83 0.01 -7.56
CA ASN E 334 -38.10 -0.48 -6.25
C ASN E 334 -37.51 -1.88 -6.02
N TRP E 335 -36.24 -1.90 -5.65
CA TRP E 335 -35.48 -3.12 -5.44
C TRP E 335 -35.85 -3.88 -4.16
N TYR E 336 -36.51 -3.23 -3.19
CA TYR E 336 -36.73 -3.83 -1.89
C TYR E 336 -38.16 -4.33 -1.83
N LYS E 337 -38.28 -5.62 -1.63
CA LYS E 337 -39.58 -6.28 -1.60
C LYS E 337 -39.62 -7.25 -0.44
N SER E 338 -40.78 -7.61 0.07
CA SER E 338 -40.90 -8.65 1.05
C SER E 338 -41.96 -9.69 0.74
N TYR E 339 -41.79 -10.87 1.33
CA TYR E 339 -42.77 -11.91 1.27
C TYR E 339 -43.92 -11.63 2.21
N MET E 340 -45.17 -11.98 1.79
CA MET E 340 -46.32 -11.80 2.69
C MET E 340 -46.52 -13.17 3.36
N PHE E 341 -46.51 -13.15 4.68
CA PHE E 341 -46.87 -14.29 5.48
C PHE E 341 -48.29 -14.09 5.92
N ARG E 342 -48.99 -15.21 6.06
CA ARG E 342 -50.23 -15.20 6.83
C ARG E 342 -50.15 -16.29 7.83
N ILE E 343 -50.61 -15.99 9.03
CA ILE E 343 -50.68 -16.98 10.12
C ILE E 343 -52.09 -17.08 10.61
N GLN E 344 -52.38 -18.21 11.24
CA GLN E 344 -53.71 -18.35 11.94
C GLN E 344 -53.53 -18.98 13.25
N THR E 345 -54.37 -18.57 14.21
CA THR E 345 -54.27 -19.18 15.53
C THR E 345 -55.11 -20.45 15.63
N LEU E 346 -54.64 -21.33 16.48
CA LEU E 346 -55.24 -22.59 16.76
C LEU E 346 -55.34 -22.73 18.31
N GLU E 347 -55.86 -23.86 18.73
CA GLU E 347 -55.81 -24.19 20.13
C GLU E 347 -54.35 -24.21 20.65
N GLY E 348 -54.18 -23.55 21.78
CA GLY E 348 -52.91 -23.43 22.46
C GLY E 348 -51.99 -22.36 21.82
N SER E 349 -52.40 -21.65 20.78
CA SER E 349 -51.61 -20.47 20.32
C SER E 349 -51.52 -19.40 21.43
N LYS E 350 -50.37 -18.70 21.48
CA LYS E 350 -50.21 -17.59 22.43
C LYS E 350 -49.33 -16.50 21.87
N GLY E 351 -49.54 -15.29 22.34
CA GLY E 351 -48.84 -14.09 21.88
C GLY E 351 -47.62 -13.77 22.75
N PHE E 352 -47.07 -12.59 22.53
CA PHE E 352 -45.92 -12.14 23.27
C PHE E 352 -46.37 -11.00 24.16
N GLU E 353 -46.00 -11.05 25.43
CA GLU E 353 -46.43 -10.05 26.42
C GLU E 353 -45.33 -9.45 27.29
N ASP E 354 -44.07 -9.63 26.91
CA ASP E 354 -42.92 -9.23 27.73
C ASP E 354 -42.35 -7.90 27.23
N GLU E 355 -41.60 -7.24 28.11
CA GLU E 355 -40.87 -6.04 27.71
C GLU E 355 -39.65 -6.47 26.94
N ILE E 356 -39.31 -5.74 25.89
CA ILE E 356 -37.96 -5.94 25.27
C ILE E 356 -37.07 -4.73 25.59
N THR E 357 -35.89 -5.02 26.15
CA THR E 357 -34.92 -3.99 26.56
C THR E 357 -33.82 -3.91 25.54
N VAL E 358 -34.09 -3.29 24.42
CA VAL E 358 -33.20 -3.24 23.31
C VAL E 358 -33.38 -1.79 22.87
N GLY E 359 -32.35 -1.20 22.31
CA GLY E 359 -32.53 0.15 21.79
C GLY E 359 -32.55 0.06 20.29
N GLN E 360 -31.54 0.58 19.62
CA GLN E 360 -31.41 0.49 18.14
C GLN E 360 -31.37 -0.97 17.59
N GLU E 361 -30.99 -1.92 18.45
CA GLU E 361 -31.06 -3.34 18.10
C GLU E 361 -32.48 -3.91 17.90
N LEU E 362 -33.55 -3.12 18.16
CA LEU E 362 -34.89 -3.45 17.64
C LEU E 362 -34.85 -3.56 16.08
N TYR E 363 -34.14 -2.63 15.48
CA TYR E 363 -34.01 -2.57 14.01
C TYR E 363 -32.77 -3.15 13.46
N ASP E 364 -31.66 -3.17 14.20
CA ASP E 364 -30.31 -3.52 13.60
C ASP E 364 -29.80 -4.84 14.09
N ASP E 365 -29.44 -5.72 13.15
CA ASP E 365 -28.65 -6.90 13.47
C ASP E 365 -27.65 -7.08 12.29
N GLU E 366 -26.87 -8.15 12.33
CA GLU E 366 -25.77 -8.39 11.36
C GLU E 366 -26.32 -8.37 9.90
N GLU E 367 -27.54 -8.83 9.72
CA GLU E 367 -28.10 -9.02 8.39
C GLU E 367 -28.83 -7.83 7.88
N SER E 368 -29.29 -6.92 8.78
CA SER E 368 -30.00 -5.75 8.30
C SER E 368 -29.06 -4.59 7.83
N SER E 369 -29.59 -3.68 6.99
CA SER E 369 -28.75 -2.66 6.41
C SER E 369 -29.54 -1.41 6.03
N THR E 370 -30.83 -1.38 6.17
CA THR E 370 -31.60 -0.22 5.71
C THR E 370 -31.94 0.86 6.81
N THR E 371 -31.17 0.85 7.89
CA THR E 371 -31.05 1.99 8.77
C THR E 371 -29.56 2.32 8.90
N SER F 19 -77.36 -18.88 22.47
CA SER F 19 -76.37 -18.63 21.41
C SER F 19 -76.29 -19.87 20.45
N HIS F 20 -76.75 -19.64 19.23
CA HIS F 20 -76.76 -20.64 18.17
C HIS F 20 -75.36 -21.29 17.95
N MET F 21 -74.35 -20.45 17.87
CA MET F 21 -72.98 -20.89 17.54
C MET F 21 -72.39 -21.97 18.48
N ARG F 22 -72.50 -21.71 19.79
CA ARG F 22 -72.07 -22.72 20.79
C ARG F 22 -72.79 -24.06 20.55
N GLU F 23 -74.07 -23.98 20.22
CA GLU F 23 -74.85 -25.17 19.90
C GLU F 23 -74.39 -25.94 18.63
N ILE F 24 -74.12 -25.23 17.56
CA ILE F 24 -73.63 -25.90 16.34
C ILE F 24 -72.30 -26.65 16.62
N ILE F 25 -71.40 -25.96 17.30
CA ILE F 25 -70.04 -26.52 17.58
C ILE F 25 -70.11 -27.82 18.41
N GLU F 26 -70.93 -27.78 19.49
CA GLU F 26 -71.22 -28.99 20.30
C GLU F 26 -71.69 -30.16 19.46
N ARG F 27 -72.66 -29.90 18.60
CA ARG F 27 -73.18 -30.93 17.72
C ARG F 27 -72.04 -31.47 16.81
N VAL F 28 -71.22 -30.59 16.25
CA VAL F 28 -70.18 -31.05 15.35
C VAL F 28 -69.19 -31.92 16.13
N LYS F 29 -68.91 -31.54 17.37
CA LYS F 29 -67.98 -32.29 18.19
C LYS F 29 -68.43 -33.73 18.48
N GLU F 30 -69.74 -33.93 18.58
CA GLU F 30 -70.28 -35.28 18.68
C GLU F 30 -69.99 -36.10 17.41
N LYS F 31 -69.75 -35.45 16.28
CA LYS F 31 -69.71 -36.19 15.00
C LYS F 31 -68.29 -36.39 14.40
N THR F 32 -67.30 -35.69 14.92
CA THR F 32 -65.91 -35.85 14.48
C THR F 32 -65.04 -35.54 15.64
N THR F 33 -63.84 -36.13 15.65
CA THR F 33 -62.72 -35.87 16.56
C THR F 33 -61.76 -34.82 15.95
N ILE F 34 -62.02 -34.34 14.73
CA ILE F 34 -61.17 -33.31 14.11
C ILE F 34 -61.45 -32.05 14.87
N PRO F 35 -60.43 -31.25 15.16
CA PRO F 35 -60.72 -30.09 15.99
C PRO F 35 -61.74 -29.17 15.32
N VAL F 36 -62.55 -28.49 16.14
CA VAL F 36 -63.58 -27.60 15.58
C VAL F 36 -63.56 -26.29 16.26
N TYR F 37 -63.65 -25.22 15.53
CA TYR F 37 -63.62 -23.89 16.15
C TYR F 37 -64.77 -23.08 15.55
N GLU F 38 -65.03 -21.92 16.15
CA GLU F 38 -66.05 -21.07 15.57
C GLU F 38 -65.73 -20.71 14.14
N ARG F 39 -64.43 -20.52 13.88
CA ARG F 39 -63.92 -20.23 12.54
C ARG F 39 -64.26 -21.32 11.52
N THR F 40 -64.24 -22.59 11.94
CA THR F 40 -64.58 -23.69 11.05
C THR F 40 -66.03 -23.50 10.50
N ILE F 41 -66.94 -23.16 11.44
CA ILE F 41 -68.33 -23.03 11.16
C ILE F 41 -68.49 -21.81 10.26
N GLU F 42 -67.79 -20.74 10.61
CA GLU F 42 -67.76 -19.57 9.76
C GLU F 42 -67.35 -19.88 8.33
N ASN F 43 -66.27 -20.62 8.16
CA ASN F 43 -65.75 -20.88 6.81
C ASN F 43 -66.73 -21.68 5.99
N VAL F 44 -67.33 -22.73 6.60
CA VAL F 44 -68.34 -23.54 5.97
C VAL F 44 -69.61 -22.72 5.60
N LEU F 45 -70.09 -21.84 6.49
CA LEU F 45 -71.29 -20.95 6.19
C LEU F 45 -71.00 -19.88 5.14
N SER F 46 -69.77 -19.38 5.18
CA SER F 46 -69.27 -18.51 4.14
C SER F 46 -69.33 -19.19 2.79
N ALA F 47 -68.86 -20.41 2.72
CA ALA F 47 -68.84 -21.16 1.47
C ALA F 47 -70.22 -21.55 0.99
N ILE F 48 -71.11 -22.02 1.92
CA ILE F 48 -72.45 -22.35 1.55
C ILE F 48 -73.11 -21.15 0.79
N GLN F 49 -72.94 -19.92 1.31
CA GLN F 49 -73.50 -18.72 0.66
C GLN F 49 -72.97 -18.53 -0.75
N ALA F 50 -71.77 -19.03 -1.06
CA ALA F 50 -71.18 -18.85 -2.41
C ALA F 50 -71.47 -20.03 -3.29
N SER F 51 -71.82 -21.19 -2.73
CA SER F 51 -72.15 -22.34 -3.56
C SER F 51 -72.91 -23.43 -2.76
N GLY F 52 -73.71 -24.16 -3.48
CA GLY F 52 -74.54 -25.24 -2.93
C GLY F 52 -73.91 -26.59 -3.25
N ASP F 53 -72.87 -26.61 -4.12
CA ASP F 53 -72.23 -27.86 -4.55
C ASP F 53 -71.29 -28.28 -3.37
N VAL F 54 -71.48 -29.47 -2.87
CA VAL F 54 -70.81 -29.91 -1.65
C VAL F 54 -69.30 -29.98 -1.87
N TRP F 55 -68.88 -30.42 -3.07
CA TRP F 55 -67.42 -30.35 -3.35
C TRP F 55 -66.84 -28.95 -3.28
N ARG F 56 -67.57 -28.00 -3.85
CA ARG F 56 -67.19 -26.59 -3.86
C ARG F 56 -67.20 -25.97 -2.49
N ILE F 57 -68.03 -26.51 -1.63
CA ILE F 57 -68.08 -26.08 -0.26
C ILE F 57 -66.81 -26.51 0.45
N VAL F 58 -66.38 -27.75 0.21
CA VAL F 58 -65.14 -28.22 0.82
C VAL F 58 -63.99 -27.34 0.34
N ASP F 59 -63.93 -27.14 -0.96
CA ASP F 59 -62.95 -26.27 -1.61
C ASP F 59 -62.97 -24.85 -1.03
N LEU F 60 -64.07 -24.10 -1.11
CA LEU F 60 -64.04 -22.72 -0.60
C LEU F 60 -63.88 -22.56 0.91
N SER F 61 -64.35 -23.50 1.69
CA SER F 61 -64.19 -23.44 3.14
C SER F 61 -62.73 -23.69 3.58
N GLU F 62 -61.97 -24.37 2.76
CA GLU F 62 -60.66 -24.77 3.09
C GLU F 62 -60.54 -25.56 4.38
N GLU F 63 -61.52 -26.40 4.60
CA GLU F 63 -61.60 -27.30 5.77
C GLU F 63 -61.57 -28.75 5.23
N PRO F 64 -61.04 -29.67 6.06
CA PRO F 64 -61.06 -31.03 5.54
C PRO F 64 -62.50 -31.58 5.39
N LEU F 65 -62.63 -32.39 4.38
CA LEU F 65 -63.88 -32.94 3.96
C LEU F 65 -64.72 -33.55 5.07
N PRO F 66 -64.12 -34.48 5.88
CA PRO F 66 -64.98 -35.10 6.93
C PRO F 66 -65.51 -34.02 7.86
N LEU F 67 -64.74 -32.98 8.08
CA LEU F 67 -65.12 -31.94 9.00
C LEU F 67 -66.21 -31.07 8.38
N VAL F 68 -66.10 -30.79 7.10
CA VAL F 68 -67.20 -30.08 6.37
C VAL F 68 -68.51 -30.90 6.45
N VAL F 69 -68.42 -32.20 6.29
CA VAL F 69 -69.56 -33.07 6.40
C VAL F 69 -70.19 -32.95 7.80
N ALA F 70 -69.34 -33.18 8.82
CA ALA F 70 -69.77 -33.10 10.17
C ALA F 70 -70.50 -31.77 10.37
N VAL F 71 -69.96 -30.65 9.87
CA VAL F 71 -70.60 -29.32 10.02
C VAL F 71 -71.95 -29.18 9.26
N VAL F 72 -71.96 -29.66 8.01
CA VAL F 72 -73.14 -29.54 7.19
C VAL F 72 -74.35 -30.29 7.84
N THR F 73 -74.08 -31.53 8.23
CA THR F 73 -74.95 -32.37 8.97
C THR F 73 -75.50 -31.67 10.22
N ALA F 74 -74.63 -31.16 11.09
CA ALA F 74 -75.10 -30.43 12.25
C ALA F 74 -76.00 -29.24 11.87
N LEU F 75 -75.62 -28.48 10.83
CA LEU F 75 -76.48 -27.36 10.36
C LEU F 75 -77.86 -27.82 9.86
N TYR F 76 -77.81 -28.94 9.15
CA TYR F 76 -79.03 -29.69 8.74
C TYR F 76 -79.96 -30.08 9.95
N GLU F 77 -79.44 -30.92 10.84
CA GLU F 77 -80.14 -31.35 12.00
C GLU F 77 -80.69 -30.23 12.86
N LEU F 78 -80.08 -29.07 12.87
CA LEU F 78 -80.56 -27.91 13.66
C LEU F 78 -81.36 -26.95 12.78
N GLY F 79 -81.59 -27.33 11.53
CA GLY F 79 -82.54 -26.64 10.66
C GLY F 79 -82.08 -25.36 9.97
N TYR F 80 -80.75 -25.27 9.76
CA TYR F 80 -80.10 -24.12 9.12
C TYR F 80 -79.80 -24.34 7.65
N VAL F 81 -79.67 -25.62 7.26
CA VAL F 81 -79.62 -25.98 5.87
C VAL F 81 -80.61 -27.03 5.46
N ALA F 82 -80.82 -27.12 4.16
CA ALA F 82 -81.58 -28.18 3.49
C ALA F 82 -80.83 -28.69 2.22
N PHE F 83 -81.17 -29.91 1.81
CA PHE F 83 -80.65 -30.54 0.63
C PHE F 83 -81.79 -30.47 -0.39
N GLU F 84 -81.58 -29.71 -1.45
CA GLU F 84 -82.60 -29.45 -2.49
C GLU F 84 -81.92 -29.43 -3.83
N ASN F 85 -82.33 -30.32 -4.73
CA ASN F 85 -81.76 -30.38 -6.10
C ASN F 85 -80.22 -30.58 -6.09
N ASN F 86 -79.80 -31.50 -5.21
CA ASN F 86 -78.40 -31.83 -4.96
C ASN F 86 -77.51 -30.66 -4.53
N GLN F 87 -78.09 -29.60 -3.98
CA GLN F 87 -77.38 -28.45 -3.46
C GLN F 87 -77.65 -28.39 -1.95
N VAL F 88 -76.62 -27.98 -1.20
CA VAL F 88 -76.73 -27.54 0.15
C VAL F 88 -77.12 -26.05 0.13
N ILE F 89 -78.34 -25.75 0.63
CA ILE F 89 -78.81 -24.35 0.68
C ILE F 89 -79.15 -23.97 2.12
N LEU F 90 -79.17 -22.66 2.39
CA LEU F 90 -79.57 -22.14 3.70
C LEU F 90 -81.10 -22.03 3.74
N THR F 91 -81.68 -22.42 4.86
CA THR F 91 -83.12 -22.29 5.13
C THR F 91 -83.29 -20.81 5.54
N ARG F 92 -84.52 -20.34 5.69
CA ARG F 92 -84.75 -19.05 6.33
C ARG F 92 -83.95 -18.88 7.60
N LYS F 93 -83.97 -19.94 8.42
CA LYS F 93 -83.25 -19.96 9.69
C LYS F 93 -81.72 -19.75 9.47
N GLY F 94 -81.19 -20.45 8.49
CA GLY F 94 -79.81 -20.27 8.05
C GLY F 94 -79.48 -18.84 7.69
N LYS F 95 -80.38 -18.18 6.98
CA LYS F 95 -80.14 -16.82 6.58
C LYS F 95 -80.18 -15.83 7.73
N GLU F 96 -81.04 -16.08 8.72
CA GLU F 96 -81.03 -15.24 9.95
C GLU F 96 -79.74 -15.43 10.71
N LEU F 97 -79.32 -16.68 10.85
CA LEU F 97 -78.07 -17.05 11.51
C LEU F 97 -76.82 -16.30 10.90
N VAL F 98 -76.67 -16.38 9.57
CA VAL F 98 -75.52 -15.73 8.93
C VAL F 98 -75.63 -14.20 8.99
N GLU F 99 -76.88 -13.72 8.94
CA GLU F 99 -77.15 -12.30 9.07
C GLU F 99 -76.84 -11.83 10.51
N LYS F 100 -77.20 -12.63 11.50
CA LYS F 100 -76.92 -12.28 12.90
C LYS F 100 -75.44 -12.24 13.20
N TYR F 101 -74.76 -13.33 12.86
CA TYR F 101 -73.33 -13.43 13.15
C TYR F 101 -72.44 -12.73 12.15
N GLY F 102 -73.00 -12.00 11.19
CA GLY F 102 -72.18 -11.21 10.29
C GLY F 102 -71.38 -12.00 9.25
N ILE F 103 -71.73 -13.25 8.92
CA ILE F 103 -70.94 -14.11 7.97
C ILE F 103 -71.42 -13.94 6.51
N GLY F 104 -70.68 -13.19 5.71
CA GLY F 104 -70.97 -12.99 4.28
C GLY F 104 -70.43 -14.11 3.42
N PRO F 105 -70.81 -14.16 2.16
CA PRO F 105 -70.22 -15.15 1.24
C PRO F 105 -68.72 -14.86 0.97
N ARG F 106 -67.96 -15.95 0.82
CA ARG F 106 -66.51 -15.90 0.65
C ARG F 106 -66.14 -15.30 -0.66
N ALA F 107 -65.44 -14.19 -0.64
CA ALA F 107 -64.96 -13.49 -1.84
C ALA F 107 -63.61 -14.06 -2.30
N ASP F 108 -63.25 -13.78 -3.57
CA ASP F 108 -61.98 -14.28 -4.12
C ASP F 108 -61.41 -13.37 -5.20
N TYR F 109 -60.12 -13.05 -5.13
CA TYR F 109 -59.49 -12.18 -6.08
C TYR F 109 -58.30 -12.89 -6.75
N THR F 110 -58.32 -14.20 -6.81
CA THR F 110 -57.24 -14.95 -7.42
C THR F 110 -56.93 -14.47 -8.78
N CYS F 111 -55.64 -14.24 -9.06
CA CYS F 111 -55.21 -13.75 -10.36
C CYS F 111 -55.71 -14.70 -11.50
N SER F 112 -56.50 -14.16 -12.42
CA SER F 112 -57.09 -14.95 -13.51
C SER F 112 -56.08 -15.27 -14.64
N HIS F 113 -54.87 -14.76 -14.52
CA HIS F 113 -53.85 -14.85 -15.56
C HIS F 113 -52.89 -15.96 -15.19
N CYS F 114 -52.50 -16.09 -13.91
CA CYS F 114 -51.63 -17.19 -13.48
C CYS F 114 -52.37 -18.22 -12.66
N GLN F 115 -53.65 -17.99 -12.35
CA GLN F 115 -54.42 -18.93 -11.51
C GLN F 115 -53.90 -18.96 -10.12
N GLY F 116 -53.37 -17.83 -9.63
CA GLY F 116 -52.79 -17.79 -8.28
C GLY F 116 -51.47 -18.54 -8.09
N ARG F 117 -50.89 -19.13 -9.14
CA ARG F 117 -49.64 -19.92 -8.97
C ARG F 117 -48.36 -19.05 -8.79
N THR F 118 -48.49 -17.77 -9.04
CA THR F 118 -47.40 -16.73 -9.03
C THR F 118 -46.50 -16.75 -10.27
N VAL F 119 -46.63 -17.80 -11.09
CA VAL F 119 -45.84 -17.99 -12.32
C VAL F 119 -46.75 -18.11 -13.53
N GLU F 120 -46.32 -17.55 -14.64
CA GLU F 120 -46.98 -17.83 -15.90
C GLU F 120 -46.13 -18.80 -16.75
N ILE F 121 -46.84 -19.55 -17.57
CA ILE F 121 -46.27 -20.66 -18.35
C ILE F 121 -46.26 -20.44 -19.89
N ASP F 122 -46.49 -19.20 -20.34
CA ASP F 122 -46.16 -18.74 -21.71
C ASP F 122 -44.91 -19.30 -22.32
N ALA F 123 -43.80 -19.11 -21.61
CA ALA F 123 -42.49 -19.47 -22.11
C ALA F 123 -42.37 -20.99 -22.35
N PHE F 124 -43.39 -21.73 -21.92
CA PHE F 124 -43.44 -23.20 -21.92
C PHE F 124 -44.60 -23.81 -22.76
N SER F 125 -45.26 -23.01 -23.61
CA SER F 125 -46.21 -23.55 -24.61
C SER F 125 -45.79 -24.89 -25.26
N GLU F 126 -44.56 -24.89 -25.73
CA GLU F 126 -43.98 -26.01 -26.46
C GLU F 126 -43.93 -27.24 -25.56
N LEU F 127 -43.29 -27.12 -24.41
CA LEU F 127 -43.23 -28.19 -23.42
C LEU F 127 -44.61 -28.74 -23.07
N LEU F 128 -45.58 -27.85 -22.90
CA LEU F 128 -46.90 -28.23 -22.52
C LEU F 128 -47.51 -29.14 -23.58
N GLU F 129 -47.50 -28.66 -24.84
CA GLU F 129 -47.89 -29.48 -26.02
C GLU F 129 -47.25 -30.87 -26.00
N GLN F 130 -45.95 -30.91 -25.80
CA GLN F 130 -45.25 -32.19 -25.86
C GLN F 130 -45.63 -33.05 -24.68
N PHE F 131 -45.69 -32.44 -23.51
CA PHE F 131 -46.08 -33.20 -22.34
C PHE F 131 -47.47 -33.81 -22.48
N LYS F 132 -48.44 -33.01 -22.91
CA LYS F 132 -49.81 -33.58 -23.12
C LYS F 132 -49.80 -34.70 -24.23
N GLU F 133 -49.06 -34.44 -25.30
CA GLU F 133 -48.92 -35.41 -26.43
C GLU F 133 -48.51 -36.78 -25.85
N ILE F 134 -47.40 -36.84 -25.09
CA ILE F 134 -46.95 -38.14 -24.58
C ILE F 134 -47.58 -38.67 -23.33
N THR F 135 -48.49 -37.93 -22.72
CA THR F 135 -49.14 -38.47 -21.52
C THR F 135 -50.61 -38.80 -21.77
N ARG F 136 -50.98 -38.72 -23.06
CA ARG F 136 -52.32 -39.06 -23.55
C ARG F 136 -52.76 -40.40 -23.04
N ASP F 137 -51.85 -41.35 -22.90
CA ASP F 137 -52.22 -42.68 -22.39
C ASP F 137 -51.50 -42.99 -21.09
N ARG F 138 -51.35 -42.01 -20.22
CA ARG F 138 -50.79 -42.21 -18.93
C ARG F 138 -51.54 -43.24 -18.10
N PRO F 139 -50.81 -43.93 -17.20
CA PRO F 139 -51.52 -44.79 -16.29
C PRO F 139 -52.63 -44.05 -15.52
N GLU F 140 -53.81 -44.60 -15.62
CA GLU F 140 -54.94 -44.29 -14.74
C GLU F 140 -54.60 -44.22 -13.22
N PRO F 141 -55.24 -43.30 -12.50
CA PRO F 141 -54.93 -43.30 -11.07
C PRO F 141 -55.38 -44.57 -10.32
N ALA F 142 -54.44 -45.27 -9.69
CA ALA F 142 -54.72 -46.43 -8.83
C ALA F 142 -55.15 -46.03 -7.40
N HIS F 143 -56.37 -46.39 -7.05
CA HIS F 143 -56.89 -46.37 -5.69
C HIS F 143 -55.87 -46.75 -4.60
N GLN F 144 -55.20 -47.87 -4.82
CA GLN F 144 -54.47 -48.53 -3.75
C GLN F 144 -53.17 -47.78 -3.42
N PHE F 145 -52.70 -46.98 -4.33
CA PHE F 145 -51.55 -46.08 -4.08
C PHE F 145 -51.91 -44.60 -3.91
N ASP F 146 -53.18 -44.28 -3.62
CA ASP F 146 -53.58 -42.90 -3.27
C ASP F 146 -53.26 -41.93 -4.40
N GLN F 147 -53.37 -42.41 -5.65
CA GLN F 147 -52.97 -41.63 -6.80
C GLN F 147 -54.00 -40.63 -7.25
N ALA F 148 -53.53 -39.52 -7.79
CA ALA F 148 -54.30 -38.64 -8.67
C ALA F 148 -53.33 -37.64 -9.20
N TYR F 149 -53.24 -37.55 -10.52
CA TYR F 149 -52.27 -36.72 -11.16
C TYR F 149 -52.85 -35.30 -11.29
N VAL F 150 -51.94 -34.34 -11.23
CA VAL F 150 -52.25 -32.96 -11.45
C VAL F 150 -52.54 -32.68 -12.91
N THR F 151 -53.26 -31.59 -13.16
CA THR F 151 -53.46 -31.15 -14.54
C THR F 151 -52.13 -30.94 -15.22
N PRO F 152 -52.07 -31.04 -16.59
CA PRO F 152 -50.79 -30.77 -17.29
C PRO F 152 -50.25 -29.33 -17.12
N GLU F 153 -51.14 -28.35 -17.10
CA GLU F 153 -50.83 -26.93 -16.77
C GLU F 153 -50.16 -26.81 -15.36
N THR F 154 -50.66 -27.59 -14.41
CA THR F 154 -50.07 -27.69 -13.10
C THR F 154 -48.64 -28.22 -13.25
N THR F 155 -48.45 -29.31 -14.01
CA THR F 155 -47.10 -29.89 -14.16
C THR F 155 -46.09 -28.87 -14.75
N VAL F 156 -46.56 -28.07 -15.69
CA VAL F 156 -45.71 -27.15 -16.37
C VAL F 156 -45.42 -25.94 -15.49
N ALA F 157 -46.42 -25.50 -14.74
CA ALA F 157 -46.19 -24.49 -13.72
C ALA F 157 -45.17 -24.93 -12.68
N ARG F 158 -45.16 -26.22 -12.37
CA ARG F 158 -44.16 -26.76 -11.45
C ARG F 158 -42.78 -26.55 -11.97
N VAL F 159 -42.57 -26.86 -13.25
CA VAL F 159 -41.24 -26.70 -13.87
C VAL F 159 -40.84 -25.24 -13.86
N ALA F 160 -41.75 -24.36 -14.27
CA ALA F 160 -41.53 -22.92 -14.26
C ALA F 160 -41.08 -22.41 -12.90
N LEU F 161 -41.84 -22.78 -11.85
CA LEU F 161 -41.49 -22.35 -10.48
C LEU F 161 -40.11 -22.87 -10.07
N MET F 162 -39.87 -24.14 -10.29
CA MET F 162 -38.61 -24.71 -9.85
C MET F 162 -37.42 -24.08 -10.52
N HIS F 163 -37.63 -23.80 -11.82
CA HIS F 163 -36.56 -23.21 -12.61
C HIS F 163 -36.36 -21.79 -12.14
N SER F 164 -37.47 -21.04 -11.96
CA SER F 164 -37.35 -19.62 -11.45
C SER F 164 -36.56 -19.53 -10.16
N ARG F 165 -36.55 -20.58 -9.35
CA ARG F 165 -35.79 -20.58 -8.08
C ARG F 165 -34.42 -21.12 -8.18
N GLY F 166 -33.98 -21.50 -9.36
CA GLY F 166 -32.62 -21.92 -9.58
C GLY F 166 -32.43 -23.39 -9.33
N ASP F 167 -33.48 -24.15 -9.31
CA ASP F 167 -33.40 -25.51 -8.78
C ASP F 167 -33.38 -26.64 -9.79
N LEU F 168 -33.42 -26.32 -11.08
CA LEU F 168 -33.47 -27.35 -12.14
C LEU F 168 -32.21 -27.40 -13.03
N GLU F 169 -31.82 -26.22 -13.52
CA GLU F 169 -30.77 -26.13 -14.58
C GLU F 169 -29.44 -26.66 -14.11
N ASN F 170 -28.95 -27.69 -14.77
CA ASN F 170 -27.74 -28.43 -14.36
C ASN F 170 -27.79 -29.06 -12.99
N LYS F 171 -29.01 -29.29 -12.52
CA LYS F 171 -29.15 -29.89 -11.20
C LYS F 171 -29.50 -31.40 -11.24
N GLU F 172 -29.19 -32.07 -10.14
CA GLU F 172 -29.44 -33.46 -9.97
C GLU F 172 -30.73 -33.53 -9.09
N VAL F 173 -31.82 -33.95 -9.74
CA VAL F 173 -33.18 -33.95 -9.24
C VAL F 173 -33.69 -35.33 -8.92
N PHE F 174 -34.30 -35.48 -7.74
CA PHE F 174 -34.89 -36.70 -7.26
C PHE F 174 -36.38 -36.49 -7.22
N VAL F 175 -37.11 -37.51 -7.68
CA VAL F 175 -38.58 -37.48 -7.74
C VAL F 175 -39.09 -38.64 -6.98
N LEU F 176 -39.77 -38.41 -5.85
CA LEU F 176 -40.21 -39.49 -5.00
C LEU F 176 -41.67 -39.70 -5.20
N GLY F 177 -42.03 -40.63 -6.09
CA GLY F 177 -43.43 -40.80 -6.53
C GLY F 177 -43.68 -39.89 -7.71
N ASP F 178 -44.38 -40.40 -8.74
CA ASP F 178 -44.54 -39.62 -9.95
C ASP F 178 -45.77 -39.89 -10.83
N ASP F 179 -46.93 -40.11 -10.22
CA ASP F 179 -48.13 -40.20 -10.98
C ASP F 179 -48.32 -38.93 -11.74
N ASP F 180 -47.73 -37.82 -11.27
CA ASP F 180 -47.87 -36.54 -11.94
C ASP F 180 -47.04 -36.44 -13.22
N LEU F 181 -46.07 -37.34 -13.33
CA LEU F 181 -45.11 -37.42 -14.42
C LEU F 181 -44.26 -36.21 -14.57
N THR F 182 -43.96 -35.59 -13.44
CA THR F 182 -43.06 -34.50 -13.44
C THR F 182 -41.68 -34.88 -14.00
N SER F 183 -41.24 -36.13 -13.78
CA SER F 183 -39.96 -36.59 -14.43
C SER F 183 -40.02 -36.53 -15.96
N VAL F 184 -41.21 -36.73 -16.53
CA VAL F 184 -41.38 -36.61 -17.99
C VAL F 184 -41.28 -35.14 -18.43
N ALA F 185 -42.03 -34.29 -17.74
CA ALA F 185 -41.90 -32.87 -17.95
C ALA F 185 -40.46 -32.41 -17.81
N LEU F 186 -39.73 -32.90 -16.79
CA LEU F 186 -38.32 -32.50 -16.60
C LEU F 186 -37.41 -32.96 -17.77
N MET F 187 -37.60 -34.19 -18.20
CA MET F 187 -36.86 -34.71 -19.37
C MET F 187 -37.11 -33.80 -20.57
N LEU F 188 -38.36 -33.47 -20.83
CA LEU F 188 -38.71 -32.61 -21.96
C LEU F 188 -38.18 -31.17 -21.89
N SER F 189 -37.91 -30.66 -20.69
CA SER F 189 -37.31 -29.37 -20.54
C SER F 189 -35.83 -29.36 -20.87
N GLY F 190 -35.16 -30.50 -20.65
CA GLY F 190 -33.72 -30.63 -20.85
C GLY F 190 -32.89 -29.98 -19.76
N LEU F 191 -33.55 -29.48 -18.69
CA LEU F 191 -32.88 -28.65 -17.73
C LEU F 191 -31.93 -29.44 -16.80
N PRO F 192 -32.37 -30.57 -16.22
CA PRO F 192 -31.47 -31.23 -15.27
C PRO F 192 -30.18 -31.80 -15.84
N LYS F 193 -29.17 -31.92 -14.99
CA LYS F 193 -28.04 -32.78 -15.24
C LYS F 193 -28.47 -34.24 -15.27
N ARG F 194 -29.17 -34.68 -14.23
CA ARG F 194 -29.74 -36.00 -14.17
C ARG F 194 -31.03 -35.97 -13.34
N ILE F 195 -31.77 -37.06 -13.43
CA ILE F 195 -33.01 -37.28 -12.72
C ILE F 195 -32.93 -38.69 -12.10
N ALA F 196 -33.47 -38.84 -10.91
CA ALA F 196 -33.77 -40.18 -10.36
C ALA F 196 -35.20 -40.18 -9.88
N VAL F 197 -36.00 -41.17 -10.34
CA VAL F 197 -37.42 -41.31 -9.97
C VAL F 197 -37.68 -42.64 -9.36
N LEU F 198 -38.60 -42.67 -8.41
CA LEU F 198 -39.10 -43.89 -7.83
C LEU F 198 -40.61 -43.86 -7.70
N ASP F 199 -41.16 -45.06 -7.66
CA ASP F 199 -42.58 -45.24 -7.40
C ASP F 199 -42.86 -46.72 -7.07
N ILE F 200 -43.78 -46.93 -6.15
CA ILE F 200 -44.29 -48.25 -5.78
C ILE F 200 -44.98 -48.89 -6.99
N ASP F 201 -45.58 -48.07 -7.85
CA ASP F 201 -46.37 -48.52 -8.93
C ASP F 201 -45.48 -48.77 -10.16
N GLU F 202 -45.34 -50.06 -10.50
CA GLU F 202 -44.61 -50.44 -11.70
C GLU F 202 -45.22 -49.94 -13.03
N ARG F 203 -46.51 -49.62 -13.06
CA ARG F 203 -47.13 -49.02 -14.26
C ARG F 203 -46.41 -47.74 -14.61
N LEU F 204 -46.07 -46.95 -13.56
CA LEU F 204 -45.44 -45.63 -13.74
C LEU F 204 -43.96 -45.74 -14.02
N THR F 205 -43.26 -46.57 -13.28
CA THR F 205 -41.85 -46.85 -13.54
C THR F 205 -41.66 -47.18 -15.02
N LYS F 206 -42.41 -48.17 -15.48
CA LYS F 206 -42.36 -48.63 -16.86
C LYS F 206 -42.74 -47.55 -17.85
N PHE F 207 -43.83 -46.84 -17.55
CA PHE F 207 -44.26 -45.74 -18.44
C PHE F 207 -43.18 -44.67 -18.58
N ILE F 208 -42.47 -44.38 -17.49
CA ILE F 208 -41.47 -43.30 -17.52
C ILE F 208 -40.24 -43.78 -18.31
N GLU F 209 -39.83 -45.02 -18.04
CA GLU F 209 -38.74 -45.67 -18.76
C GLU F 209 -38.92 -45.64 -20.29
N LYS F 210 -40.13 -45.99 -20.68
CA LYS F 210 -40.58 -45.86 -22.07
C LYS F 210 -40.42 -44.44 -22.62
N ALA F 211 -41.01 -43.48 -21.91
CA ALA F 211 -40.97 -42.08 -22.29
C ALA F 211 -39.53 -41.55 -22.39
N ALA F 212 -38.62 -42.06 -21.54
CA ALA F 212 -37.21 -41.73 -21.65
C ALA F 212 -36.66 -42.11 -23.02
N ASP F 213 -36.68 -43.41 -23.34
CA ASP F 213 -36.33 -43.92 -24.70
C ASP F 213 -36.96 -43.07 -25.84
N GLU F 214 -38.25 -42.76 -25.79
CA GLU F 214 -38.87 -41.91 -26.83
C GLU F 214 -38.26 -40.49 -26.91
N ILE F 215 -37.67 -40.00 -25.83
CA ILE F 215 -37.07 -38.67 -25.84
C ILE F 215 -35.56 -38.72 -26.15
N GLY F 216 -34.93 -39.85 -25.88
CA GLY F 216 -33.50 -40.00 -26.02
C GLY F 216 -32.82 -39.40 -24.82
N TYR F 217 -33.46 -39.47 -23.64
CA TYR F 217 -32.91 -38.89 -22.43
C TYR F 217 -32.06 -39.93 -21.72
N GLU F 218 -30.81 -39.65 -21.45
CA GLU F 218 -29.95 -40.70 -20.93
C GLU F 218 -29.77 -40.73 -19.45
N ASN F 219 -29.82 -39.59 -18.74
CA ASN F 219 -29.34 -39.57 -17.34
C ASN F 219 -30.53 -39.57 -16.41
N ILE F 220 -31.34 -40.61 -16.55
CA ILE F 220 -32.44 -40.83 -15.65
C ILE F 220 -32.47 -42.27 -15.12
N GLU F 221 -32.31 -42.44 -13.83
CA GLU F 221 -32.40 -43.70 -13.11
C GLU F 221 -33.85 -43.85 -12.68
N ILE F 222 -34.41 -45.04 -12.81
CA ILE F 222 -35.79 -45.34 -12.48
C ILE F 222 -35.82 -46.60 -11.64
N PHE F 223 -36.78 -46.72 -10.74
CA PHE F 223 -36.66 -47.52 -9.53
C PHE F 223 -38.01 -47.80 -9.02
N THR F 224 -38.35 -49.04 -8.74
CA THR F 224 -39.60 -49.35 -8.06
C THR F 224 -39.16 -49.37 -6.61
N PHE F 225 -39.98 -48.87 -5.70
CA PHE F 225 -39.58 -48.75 -4.31
C PHE F 225 -40.77 -48.44 -3.44
N ASP F 226 -40.73 -48.91 -2.22
CA ASP F 226 -41.80 -48.68 -1.22
C ASP F 226 -41.15 -47.81 -0.15
N LEU F 227 -41.74 -46.61 0.03
CA LEU F 227 -41.17 -45.60 0.89
C LEU F 227 -41.41 -45.89 2.36
N ARG F 228 -42.07 -47.00 2.71
CA ARG F 228 -42.10 -47.45 4.10
C ARG F 228 -40.66 -47.81 4.48
N LYS F 229 -39.83 -48.22 3.49
CA LYS F 229 -38.43 -48.60 3.74
C LYS F 229 -37.46 -47.41 3.64
N PRO F 230 -36.40 -47.43 4.46
CA PRO F 230 -35.36 -46.39 4.34
C PRO F 230 -34.76 -46.45 2.94
N LEU F 231 -34.43 -45.29 2.37
CA LEU F 231 -33.82 -45.25 1.07
C LEU F 231 -32.49 -45.97 1.10
N PRO F 232 -32.10 -46.60 -0.03
CA PRO F 232 -30.79 -47.25 -0.08
C PRO F 232 -29.67 -46.23 -0.12
N ASP F 233 -28.51 -46.59 0.42
CA ASP F 233 -27.32 -45.70 0.46
C ASP F 233 -27.02 -44.88 -0.78
N TYR F 234 -27.02 -45.55 -1.91
CA TYR F 234 -26.81 -44.91 -3.22
C TYR F 234 -27.63 -43.58 -3.39
N ALA F 235 -28.78 -43.47 -2.75
CA ALA F 235 -29.66 -42.34 -2.98
C ALA F 235 -29.38 -41.20 -2.00
N LEU F 236 -28.66 -41.51 -0.93
CA LEU F 236 -28.51 -40.59 0.17
C LEU F 236 -27.45 -39.52 -0.12
N HIS F 237 -27.79 -38.27 0.13
CA HIS F 237 -26.82 -37.16 0.14
C HIS F 237 -26.18 -36.84 -1.22
N LYS F 238 -26.92 -36.98 -2.32
CA LYS F 238 -26.39 -36.82 -3.68
C LYS F 238 -27.19 -35.92 -4.64
N PHE F 239 -28.30 -35.34 -4.19
CA PHE F 239 -29.10 -34.55 -5.09
C PHE F 239 -29.22 -33.10 -4.64
N ASP F 240 -29.48 -32.22 -5.60
CA ASP F 240 -29.62 -30.82 -5.33
C ASP F 240 -31.08 -30.47 -5.02
N THR F 241 -32.04 -31.24 -5.52
CA THR F 241 -33.44 -30.85 -5.51
C THR F 241 -34.29 -32.09 -5.41
N PHE F 242 -35.41 -32.08 -4.67
CA PHE F 242 -36.35 -33.18 -4.76
C PHE F 242 -37.75 -32.65 -4.94
N ILE F 243 -38.65 -33.48 -5.44
CA ILE F 243 -40.04 -33.15 -5.68
C ILE F 243 -40.81 -34.40 -5.27
N THR F 244 -41.86 -34.22 -4.48
CA THR F 244 -42.72 -35.33 -4.15
C THR F 244 -44.10 -34.71 -3.97
N ASP F 245 -45.12 -35.52 -4.00
CA ASP F 245 -46.46 -35.04 -3.73
C ASP F 245 -47.16 -36.05 -2.89
N PRO F 246 -47.03 -35.87 -1.54
CA PRO F 246 -47.24 -37.01 -0.67
C PRO F 246 -48.69 -37.24 -0.22
N PRO F 247 -48.92 -38.43 0.34
CA PRO F 247 -50.14 -38.60 1.15
C PRO F 247 -50.01 -37.69 2.39
N GLU F 248 -51.10 -37.47 3.12
CA GLU F 248 -51.08 -36.44 4.15
C GLU F 248 -51.19 -36.82 5.62
N THR F 249 -50.85 -38.07 5.89
CA THR F 249 -50.60 -38.41 7.22
C THR F 249 -49.22 -37.88 7.61
N VAL F 250 -48.98 -37.71 8.90
CA VAL F 250 -47.70 -37.23 9.40
C VAL F 250 -46.60 -38.24 9.08
N GLU F 251 -46.90 -39.52 9.17
CA GLU F 251 -45.86 -40.53 8.86
C GLU F 251 -45.55 -40.59 7.38
N ALA F 252 -46.57 -40.32 6.53
CA ALA F 252 -46.35 -40.20 5.05
C ALA F 252 -45.41 -39.05 4.68
N ILE F 253 -45.64 -37.90 5.35
CA ILE F 253 -44.76 -36.76 5.28
C ILE F 253 -43.35 -37.06 5.63
N ARG F 254 -43.13 -37.80 6.70
CA ARG F 254 -41.76 -38.31 7.01
C ARG F 254 -41.27 -39.22 5.85
N ALA F 255 -42.10 -40.13 5.38
CA ALA F 255 -41.73 -41.13 4.36
C ALA F 255 -41.41 -40.57 2.99
N PHE F 256 -42.11 -39.50 2.60
CA PHE F 256 -41.93 -38.96 1.30
C PHE F 256 -41.03 -37.70 1.43
N VAL F 257 -41.50 -36.70 2.20
CA VAL F 257 -40.76 -35.44 2.31
C VAL F 257 -39.48 -35.57 3.13
N GLY F 258 -39.60 -36.22 4.29
CA GLY F 258 -38.43 -36.49 5.10
C GLY F 258 -37.36 -37.24 4.33
N ARG F 259 -37.75 -38.26 3.57
CA ARG F 259 -36.71 -39.03 2.82
C ARG F 259 -36.14 -38.23 1.66
N GLY F 260 -36.97 -37.42 1.03
CA GLY F 260 -36.47 -36.42 0.09
C GLY F 260 -35.37 -35.55 0.59
N ILE F 261 -35.57 -35.04 1.79
CA ILE F 261 -34.60 -34.22 2.41
C ILE F 261 -33.26 -35.02 2.56
N ALA F 262 -33.39 -36.31 2.87
CA ALA F 262 -32.23 -37.14 3.08
C ALA F 262 -31.49 -37.40 1.80
N THR F 263 -32.11 -37.17 0.64
CA THR F 263 -31.42 -37.37 -0.64
C THR F 263 -30.54 -36.17 -0.93
N LEU F 264 -30.74 -35.05 -0.22
CA LEU F 264 -30.06 -33.83 -0.52
C LEU F 264 -28.62 -33.76 -0.01
N LYS F 265 -27.74 -33.19 -0.83
CA LYS F 265 -26.29 -33.08 -0.53
C LYS F 265 -25.96 -32.40 0.79
N GLY F 266 -26.67 -31.30 1.07
CA GLY F 266 -26.48 -30.59 2.33
C GLY F 266 -27.14 -29.23 2.19
N PRO F 267 -26.60 -28.22 2.88
CA PRO F 267 -27.22 -26.87 2.87
C PRO F 267 -27.39 -26.31 1.47
N GLY F 268 -28.45 -25.54 1.21
CA GLY F 268 -28.66 -24.86 -0.05
C GLY F 268 -29.37 -25.67 -1.12
N CYS F 269 -29.93 -26.84 -0.72
CA CYS F 269 -30.70 -27.71 -1.55
C CYS F 269 -32.18 -27.54 -1.26
N ALA F 270 -32.98 -27.88 -2.23
CA ALA F 270 -34.38 -27.56 -2.28
C ALA F 270 -35.33 -28.72 -2.35
N GLY F 271 -36.51 -28.52 -1.84
CA GLY F 271 -37.59 -29.52 -1.88
C GLY F 271 -38.89 -28.86 -2.27
N TYR F 272 -39.67 -29.53 -3.09
CA TYR F 272 -41.02 -29.11 -3.52
C TYR F 272 -42.03 -30.16 -3.20
N PHE F 273 -43.18 -29.77 -2.64
CA PHE F 273 -44.26 -30.74 -2.40
C PHE F 273 -45.58 -30.02 -2.16
N GLY F 274 -46.67 -30.74 -2.37
CA GLY F 274 -48.02 -30.18 -2.11
C GLY F 274 -48.58 -30.59 -0.73
N ILE F 275 -49.40 -29.75 -0.13
CA ILE F 275 -50.15 -30.07 1.11
C ILE F 275 -51.52 -29.43 0.90
N THR F 276 -52.54 -30.14 1.24
CA THR F 276 -53.88 -29.80 0.98
C THR F 276 -54.52 -29.25 2.27
N ARG F 277 -55.57 -28.46 2.07
CA ARG F 277 -56.52 -28.12 3.10
C ARG F 277 -57.78 -29.06 3.03
N ARG F 278 -57.78 -29.97 2.04
CA ARG F 278 -58.81 -30.96 1.75
C ARG F 278 -58.75 -32.15 2.73
N GLU F 279 -57.54 -32.53 3.12
CA GLU F 279 -57.25 -33.77 3.80
C GLU F 279 -56.39 -33.51 5.02
N SER F 280 -56.10 -32.22 5.27
CA SER F 280 -55.34 -31.82 6.46
C SER F 280 -56.00 -30.53 7.02
N SER F 281 -56.36 -30.60 8.28
CA SER F 281 -56.67 -29.44 9.06
C SER F 281 -55.47 -28.57 9.32
N LEU F 282 -55.69 -27.30 9.65
CA LEU F 282 -54.61 -26.42 10.01
C LEU F 282 -53.93 -26.90 11.28
N ASP F 283 -54.67 -27.56 12.20
CA ASP F 283 -53.98 -28.27 13.26
C ASP F 283 -52.93 -29.26 12.80
N LYS F 284 -53.25 -30.01 11.81
CA LYS F 284 -52.31 -30.95 11.29
C LYS F 284 -51.23 -30.17 10.51
N TRP F 285 -51.62 -29.07 9.85
CA TRP F 285 -50.54 -28.19 9.26
C TRP F 285 -49.50 -27.74 10.26
N ARG F 286 -49.94 -27.30 11.45
CA ARG F 286 -49.01 -26.92 12.51
C ARG F 286 -48.13 -28.11 12.86
N GLU F 287 -48.68 -29.29 13.00
CA GLU F 287 -47.86 -30.44 13.27
C GLU F 287 -46.78 -30.69 12.19
N ILE F 288 -47.20 -30.58 10.94
CA ILE F 288 -46.36 -30.85 9.77
C ILE F 288 -45.18 -29.86 9.69
N GLN F 289 -45.54 -28.61 9.88
CA GLN F 289 -44.59 -27.52 9.93
C GLN F 289 -43.62 -27.71 11.08
N ARG F 290 -44.12 -28.16 12.27
CA ARG F 290 -43.18 -28.53 13.34
C ARG F 290 -42.22 -29.68 12.96
N VAL F 291 -42.72 -30.67 12.27
CA VAL F 291 -41.83 -31.74 11.82
C VAL F 291 -40.74 -31.10 10.93
N LEU F 292 -41.14 -30.25 9.98
CA LEU F 292 -40.18 -29.58 9.04
C LEU F 292 -39.10 -28.76 9.68
N LEU F 293 -39.55 -27.90 10.62
CA LEU F 293 -38.70 -26.90 11.30
C LEU F 293 -37.90 -27.49 12.43
N ASN F 294 -38.43 -28.54 13.10
CA ASN F 294 -37.84 -29.08 14.30
C ASN F 294 -37.23 -30.39 14.11
N GLU F 295 -37.88 -31.34 13.48
CA GLU F 295 -37.25 -32.67 13.25
C GLU F 295 -36.25 -32.59 12.11
N PHE F 296 -36.61 -31.95 11.00
CA PHE F 296 -35.70 -31.89 9.84
C PHE F 296 -34.86 -30.60 9.79
N GLY F 297 -35.31 -29.53 10.45
CA GLY F 297 -34.61 -28.24 10.43
C GLY F 297 -34.36 -27.60 9.07
N VAL F 298 -35.35 -27.72 8.21
CA VAL F 298 -35.43 -27.06 6.95
C VAL F 298 -36.29 -25.80 7.08
N VAL F 299 -36.09 -24.85 6.21
CA VAL F 299 -36.85 -23.67 6.28
C VAL F 299 -37.91 -23.77 5.19
N ILE F 300 -39.11 -23.18 5.41
CA ILE F 300 -40.11 -23.05 4.41
C ILE F 300 -40.00 -21.71 3.69
N THR F 301 -39.70 -21.72 2.38
CA THR F 301 -39.44 -20.49 1.62
C THR F 301 -40.70 -20.00 0.88
N ASP F 302 -41.64 -20.89 0.56
CA ASP F 302 -42.87 -20.52 -0.18
C ASP F 302 -44.02 -21.44 0.23
N ILE F 303 -45.23 -20.90 0.35
CA ILE F 303 -46.47 -21.60 0.55
C ILE F 303 -47.54 -20.86 -0.31
N ILE F 304 -47.87 -21.49 -1.44
CA ILE F 304 -48.67 -20.90 -2.47
C ILE F 304 -50.03 -21.64 -2.58
N ARG F 305 -51.06 -20.90 -2.26
CA ARG F 305 -52.38 -21.42 -2.20
C ARG F 305 -52.88 -21.98 -3.56
N ASN F 306 -53.37 -23.23 -3.52
CA ASN F 306 -53.96 -23.91 -4.64
C ASN F 306 -53.14 -23.94 -5.91
N PHE F 307 -51.81 -23.88 -5.81
CA PHE F 307 -50.92 -24.05 -6.96
C PHE F 307 -51.23 -25.34 -7.74
N ASN F 308 -51.48 -26.42 -7.02
CA ASN F 308 -51.70 -27.71 -7.67
C ASN F 308 -53.21 -28.01 -7.81
N GLU F 309 -53.58 -28.34 -9.00
CA GLU F 309 -54.96 -28.73 -9.32
C GLU F 309 -54.96 -30.15 -9.78
N TYR F 310 -55.73 -30.99 -9.12
CA TYR F 310 -55.76 -32.46 -9.39
C TYR F 310 -56.90 -32.89 -10.34
N VAL F 311 -56.56 -33.72 -11.34
CA VAL F 311 -57.55 -34.37 -12.19
C VAL F 311 -58.42 -35.31 -11.40
N ASN F 312 -59.76 -35.14 -11.49
CA ASN F 312 -60.68 -36.02 -10.76
C ASN F 312 -60.33 -37.46 -11.09
N TRP F 313 -60.34 -38.32 -10.06
CA TRP F 313 -59.90 -39.72 -10.21
C TRP F 313 -61.13 -40.63 -10.30
N GLY F 314 -60.95 -41.75 -11.00
CA GLY F 314 -62.04 -42.61 -11.36
C GLY F 314 -62.60 -43.46 -10.21
N TYR F 315 -61.83 -43.69 -9.17
CA TYR F 315 -62.22 -44.52 -8.07
C TYR F 315 -63.01 -43.76 -6.99
N VAL F 316 -63.46 -42.55 -7.26
CA VAL F 316 -64.20 -41.74 -6.27
C VAL F 316 -65.22 -42.56 -5.52
N GLU F 317 -66.02 -43.34 -6.24
CA GLU F 317 -67.18 -43.99 -5.59
C GLU F 317 -66.75 -45.04 -4.55
N GLU F 318 -65.53 -45.56 -4.68
CA GLU F 318 -64.98 -46.50 -3.72
C GLU F 318 -64.39 -45.80 -2.47
N THR F 319 -64.48 -44.46 -2.35
CA THR F 319 -63.75 -43.77 -1.28
C THR F 319 -64.60 -43.36 -0.09
N ARG F 320 -63.87 -43.19 1.00
CA ARG F 320 -64.47 -42.69 2.21
C ARG F 320 -65.24 -41.39 1.92
N ALA F 321 -64.72 -40.50 1.05
CA ALA F 321 -65.41 -39.22 0.78
C ALA F 321 -66.86 -39.41 0.26
N TRP F 322 -66.96 -40.36 -0.64
CA TRP F 322 -68.22 -40.67 -1.33
C TRP F 322 -69.24 -41.15 -0.30
N ARG F 323 -68.77 -41.99 0.61
CA ARG F 323 -69.64 -42.56 1.61
C ARG F 323 -70.05 -41.55 2.64
N LEU F 324 -69.23 -40.54 2.88
CA LEU F 324 -69.54 -39.55 3.87
C LEU F 324 -70.47 -38.50 3.32
N LEU F 325 -70.47 -38.25 2.02
CA LEU F 325 -71.12 -37.07 1.53
C LEU F 325 -72.64 -37.23 1.60
N PRO F 326 -73.37 -36.18 2.00
CA PRO F 326 -74.84 -36.22 2.11
C PRO F 326 -75.54 -36.09 0.75
N ILE F 327 -74.80 -35.75 -0.31
CA ILE F 327 -75.34 -35.68 -1.65
C ILE F 327 -74.31 -36.33 -2.52
N LYS F 328 -74.63 -37.39 -3.21
CA LYS F 328 -73.60 -38.16 -3.91
C LYS F 328 -73.66 -37.99 -5.39
N VAL F 329 -73.00 -36.96 -5.91
CA VAL F 329 -72.97 -36.63 -7.27
C VAL F 329 -71.50 -36.41 -7.60
N LYS F 330 -71.04 -36.83 -8.79
CA LYS F 330 -69.64 -36.66 -9.18
C LYS F 330 -69.30 -35.19 -9.35
N PRO F 331 -68.03 -34.84 -9.03
CA PRO F 331 -67.73 -33.41 -9.21
C PRO F 331 -67.66 -32.96 -10.66
N SER F 332 -68.01 -31.71 -10.93
CA SER F 332 -68.05 -31.21 -12.27
C SER F 332 -66.90 -30.25 -12.59
N TYR F 333 -65.93 -30.22 -11.70
CA TYR F 333 -64.75 -29.36 -11.79
C TYR F 333 -63.67 -30.00 -10.94
N ASN F 334 -62.47 -29.47 -11.01
CA ASN F 334 -61.39 -29.97 -10.15
C ASN F 334 -61.45 -29.29 -8.80
N TRP F 335 -62.14 -29.97 -7.92
CA TRP F 335 -62.42 -29.45 -6.60
C TRP F 335 -61.21 -29.55 -5.67
N TYR F 336 -60.33 -30.50 -5.98
CA TYR F 336 -59.25 -30.91 -5.15
C TYR F 336 -57.94 -30.25 -5.63
N LYS F 337 -57.42 -29.40 -4.76
CA LYS F 337 -56.24 -28.64 -5.01
C LYS F 337 -55.30 -28.74 -3.77
N SER F 338 -53.97 -28.52 -3.99
CA SER F 338 -53.02 -28.44 -2.87
C SER F 338 -52.20 -27.17 -2.96
N TYR F 339 -51.67 -26.73 -1.81
CA TYR F 339 -50.72 -25.64 -1.73
C TYR F 339 -49.36 -26.17 -2.14
N MET F 340 -48.65 -25.37 -2.92
CA MET F 340 -47.22 -25.68 -3.14
C MET F 340 -46.37 -25.20 -1.98
N PHE F 341 -45.61 -26.09 -1.39
CA PHE F 341 -44.55 -25.78 -0.44
C PHE F 341 -43.17 -25.91 -1.10
N ARG F 342 -42.34 -24.96 -0.83
CA ARG F 342 -40.88 -25.07 -1.13
C ARG F 342 -40.16 -24.97 0.19
N ILE F 343 -39.23 -25.88 0.40
CA ILE F 343 -38.32 -25.81 1.49
C ILE F 343 -36.84 -25.77 0.99
N GLN F 344 -35.96 -25.39 1.87
CA GLN F 344 -34.52 -25.32 1.61
C GLN F 344 -33.79 -25.77 2.81
N THR F 345 -32.74 -26.53 2.59
CA THR F 345 -31.85 -26.97 3.67
C THR F 345 -30.86 -25.87 4.08
N LEU F 346 -30.36 -25.96 5.31
CA LEU F 346 -29.44 -25.02 5.93
C LEU F 346 -28.45 -25.90 6.73
N GLU F 347 -27.47 -25.29 7.36
CA GLU F 347 -26.61 -25.96 8.32
C GLU F 347 -27.46 -26.67 9.41
N GLY F 348 -27.13 -27.94 9.65
CA GLY F 348 -27.89 -28.82 10.55
C GLY F 348 -29.16 -29.48 10.06
N SER F 349 -29.64 -29.19 8.82
CA SER F 349 -30.85 -29.77 8.31
C SER F 349 -30.59 -31.29 8.23
N LYS F 350 -31.62 -32.11 8.45
CA LYS F 350 -31.47 -33.55 8.23
C LYS F 350 -32.81 -34.18 7.80
N GLY F 351 -32.66 -35.31 7.10
CA GLY F 351 -33.79 -36.06 6.54
C GLY F 351 -34.23 -37.15 7.48
N PHE F 352 -35.05 -38.05 6.97
CA PHE F 352 -35.64 -39.16 7.71
C PHE F 352 -35.07 -40.44 7.11
N GLU F 353 -34.66 -41.36 7.98
CA GLU F 353 -34.01 -42.60 7.53
C GLU F 353 -34.54 -43.84 8.21
N ASP F 354 -35.57 -43.68 9.02
CA ASP F 354 -36.14 -44.81 9.75
C ASP F 354 -37.10 -45.67 8.95
N GLU F 355 -37.51 -46.78 9.57
CA GLU F 355 -38.48 -47.65 8.97
C GLU F 355 -39.83 -47.20 9.46
N ILE F 356 -40.83 -47.40 8.63
CA ILE F 356 -42.19 -47.16 9.01
C ILE F 356 -42.82 -48.52 8.86
N THR F 357 -43.58 -48.97 9.83
CA THR F 357 -44.21 -50.31 9.68
C THR F 357 -45.70 -50.34 9.61
N VAL F 358 -46.33 -49.21 9.27
CA VAL F 358 -47.81 -49.17 9.08
C VAL F 358 -48.24 -49.57 7.66
N GLY F 359 -49.48 -50.07 7.53
CA GLY F 359 -50.08 -50.59 6.25
C GLY F 359 -50.77 -49.50 5.43
N GLN F 360 -52.07 -49.60 5.12
CA GLN F 360 -52.70 -48.47 4.37
C GLN F 360 -53.05 -47.29 5.37
N GLU F 361 -52.66 -47.45 6.66
CA GLU F 361 -52.44 -46.30 7.61
C GLU F 361 -51.41 -45.23 7.12
N LEU F 362 -50.55 -45.55 6.14
CA LEU F 362 -49.72 -44.54 5.45
C LEU F 362 -50.62 -43.47 4.76
N TYR F 363 -51.79 -43.88 4.23
CA TYR F 363 -52.71 -42.98 3.53
C TYR F 363 -53.86 -42.45 4.32
N ASP F 364 -54.23 -43.14 5.41
CA ASP F 364 -55.53 -42.95 6.12
C ASP F 364 -55.31 -42.42 7.51
N ASP F 365 -55.87 -41.27 7.83
CA ASP F 365 -56.12 -40.84 9.19
C ASP F 365 -57.53 -40.23 9.18
N GLU F 366 -57.92 -39.67 10.29
CA GLU F 366 -59.31 -39.21 10.47
C GLU F 366 -59.64 -38.05 9.62
N GLU F 367 -58.60 -37.33 9.15
CA GLU F 367 -58.88 -36.14 8.31
C GLU F 367 -58.91 -36.49 6.83
N SER F 368 -58.33 -37.60 6.42
CA SER F 368 -58.29 -37.92 5.01
C SER F 368 -59.58 -38.63 4.53
N SER F 369 -59.86 -38.57 3.26
CA SER F 369 -61.08 -39.18 2.71
C SER F 369 -61.01 -39.63 1.28
N THR F 370 -59.95 -39.35 0.54
CA THR F 370 -59.91 -39.70 -0.89
C THR F 370 -59.30 -41.07 -1.19
N THR F 371 -59.22 -41.95 -0.21
CA THR F 371 -59.14 -43.39 -0.51
C THR F 371 -60.20 -44.13 0.28
N SER G 19 -76.18 -93.35 -58.43
CA SER G 19 -75.76 -93.46 -57.07
C SER G 19 -76.76 -92.69 -56.19
N HIS G 20 -76.98 -93.26 -55.01
CA HIS G 20 -77.66 -92.59 -53.92
C HIS G 20 -76.72 -91.52 -53.37
N MET G 21 -75.42 -91.76 -53.53
CA MET G 21 -74.30 -90.91 -53.02
C MET G 21 -74.29 -89.59 -53.78
N ARG G 22 -74.34 -89.66 -55.12
CA ARG G 22 -74.58 -88.44 -55.95
C ARG G 22 -75.83 -87.69 -55.42
N GLU G 23 -76.89 -88.43 -55.14
CA GLU G 23 -78.12 -87.82 -54.63
C GLU G 23 -77.97 -87.19 -53.25
N ILE G 24 -77.24 -87.86 -52.38
CA ILE G 24 -76.92 -87.22 -51.08
C ILE G 24 -76.10 -85.94 -51.25
N ILE G 25 -75.07 -86.01 -52.09
CA ILE G 25 -74.22 -84.82 -52.33
C ILE G 25 -75.01 -83.63 -52.86
N GLU G 26 -75.80 -83.87 -53.91
CA GLU G 26 -76.62 -82.76 -54.49
C GLU G 26 -77.51 -82.13 -53.38
N ARG G 27 -78.01 -82.93 -52.45
CA ARG G 27 -78.84 -82.37 -51.37
C ARG G 27 -78.05 -81.51 -50.37
N VAL G 28 -76.83 -81.93 -50.06
CA VAL G 28 -76.01 -81.16 -49.14
C VAL G 28 -75.71 -79.79 -49.77
N LYS G 29 -75.41 -79.78 -51.06
CA LYS G 29 -75.13 -78.50 -51.74
C LYS G 29 -76.26 -77.50 -51.72
N GLU G 30 -77.51 -77.95 -51.55
CA GLU G 30 -78.64 -77.04 -51.36
C GLU G 30 -78.62 -76.34 -50.01
N LYS G 31 -77.92 -76.91 -49.05
CA LYS G 31 -77.97 -76.45 -47.71
C LYS G 31 -76.79 -75.60 -47.28
N THR G 32 -75.67 -75.65 -48.01
CA THR G 32 -74.46 -74.98 -47.57
C THR G 32 -73.54 -74.69 -48.75
N THR G 33 -72.77 -73.65 -48.57
CA THR G 33 -71.80 -73.21 -49.55
C THR G 33 -70.44 -73.94 -49.37
N ILE G 34 -70.27 -74.56 -48.22
CA ILE G 34 -69.01 -75.24 -47.84
C ILE G 34 -68.81 -76.42 -48.79
N PRO G 35 -67.62 -76.63 -49.32
CA PRO G 35 -67.50 -77.71 -50.32
C PRO G 35 -67.86 -79.09 -49.74
N VAL G 36 -68.46 -79.95 -50.57
CA VAL G 36 -68.90 -81.28 -50.19
C VAL G 36 -68.37 -82.25 -51.23
N TYR G 37 -67.76 -83.31 -50.77
CA TYR G 37 -67.28 -84.38 -51.63
C TYR G 37 -67.90 -85.65 -51.04
N GLU G 38 -67.80 -86.72 -51.80
CA GLU G 38 -68.15 -88.04 -51.34
C GLU G 38 -67.39 -88.42 -50.05
N ARG G 39 -66.10 -88.08 -50.04
CA ARG G 39 -65.29 -88.29 -48.87
C ARG G 39 -65.91 -87.67 -47.65
N THR G 40 -66.55 -86.50 -47.79
CA THR G 40 -67.23 -85.86 -46.69
C THR G 40 -68.34 -86.75 -46.15
N ILE G 41 -69.15 -87.28 -47.08
CA ILE G 41 -70.28 -88.07 -46.65
C ILE G 41 -69.81 -89.35 -45.89
N GLU G 42 -68.78 -89.97 -46.46
CA GLU G 42 -68.07 -91.18 -45.92
C GLU G 42 -67.60 -91.00 -44.46
N ASN G 43 -66.89 -89.89 -44.28
CA ASN G 43 -66.36 -89.42 -42.93
C ASN G 43 -67.54 -89.34 -41.94
N VAL G 44 -68.67 -88.78 -42.39
CA VAL G 44 -69.82 -88.57 -41.47
C VAL G 44 -70.54 -89.88 -41.14
N LEU G 45 -70.65 -90.72 -42.16
CA LEU G 45 -71.28 -92.09 -42.02
C LEU G 45 -70.43 -93.03 -41.18
N SER G 46 -69.11 -93.07 -41.43
CA SER G 46 -68.09 -93.70 -40.56
C SER G 46 -68.34 -93.33 -39.11
N ALA G 47 -68.40 -92.02 -38.88
CA ALA G 47 -68.52 -91.53 -37.51
C ALA G 47 -69.77 -91.91 -36.77
N ILE G 48 -70.87 -91.94 -37.55
CA ILE G 48 -72.17 -92.30 -37.02
C ILE G 48 -72.14 -93.72 -36.51
N GLN G 49 -71.44 -94.57 -37.23
CA GLN G 49 -71.39 -95.96 -36.80
C GLN G 49 -70.61 -96.12 -35.47
N ALA G 50 -69.78 -95.17 -35.10
CA ALA G 50 -69.01 -95.30 -33.86
C ALA G 50 -69.69 -94.53 -32.73
N SER G 51 -70.52 -93.54 -33.04
CA SER G 51 -71.19 -92.79 -31.98
C SER G 51 -72.44 -92.13 -32.56
N GLY G 52 -73.43 -91.97 -31.71
CA GLY G 52 -74.61 -91.19 -32.06
C GLY G 52 -74.72 -89.79 -31.44
N ASP G 53 -73.68 -89.38 -30.74
CA ASP G 53 -73.56 -88.06 -30.13
C ASP G 53 -73.10 -87.09 -31.24
N VAL G 54 -73.88 -86.04 -31.50
CA VAL G 54 -73.55 -85.11 -32.57
C VAL G 54 -72.11 -84.56 -32.42
N TRP G 55 -71.68 -84.33 -31.19
CA TRP G 55 -70.40 -83.66 -30.95
C TRP G 55 -69.30 -84.61 -31.35
N ARG G 56 -69.49 -85.87 -30.97
CA ARG G 56 -68.57 -86.90 -31.23
C ARG G 56 -68.59 -87.20 -32.76
N ILE G 57 -69.70 -86.97 -33.44
CA ILE G 57 -69.74 -87.15 -34.86
C ILE G 57 -68.88 -86.09 -35.55
N VAL G 58 -68.96 -84.87 -35.05
CA VAL G 58 -68.14 -83.81 -35.62
C VAL G 58 -66.66 -84.08 -35.35
N ASP G 59 -66.38 -84.43 -34.10
CA ASP G 59 -65.09 -84.84 -33.67
C ASP G 59 -64.52 -85.94 -34.63
N LEU G 60 -65.21 -87.06 -34.76
CA LEU G 60 -64.64 -88.19 -35.48
C LEU G 60 -64.62 -87.99 -36.97
N SER G 61 -65.55 -87.26 -37.52
CA SER G 61 -65.56 -87.02 -39.02
C SER G 61 -64.43 -86.16 -39.49
N GLU G 62 -63.96 -85.29 -38.61
CA GLU G 62 -62.98 -84.23 -38.93
C GLU G 62 -63.48 -83.30 -40.04
N GLU G 63 -64.81 -83.10 -40.04
CA GLU G 63 -65.44 -82.10 -40.91
C GLU G 63 -65.97 -80.95 -40.03
N PRO G 64 -66.04 -79.76 -40.59
CA PRO G 64 -66.56 -78.65 -39.78
C PRO G 64 -68.02 -78.82 -39.41
N LEU G 65 -68.33 -78.37 -38.20
CA LEU G 65 -69.63 -78.62 -37.64
C LEU G 65 -70.81 -78.23 -38.64
N PRO G 66 -70.85 -77.00 -39.21
CA PRO G 66 -72.00 -76.73 -40.10
C PRO G 66 -72.09 -77.65 -41.31
N LEU G 67 -70.96 -78.10 -41.85
CA LEU G 67 -71.00 -79.09 -42.92
C LEU G 67 -71.58 -80.43 -42.40
N VAL G 68 -71.18 -80.80 -41.21
CA VAL G 68 -71.70 -82.03 -40.60
C VAL G 68 -73.23 -81.92 -40.39
N VAL G 69 -73.69 -80.84 -39.78
CA VAL G 69 -75.13 -80.57 -39.76
C VAL G 69 -75.81 -80.68 -41.12
N ALA G 70 -75.21 -80.05 -42.13
CA ALA G 70 -75.72 -80.16 -43.48
C ALA G 70 -75.81 -81.57 -43.97
N VAL G 71 -74.77 -82.34 -43.70
CA VAL G 71 -74.75 -83.70 -44.15
C VAL G 71 -75.83 -84.55 -43.46
N VAL G 72 -75.95 -84.36 -42.16
CA VAL G 72 -76.87 -85.11 -41.32
C VAL G 72 -78.34 -84.82 -41.64
N THR G 73 -78.66 -83.55 -41.79
CA THR G 73 -79.97 -83.08 -42.35
C THR G 73 -80.30 -83.67 -43.69
N ALA G 74 -79.34 -83.66 -44.62
CA ALA G 74 -79.57 -84.32 -45.92
C ALA G 74 -79.89 -85.81 -45.78
N LEU G 75 -79.06 -86.50 -45.00
CA LEU G 75 -79.22 -87.94 -44.77
C LEU G 75 -80.60 -88.22 -44.14
N TYR G 76 -81.00 -87.40 -43.16
CA TYR G 76 -82.30 -87.48 -42.56
C TYR G 76 -83.47 -87.32 -43.55
N GLU G 77 -83.37 -86.29 -44.35
CA GLU G 77 -84.38 -85.99 -45.35
C GLU G 77 -84.48 -87.07 -46.36
N LEU G 78 -83.38 -87.67 -46.78
CA LEU G 78 -83.47 -88.74 -47.75
C LEU G 78 -83.71 -90.11 -47.14
N GLY G 79 -83.94 -90.19 -45.83
CA GLY G 79 -84.32 -91.44 -45.15
C GLY G 79 -83.20 -92.38 -44.71
N TYR G 80 -81.98 -91.85 -44.58
CA TYR G 80 -80.81 -92.63 -44.14
C TYR G 80 -80.48 -92.58 -42.66
N VAL G 81 -80.91 -91.55 -41.97
CA VAL G 81 -80.64 -91.44 -40.52
C VAL G 81 -81.90 -90.93 -39.87
N ALA G 82 -82.02 -91.23 -38.59
CA ALA G 82 -83.12 -90.82 -37.74
C ALA G 82 -82.53 -90.20 -36.48
N PHE G 83 -83.36 -89.46 -35.74
CA PHE G 83 -82.98 -88.93 -34.40
C PHE G 83 -83.85 -89.57 -33.41
N GLU G 84 -83.29 -90.36 -32.52
CA GLU G 84 -84.11 -91.04 -31.57
C GLU G 84 -83.37 -90.95 -30.28
N ASN G 85 -84.05 -90.46 -29.25
CA ASN G 85 -83.44 -90.44 -27.93
C ASN G 85 -82.12 -89.65 -27.92
N ASN G 86 -82.16 -88.50 -28.55
CA ASN G 86 -81.00 -87.66 -28.64
C ASN G 86 -79.79 -88.26 -29.30
N GLN G 87 -79.98 -89.33 -30.06
CA GLN G 87 -78.89 -90.00 -30.82
C GLN G 87 -79.13 -89.83 -32.31
N VAL G 88 -78.08 -89.61 -33.08
CA VAL G 88 -78.22 -89.89 -34.45
C VAL G 88 -77.86 -91.36 -34.75
N ILE G 89 -78.81 -92.02 -35.38
CA ILE G 89 -78.69 -93.38 -35.80
C ILE G 89 -78.93 -93.58 -37.28
N LEU G 90 -78.42 -94.67 -37.85
CA LEU G 90 -78.80 -95.03 -39.19
C LEU G 90 -80.18 -95.73 -39.17
N THR G 91 -81.00 -95.47 -40.21
CA THR G 91 -82.25 -96.20 -40.49
C THR G 91 -81.92 -97.54 -41.17
N ARG G 92 -82.89 -98.45 -41.40
CA ARG G 92 -82.66 -99.65 -42.20
C ARG G 92 -81.96 -99.33 -43.52
N LYS G 93 -82.45 -98.30 -44.17
CA LYS G 93 -81.86 -97.78 -45.41
C LYS G 93 -80.43 -97.24 -45.27
N GLY G 94 -80.16 -96.46 -44.23
CA GLY G 94 -78.78 -96.10 -43.93
C GLY G 94 -77.82 -97.27 -43.71
N LYS G 95 -78.27 -98.22 -42.94
CA LYS G 95 -77.51 -99.43 -42.75
C LYS G 95 -77.19 -100.08 -44.10
N GLU G 96 -78.18 -100.16 -44.95
CA GLU G 96 -77.97 -100.70 -46.32
C GLU G 96 -76.98 -99.91 -47.15
N LEU G 97 -77.09 -98.57 -47.08
CA LEU G 97 -76.16 -97.67 -47.74
C LEU G 97 -74.70 -97.96 -47.34
N VAL G 98 -74.46 -97.94 -46.04
CA VAL G 98 -73.09 -98.20 -45.51
C VAL G 98 -72.56 -99.54 -45.92
N GLU G 99 -73.43 -100.51 -46.01
CA GLU G 99 -73.03 -101.87 -46.40
C GLU G 99 -72.75 -101.92 -47.89
N LYS G 100 -73.61 -101.30 -48.70
CA LYS G 100 -73.38 -101.23 -50.12
C LYS G 100 -72.08 -100.50 -50.46
N TYR G 101 -71.86 -99.33 -49.87
CA TYR G 101 -70.65 -98.60 -50.20
C TYR G 101 -69.42 -99.13 -49.43
N GLY G 102 -69.63 -100.03 -48.47
CA GLY G 102 -68.54 -100.63 -47.68
C GLY G 102 -67.88 -99.61 -46.75
N ILE G 103 -68.66 -98.68 -46.19
CA ILE G 103 -68.22 -97.69 -45.22
C ILE G 103 -68.44 -98.20 -43.80
N GLY G 104 -67.31 -98.56 -43.18
CA GLY G 104 -67.30 -98.97 -41.78
C GLY G 104 -66.82 -97.94 -40.75
N PRO G 105 -66.83 -98.29 -39.45
CA PRO G 105 -66.33 -97.36 -38.44
C PRO G 105 -64.80 -97.24 -38.58
N ARG G 106 -64.24 -96.08 -38.31
CA ARG G 106 -62.79 -95.88 -38.51
C ARG G 106 -62.01 -96.51 -37.41
N ALA G 107 -60.95 -97.21 -37.74
CA ALA G 107 -60.06 -97.76 -36.72
C ALA G 107 -59.29 -96.57 -36.08
N ASP G 108 -59.00 -96.66 -34.79
CA ASP G 108 -58.27 -95.66 -34.04
C ASP G 108 -57.04 -96.30 -33.41
N TYR G 109 -55.88 -95.76 -33.73
CA TYR G 109 -54.64 -96.32 -33.18
C TYR G 109 -53.80 -95.32 -32.44
N THR G 110 -54.46 -94.31 -31.91
CA THR G 110 -53.82 -93.20 -31.29
C THR G 110 -52.99 -93.75 -30.10
N CYS G 111 -51.71 -93.35 -30.04
CA CYS G 111 -50.80 -93.90 -29.02
C CYS G 111 -51.43 -93.54 -27.68
N SER G 112 -51.57 -94.57 -26.87
CA SER G 112 -52.21 -94.48 -25.58
C SER G 112 -51.44 -93.56 -24.60
N HIS G 113 -50.11 -93.57 -24.71
CA HIS G 113 -49.21 -92.88 -23.77
C HIS G 113 -49.00 -91.39 -24.03
N CYS G 114 -48.80 -90.96 -25.27
CA CYS G 114 -48.64 -89.52 -25.51
C CYS G 114 -49.89 -88.83 -25.97
N GLN G 115 -51.04 -89.54 -26.07
CA GLN G 115 -52.30 -88.97 -26.62
C GLN G 115 -52.07 -88.53 -28.06
N GLY G 116 -51.18 -89.23 -28.78
CA GLY G 116 -50.76 -88.82 -30.11
C GLY G 116 -50.05 -87.45 -30.25
N ARG G 117 -49.68 -86.87 -29.12
CA ARG G 117 -48.96 -85.57 -29.12
C ARG G 117 -47.53 -85.72 -29.65
N THR G 118 -46.98 -86.95 -29.63
CA THR G 118 -45.60 -87.27 -30.03
C THR G 118 -44.58 -86.99 -28.93
N VAL G 119 -45.00 -86.32 -27.87
CA VAL G 119 -44.14 -86.02 -26.75
C VAL G 119 -44.74 -86.51 -25.45
N GLU G 120 -43.85 -86.96 -24.59
CA GLU G 120 -44.04 -87.43 -23.28
C GLU G 120 -43.86 -86.26 -22.36
N ILE G 121 -44.70 -86.15 -21.35
CA ILE G 121 -44.54 -85.08 -20.42
C ILE G 121 -44.15 -85.51 -19.00
N ASP G 122 -43.54 -86.66 -18.87
CA ASP G 122 -43.14 -87.16 -17.55
C ASP G 122 -42.20 -86.23 -16.80
N ALA G 123 -41.24 -85.66 -17.55
CA ALA G 123 -40.24 -84.76 -17.01
C ALA G 123 -40.84 -83.42 -16.54
N PHE G 124 -42.08 -83.17 -16.88
CA PHE G 124 -42.75 -81.93 -16.47
C PHE G 124 -43.80 -82.08 -15.38
N SER G 125 -43.78 -83.22 -14.65
CA SER G 125 -44.85 -83.49 -13.63
C SER G 125 -44.97 -82.42 -12.56
N GLU G 126 -43.84 -81.92 -12.07
CA GLU G 126 -43.86 -80.91 -11.05
C GLU G 126 -44.38 -79.60 -11.65
N LEU G 127 -43.96 -79.26 -12.87
CA LEU G 127 -44.45 -78.04 -13.54
C LEU G 127 -45.97 -78.13 -13.71
N LEU G 128 -46.44 -79.27 -14.19
CA LEU G 128 -47.88 -79.53 -14.35
C LEU G 128 -48.63 -79.32 -13.02
N GLU G 129 -48.10 -79.91 -11.94
CA GLU G 129 -48.67 -79.77 -10.60
C GLU G 129 -48.81 -78.28 -10.14
N GLN G 130 -47.76 -77.50 -10.38
CA GLN G 130 -47.72 -76.09 -9.99
C GLN G 130 -48.57 -75.27 -10.93
N PHE G 131 -48.56 -75.63 -12.22
CA PHE G 131 -49.43 -74.96 -13.20
C PHE G 131 -50.87 -75.11 -12.80
N LYS G 132 -51.29 -76.31 -12.43
CA LYS G 132 -52.67 -76.50 -11.97
C LYS G 132 -52.96 -75.72 -10.70
N GLU G 133 -51.99 -75.71 -9.76
CA GLU G 133 -52.16 -75.02 -8.49
C GLU G 133 -52.53 -73.60 -8.80
N ILE G 134 -51.71 -72.99 -9.64
CA ILE G 134 -51.70 -71.57 -9.88
C ILE G 134 -52.80 -71.07 -10.82
N THR G 135 -53.34 -71.94 -11.65
CA THR G 135 -54.40 -71.57 -12.61
C THR G 135 -55.76 -72.15 -12.22
N ARG G 136 -55.86 -72.69 -11.00
CA ARG G 136 -57.15 -73.17 -10.48
C ARG G 136 -58.25 -72.09 -10.54
N ASP G 137 -57.86 -70.80 -10.46
CA ASP G 137 -58.77 -69.64 -10.52
C ASP G 137 -58.83 -68.94 -11.86
N ARG G 138 -58.24 -69.48 -12.90
CA ARG G 138 -58.15 -68.75 -14.16
C ARG G 138 -59.46 -68.13 -14.62
N PRO G 139 -59.35 -67.05 -15.44
CA PRO G 139 -60.62 -66.52 -15.90
C PRO G 139 -61.30 -67.39 -16.99
N GLU G 140 -62.58 -67.65 -16.70
CA GLU G 140 -63.47 -68.40 -17.54
C GLU G 140 -63.54 -67.83 -18.92
N PRO G 141 -63.62 -68.70 -19.93
CA PRO G 141 -63.66 -68.22 -21.31
C PRO G 141 -64.75 -67.13 -21.52
N ALA G 142 -64.39 -66.05 -22.19
CA ALA G 142 -65.33 -65.00 -22.59
C ALA G 142 -65.84 -65.27 -23.99
N HIS G 143 -67.17 -65.23 -24.12
CA HIS G 143 -67.83 -65.49 -25.42
C HIS G 143 -67.35 -64.46 -26.50
N GLN G 144 -67.33 -63.18 -26.10
CA GLN G 144 -66.97 -62.08 -27.01
C GLN G 144 -65.55 -62.15 -27.59
N PHE G 145 -64.64 -62.88 -26.92
CA PHE G 145 -63.28 -63.03 -27.42
C PHE G 145 -62.94 -64.41 -28.03
N ASP G 146 -63.93 -65.27 -28.23
CA ASP G 146 -63.71 -66.58 -28.84
C ASP G 146 -62.83 -67.51 -28.01
N GLN G 147 -63.00 -67.48 -26.70
CA GLN G 147 -62.07 -68.15 -25.83
C GLN G 147 -62.48 -69.57 -25.44
N ALA G 148 -61.44 -70.35 -25.19
CA ALA G 148 -61.58 -71.68 -24.70
C ALA G 148 -60.18 -72.12 -24.48
N TYR G 149 -59.88 -72.45 -23.26
CA TYR G 149 -58.51 -72.79 -22.93
C TYR G 149 -58.26 -74.27 -23.03
N VAL G 150 -57.03 -74.65 -23.39
CA VAL G 150 -56.71 -76.03 -23.53
C VAL G 150 -56.55 -76.65 -22.17
N THR G 151 -56.36 -77.97 -22.11
CA THR G 151 -56.18 -78.62 -20.88
C THR G 151 -54.80 -78.34 -20.36
N PRO G 152 -54.62 -78.43 -19.06
CA PRO G 152 -53.31 -78.30 -18.48
C PRO G 152 -52.25 -79.23 -19.10
N GLU G 153 -52.57 -80.49 -19.31
CA GLU G 153 -51.63 -81.44 -19.93
C GLU G 153 -51.24 -80.93 -21.33
N THR G 154 -52.19 -80.34 -22.04
CA THR G 154 -51.94 -79.70 -23.34
C THR G 154 -50.93 -78.57 -23.21
N THR G 155 -51.15 -77.64 -22.26
CA THR G 155 -50.31 -76.44 -22.14
C THR G 155 -48.85 -76.89 -21.88
N VAL G 156 -48.71 -77.84 -20.98
CA VAL G 156 -47.39 -78.40 -20.66
C VAL G 156 -46.80 -79.15 -21.85
N ALA G 157 -47.63 -79.92 -22.54
CA ALA G 157 -47.16 -80.59 -23.77
C ALA G 157 -46.65 -79.58 -24.82
N ARG G 158 -47.26 -78.38 -24.87
CA ARG G 158 -46.79 -77.32 -25.78
C ARG G 158 -45.35 -76.91 -25.50
N VAL G 159 -45.10 -76.72 -24.20
CA VAL G 159 -43.80 -76.33 -23.67
C VAL G 159 -42.78 -77.41 -24.02
N ALA G 160 -43.16 -78.66 -23.75
CA ALA G 160 -42.30 -79.78 -24.15
C ALA G 160 -41.95 -79.80 -25.64
N LEU G 161 -42.97 -79.62 -26.50
CA LEU G 161 -42.74 -79.68 -27.95
C LEU G 161 -41.79 -78.54 -28.35
N MET G 162 -42.11 -77.32 -27.89
CA MET G 162 -41.30 -76.15 -28.17
C MET G 162 -39.84 -76.28 -27.67
N HIS G 163 -39.65 -76.80 -26.47
CA HIS G 163 -38.29 -77.02 -25.93
C HIS G 163 -37.52 -78.09 -26.75
N SER G 164 -38.17 -79.21 -27.08
CA SER G 164 -37.52 -80.28 -27.87
C SER G 164 -37.05 -79.84 -29.28
N ARG G 165 -37.63 -78.78 -29.80
CA ARG G 165 -37.25 -78.17 -31.08
C ARG G 165 -36.27 -77.01 -30.93
N GLY G 166 -36.01 -76.62 -29.70
CA GLY G 166 -34.97 -75.64 -29.36
C GLY G 166 -35.43 -74.21 -29.43
N ASP G 167 -36.70 -73.95 -29.17
CA ASP G 167 -37.28 -72.66 -29.48
C ASP G 167 -37.64 -71.93 -28.22
N LEU G 168 -37.25 -72.47 -27.04
CA LEU G 168 -37.52 -71.82 -25.76
C LEU G 168 -36.32 -71.37 -24.90
N GLU G 169 -35.31 -72.21 -24.77
CA GLU G 169 -34.22 -72.00 -23.77
C GLU G 169 -33.32 -70.84 -24.18
N ASN G 170 -33.24 -69.84 -23.33
CA ASN G 170 -32.52 -68.62 -23.66
C ASN G 170 -33.09 -67.95 -24.86
N LYS G 171 -34.36 -68.19 -25.19
CA LYS G 171 -34.97 -67.52 -26.30
C LYS G 171 -35.93 -66.44 -25.80
N GLU G 172 -36.25 -65.53 -26.70
CA GLU G 172 -37.20 -64.48 -26.50
C GLU G 172 -38.51 -64.86 -27.18
N VAL G 173 -39.55 -65.02 -26.35
CA VAL G 173 -40.77 -65.72 -26.72
C VAL G 173 -42.00 -64.77 -26.70
N PHE G 174 -42.65 -64.57 -27.85
CA PHE G 174 -43.87 -63.78 -27.94
C PHE G 174 -45.11 -64.69 -27.86
N VAL G 175 -46.06 -64.30 -27.00
CA VAL G 175 -47.33 -64.98 -26.83
C VAL G 175 -48.54 -64.10 -27.23
N LEU G 176 -49.10 -64.38 -28.43
CA LEU G 176 -50.16 -63.54 -28.97
C LEU G 176 -51.48 -64.16 -28.61
N GLY G 177 -52.04 -63.69 -27.51
CA GLY G 177 -53.25 -64.19 -26.90
C GLY G 177 -52.87 -65.34 -25.99
N ASP G 178 -53.50 -65.40 -24.81
CA ASP G 178 -53.16 -66.44 -23.89
C ASP G 178 -54.19 -66.83 -22.84
N ASP G 179 -55.47 -67.06 -23.21
CA ASP G 179 -56.41 -67.75 -22.32
C ASP G 179 -55.90 -69.12 -21.88
N ASP G 180 -55.04 -69.73 -22.72
CA ASP G 180 -54.39 -71.04 -22.46
C ASP G 180 -53.32 -70.97 -21.41
N LEU G 181 -52.87 -69.73 -21.08
CA LEU G 181 -51.89 -69.47 -20.02
C LEU G 181 -50.56 -70.13 -20.29
N THR G 182 -50.19 -70.21 -21.58
CA THR G 182 -48.88 -70.69 -21.96
C THR G 182 -47.77 -69.82 -21.35
N SER G 183 -47.99 -68.50 -21.25
CA SER G 183 -46.96 -67.63 -20.63
C SER G 183 -46.69 -68.08 -19.23
N VAL G 184 -47.74 -68.55 -18.54
CA VAL G 184 -47.58 -69.03 -17.15
C VAL G 184 -46.74 -70.27 -17.02
N ALA G 185 -46.97 -71.24 -17.89
CA ALA G 185 -46.17 -72.47 -17.94
C ALA G 185 -44.73 -72.17 -18.41
N LEU G 186 -44.57 -71.19 -19.32
CA LEU G 186 -43.25 -70.74 -19.70
C LEU G 186 -42.46 -70.14 -18.53
N MET G 187 -43.13 -69.35 -17.68
CA MET G 187 -42.52 -68.75 -16.47
C MET G 187 -42.14 -69.85 -15.51
N LEU G 188 -43.01 -70.80 -15.27
CA LEU G 188 -42.68 -71.93 -14.41
C LEU G 188 -41.51 -72.76 -14.96
N SER G 189 -41.32 -72.77 -16.29
CA SER G 189 -40.24 -73.52 -16.91
C SER G 189 -38.91 -72.97 -16.64
N GLY G 190 -38.84 -71.62 -16.56
CA GLY G 190 -37.61 -70.87 -16.38
C GLY G 190 -36.67 -70.98 -17.56
N LEU G 191 -37.19 -71.35 -18.71
CA LEU G 191 -36.38 -71.59 -19.88
C LEU G 191 -36.22 -70.33 -20.74
N PRO G 192 -37.27 -69.53 -20.90
CA PRO G 192 -37.02 -68.37 -21.77
C PRO G 192 -36.14 -67.31 -21.16
N LYS G 193 -35.36 -66.69 -22.04
CA LYS G 193 -34.65 -65.45 -21.76
C LYS G 193 -35.64 -64.35 -21.40
N ARG G 194 -36.63 -64.12 -22.26
CA ARG G 194 -37.74 -63.31 -21.82
C ARG G 194 -39.01 -63.71 -22.56
N ILE G 195 -40.14 -63.27 -21.99
CA ILE G 195 -41.46 -63.51 -22.50
C ILE G 195 -42.16 -62.17 -22.74
N ALA G 196 -42.77 -62.00 -23.91
CA ALA G 196 -43.80 -60.95 -24.12
C ALA G 196 -45.19 -61.55 -24.41
N VAL G 197 -46.22 -61.07 -23.72
CA VAL G 197 -47.58 -61.59 -23.88
C VAL G 197 -48.64 -60.51 -23.96
N LEU G 198 -49.52 -60.56 -24.97
CA LEU G 198 -50.60 -59.59 -25.08
C LEU G 198 -51.92 -60.28 -25.10
N ASP G 199 -52.99 -59.53 -25.11
CA ASP G 199 -54.30 -60.13 -25.15
C ASP G 199 -55.36 -59.04 -24.93
N ILE G 200 -56.45 -59.14 -25.70
CA ILE G 200 -57.51 -58.16 -25.62
C ILE G 200 -58.28 -58.21 -24.30
N ASP G 201 -58.16 -59.29 -23.54
CA ASP G 201 -58.90 -59.49 -22.32
C ASP G 201 -58.12 -59.08 -21.06
N GLU G 202 -58.47 -57.90 -20.57
CA GLU G 202 -57.87 -57.39 -19.34
C GLU G 202 -57.81 -58.39 -18.17
N ARG G 203 -58.82 -59.22 -18.03
CA ARG G 203 -58.78 -60.26 -17.01
C ARG G 203 -57.55 -61.18 -17.19
N LEU G 204 -57.15 -61.42 -18.45
CA LEU G 204 -56.02 -62.33 -18.72
C LEU G 204 -54.68 -61.66 -18.48
N THR G 205 -54.47 -60.52 -19.11
CA THR G 205 -53.29 -59.71 -18.77
C THR G 205 -53.12 -59.54 -17.24
N LYS G 206 -54.19 -59.16 -16.55
CA LYS G 206 -54.17 -59.04 -15.05
C LYS G 206 -53.77 -60.31 -14.39
N PHE G 207 -54.43 -61.39 -14.77
CA PHE G 207 -54.13 -62.69 -14.17
C PHE G 207 -52.67 -63.02 -14.36
N ILE G 208 -52.11 -62.71 -15.53
CA ILE G 208 -50.77 -63.14 -15.81
C ILE G 208 -49.78 -62.35 -14.90
N GLU G 209 -49.86 -61.01 -14.85
CA GLU G 209 -49.01 -60.27 -13.87
C GLU G 209 -49.15 -60.80 -12.41
N LYS G 210 -50.36 -61.16 -11.94
CA LYS G 210 -50.47 -61.81 -10.57
C LYS G 210 -49.56 -63.07 -10.50
N ALA G 211 -49.69 -63.93 -11.51
CA ALA G 211 -48.94 -65.16 -11.53
C ALA G 211 -47.43 -64.90 -11.60
N ALA G 212 -47.01 -63.94 -12.44
CA ALA G 212 -45.60 -63.56 -12.52
C ALA G 212 -45.03 -63.07 -11.15
N ASP G 213 -45.76 -62.18 -10.46
CA ASP G 213 -45.41 -61.80 -9.08
C ASP G 213 -45.31 -63.02 -8.19
N GLU G 214 -46.32 -63.88 -8.20
CA GLU G 214 -46.30 -65.12 -7.37
C GLU G 214 -45.11 -66.05 -7.65
N ILE G 215 -44.67 -66.10 -8.91
CA ILE G 215 -43.56 -66.94 -9.34
C ILE G 215 -42.24 -66.24 -9.06
N GLY G 216 -42.23 -64.91 -9.21
CA GLY G 216 -41.04 -64.08 -9.03
C GLY G 216 -40.30 -63.99 -10.34
N TYR G 217 -41.03 -64.07 -11.43
CA TYR G 217 -40.41 -64.13 -12.75
C TYR G 217 -40.18 -62.71 -13.24
N GLU G 218 -38.96 -62.42 -13.66
CA GLU G 218 -38.59 -61.05 -13.95
C GLU G 218 -38.88 -60.63 -15.35
N ASN G 219 -38.31 -61.38 -16.30
CA ASN G 219 -38.35 -60.93 -17.64
C ASN G 219 -39.64 -61.25 -18.44
N ILE G 220 -40.77 -60.63 -18.06
CA ILE G 220 -41.99 -60.73 -18.87
C ILE G 220 -42.70 -59.38 -19.05
N GLU G 221 -42.81 -58.94 -20.28
CA GLU G 221 -43.61 -57.79 -20.61
C GLU G 221 -45.03 -58.28 -20.91
N ILE G 222 -46.02 -57.64 -20.32
CA ILE G 222 -47.43 -57.98 -20.51
C ILE G 222 -48.20 -56.72 -21.02
N PHE G 223 -49.21 -56.88 -21.87
CA PHE G 223 -50.05 -55.74 -22.21
C PHE G 223 -51.33 -56.09 -22.90
N THR G 224 -52.35 -55.23 -22.75
CA THR G 224 -53.61 -55.43 -23.46
C THR G 224 -53.46 -54.86 -24.88
N PHE G 225 -54.05 -55.55 -25.85
CA PHE G 225 -53.94 -55.15 -27.25
C PHE G 225 -55.05 -55.84 -28.08
N ASP G 226 -55.48 -55.16 -29.13
CA ASP G 226 -56.40 -55.70 -30.09
C ASP G 226 -55.61 -55.89 -31.38
N LEU G 227 -55.48 -57.16 -31.78
CA LEU G 227 -54.74 -57.56 -32.99
C LEU G 227 -55.41 -57.18 -34.28
N ARG G 228 -56.61 -56.59 -34.25
CA ARG G 228 -57.09 -55.81 -35.40
C ARG G 228 -56.11 -54.68 -35.77
N LYS G 229 -55.44 -54.11 -34.77
CA LYS G 229 -54.44 -53.05 -35.00
C LYS G 229 -53.09 -53.67 -35.36
N PRO G 230 -52.31 -53.01 -36.25
CA PRO G 230 -50.93 -53.50 -36.50
C PRO G 230 -50.10 -53.43 -35.25
N LEU G 231 -49.08 -54.28 -35.16
CA LEU G 231 -48.28 -54.38 -33.94
C LEU G 231 -47.41 -53.14 -33.81
N PRO G 232 -47.21 -52.63 -32.57
CA PRO G 232 -46.27 -51.50 -32.38
C PRO G 232 -44.90 -51.73 -33.02
N ASP G 233 -44.26 -50.63 -33.34
CA ASP G 233 -42.81 -50.52 -33.55
C ASP G 233 -41.97 -51.47 -32.69
N TYR G 234 -42.19 -51.40 -31.38
CA TYR G 234 -41.27 -52.01 -30.40
C TYR G 234 -41.49 -53.51 -30.20
N ALA G 235 -42.38 -54.11 -31.00
CA ALA G 235 -42.56 -55.56 -30.99
C ALA G 235 -41.96 -56.29 -32.21
N LEU G 236 -41.52 -55.53 -33.22
CA LEU G 236 -41.16 -56.10 -34.53
C LEU G 236 -39.69 -56.47 -34.72
N HIS G 237 -39.45 -57.66 -35.25
CA HIS G 237 -38.10 -58.14 -35.59
C HIS G 237 -37.25 -58.36 -34.33
N LYS G 238 -37.89 -58.75 -33.24
CA LYS G 238 -37.28 -58.84 -31.93
C LYS G 238 -37.36 -60.15 -31.21
N PHE G 239 -38.09 -61.13 -31.72
CA PHE G 239 -38.32 -62.38 -30.95
C PHE G 239 -37.87 -63.65 -31.73
N ASP G 240 -37.55 -64.68 -30.97
CA ASP G 240 -37.01 -65.95 -31.52
C ASP G 240 -38.14 -66.91 -31.89
N THR G 241 -39.23 -66.85 -31.12
CA THR G 241 -40.34 -67.83 -31.19
C THR G 241 -41.60 -67.10 -30.82
N PHE G 242 -42.70 -67.42 -31.51
CA PHE G 242 -44.02 -66.96 -31.07
C PHE G 242 -44.95 -68.17 -30.93
N ILE G 243 -45.88 -68.07 -30.00
CA ILE G 243 -47.00 -69.02 -29.88
C ILE G 243 -48.32 -68.25 -29.89
N THR G 244 -49.27 -68.74 -30.70
CA THR G 244 -50.62 -68.21 -30.73
C THR G 244 -51.57 -69.34 -31.02
N ASP G 245 -52.80 -69.16 -30.62
CA ASP G 245 -53.87 -70.14 -30.87
C ASP G 245 -55.15 -69.43 -31.34
N PRO G 246 -55.21 -69.17 -32.64
CA PRO G 246 -56.11 -68.19 -33.22
C PRO G 246 -57.50 -68.61 -33.57
N PRO G 247 -58.41 -67.64 -33.80
CA PRO G 247 -59.68 -67.95 -34.46
C PRO G 247 -59.36 -68.39 -35.88
N GLU G 248 -60.34 -68.78 -36.65
CA GLU G 248 -60.05 -69.59 -37.86
C GLU G 248 -60.39 -68.93 -39.20
N THR G 249 -60.76 -67.66 -39.17
CA THR G 249 -61.02 -66.93 -40.41
C THR G 249 -59.66 -66.66 -41.05
N VAL G 250 -59.57 -66.63 -42.37
CA VAL G 250 -58.29 -66.39 -43.03
C VAL G 250 -57.76 -65.02 -42.61
N GLU G 251 -58.70 -64.12 -42.39
CA GLU G 251 -58.50 -62.83 -41.72
C GLU G 251 -57.78 -62.91 -40.34
N ALA G 252 -58.30 -63.69 -39.42
CA ALA G 252 -57.70 -63.86 -38.09
C ALA G 252 -56.33 -64.54 -38.10
N ILE G 253 -56.10 -65.43 -39.06
CA ILE G 253 -54.78 -66.08 -39.25
C ILE G 253 -53.70 -65.01 -39.54
N ARG G 254 -54.05 -64.09 -40.43
CA ARG G 254 -53.24 -62.90 -40.68
C ARG G 254 -52.98 -62.08 -39.39
N ALA G 255 -54.04 -61.77 -38.65
CA ALA G 255 -53.97 -60.99 -37.42
C ALA G 255 -53.17 -61.62 -36.31
N PHE G 256 -53.24 -62.95 -36.18
CA PHE G 256 -52.56 -63.61 -35.10
C PHE G 256 -51.23 -64.23 -35.60
N VAL G 257 -51.33 -65.19 -36.53
CA VAL G 257 -50.15 -65.91 -37.01
C VAL G 257 -49.22 -64.96 -37.80
N GLY G 258 -49.82 -64.13 -38.65
CA GLY G 258 -49.07 -63.23 -39.48
C GLY G 258 -48.34 -62.14 -38.70
N ARG G 259 -48.98 -61.60 -37.67
CA ARG G 259 -48.31 -60.61 -36.81
C ARG G 259 -47.31 -61.34 -35.96
N GLY G 260 -47.67 -62.53 -35.47
CA GLY G 260 -46.67 -63.35 -34.83
C GLY G 260 -45.40 -63.50 -35.67
N ILE G 261 -45.58 -63.73 -36.97
CA ILE G 261 -44.43 -63.77 -37.90
C ILE G 261 -43.64 -62.44 -37.96
N ALA G 262 -44.33 -61.33 -37.89
CA ALA G 262 -43.63 -60.04 -37.87
C ALA G 262 -42.92 -59.72 -36.50
N THR G 263 -43.20 -60.44 -35.41
CA THR G 263 -42.41 -60.29 -34.20
C THR G 263 -41.01 -60.92 -34.33
N LEU G 264 -40.82 -61.76 -35.33
CA LEU G 264 -39.64 -62.57 -35.42
C LEU G 264 -38.43 -61.83 -36.02
N LYS G 265 -37.23 -62.13 -35.48
CA LYS G 265 -36.00 -61.39 -35.82
C LYS G 265 -35.62 -61.54 -37.27
N GLY G 266 -35.79 -62.74 -37.83
CA GLY G 266 -35.38 -63.06 -39.19
C GLY G 266 -35.49 -64.56 -39.40
N PRO G 267 -34.79 -65.08 -40.42
CA PRO G 267 -34.75 -66.52 -40.74
C PRO G 267 -34.37 -67.34 -39.56
N GLY G 268 -34.80 -68.58 -39.48
CA GLY G 268 -34.41 -69.45 -38.39
C GLY G 268 -35.30 -69.38 -37.16
N CYS G 269 -36.33 -68.55 -37.22
CA CYS G 269 -37.21 -68.35 -36.06
C CYS G 269 -38.50 -69.18 -36.20
N ALA G 270 -39.18 -69.45 -35.09
CA ALA G 270 -40.28 -70.44 -35.02
C ALA G 270 -41.60 -69.85 -34.57
N GLY G 271 -42.68 -70.44 -35.08
CA GLY G 271 -44.04 -70.06 -34.68
C GLY G 271 -44.83 -71.35 -34.44
N TYR G 272 -45.75 -71.27 -33.47
CA TYR G 272 -46.56 -72.39 -33.06
C TYR G 272 -47.98 -71.91 -32.96
N PHE G 273 -48.94 -72.70 -33.50
CA PHE G 273 -50.37 -72.35 -33.42
C PHE G 273 -51.20 -73.56 -33.77
N GLY G 274 -52.42 -73.62 -33.20
CA GLY G 274 -53.38 -74.64 -33.57
C GLY G 274 -54.30 -74.31 -34.75
N ILE G 275 -54.63 -75.33 -35.56
CA ILE G 275 -55.67 -75.21 -36.60
C ILE G 275 -56.57 -76.43 -36.47
N THR G 276 -57.86 -76.18 -36.51
CA THR G 276 -58.90 -77.14 -36.13
C THR G 276 -59.47 -77.74 -37.47
N ARG G 277 -59.99 -78.96 -37.39
CA ARG G 277 -60.87 -79.54 -38.41
C ARG G 277 -62.31 -79.36 -38.05
N ARG G 278 -62.54 -78.84 -36.85
CA ARG G 278 -63.85 -78.44 -36.41
C ARG G 278 -64.47 -77.17 -37.07
N GLU G 279 -63.66 -76.18 -37.42
CA GLU G 279 -64.17 -74.85 -37.85
C GLU G 279 -63.49 -74.44 -39.15
N SER G 280 -62.78 -75.36 -39.77
CA SER G 280 -62.05 -75.13 -40.99
C SER G 280 -62.14 -76.41 -41.75
N SER G 281 -62.78 -76.36 -42.90
CA SER G 281 -62.71 -77.41 -43.90
C SER G 281 -61.29 -77.55 -44.40
N LEU G 282 -60.96 -78.67 -45.04
CA LEU G 282 -59.67 -78.83 -45.75
C LEU G 282 -59.45 -77.84 -46.91
N ASP G 283 -60.53 -77.46 -47.61
CA ASP G 283 -60.51 -76.33 -48.47
C ASP G 283 -60.01 -75.05 -47.79
N LYS G 284 -60.57 -74.72 -46.63
CA LYS G 284 -59.97 -73.60 -45.90
C LYS G 284 -58.46 -73.82 -45.53
N TRP G 285 -58.12 -75.04 -45.12
CA TRP G 285 -56.70 -75.41 -44.80
C TRP G 285 -55.81 -75.13 -45.98
N ARG G 286 -56.31 -75.47 -47.18
CA ARG G 286 -55.56 -75.16 -48.40
C ARG G 286 -55.31 -73.64 -48.58
N GLU G 287 -56.34 -72.82 -48.36
CA GLU G 287 -56.22 -71.35 -48.45
C GLU G 287 -55.18 -70.89 -47.43
N ILE G 288 -55.29 -71.41 -46.21
CA ILE G 288 -54.40 -71.04 -45.08
C ILE G 288 -52.95 -71.39 -45.38
N GLN G 289 -52.74 -72.59 -45.89
CA GLN G 289 -51.37 -72.99 -46.17
C GLN G 289 -50.81 -72.15 -47.27
N ARG G 290 -51.64 -71.66 -48.17
CA ARG G 290 -51.21 -70.77 -49.22
C ARG G 290 -50.81 -69.42 -48.66
N VAL G 291 -51.57 -68.94 -47.69
CA VAL G 291 -51.18 -67.75 -46.97
C VAL G 291 -49.78 -67.93 -46.45
N LEU G 292 -49.59 -69.00 -45.70
CA LEU G 292 -48.37 -69.22 -44.99
C LEU G 292 -47.21 -69.31 -45.95
N LEU G 293 -47.38 -70.11 -47.00
CA LEU G 293 -46.27 -70.37 -47.96
C LEU G 293 -46.06 -69.29 -49.05
N ASN G 294 -47.14 -68.53 -49.38
CA ASN G 294 -47.06 -67.52 -50.39
C ASN G 294 -47.08 -66.09 -49.90
N GLU G 295 -47.98 -65.73 -48.97
CA GLU G 295 -47.99 -64.36 -48.43
C GLU G 295 -46.86 -64.18 -47.40
N PHE G 296 -46.64 -65.17 -46.55
CA PHE G 296 -45.66 -65.02 -45.49
C PHE G 296 -44.33 -65.70 -45.78
N GLY G 297 -44.30 -66.56 -46.80
CA GLY G 297 -43.11 -67.38 -47.18
C GLY G 297 -42.48 -68.16 -46.06
N VAL G 298 -43.29 -68.64 -45.12
CA VAL G 298 -42.72 -69.52 -44.06
C VAL G 298 -42.88 -71.01 -44.44
N VAL G 299 -42.06 -71.85 -43.84
CA VAL G 299 -42.13 -73.30 -44.05
C VAL G 299 -42.87 -73.98 -42.93
N ILE G 300 -43.67 -74.99 -43.24
CA ILE G 300 -44.43 -75.75 -42.20
C ILE G 300 -43.61 -76.99 -41.86
N THR G 301 -43.09 -77.08 -40.63
CA THR G 301 -42.19 -78.16 -40.22
C THR G 301 -42.92 -79.34 -39.59
N ASP G 302 -44.08 -79.06 -39.01
CA ASP G 302 -44.87 -80.07 -38.25
C ASP G 302 -46.36 -79.76 -38.34
N ILE G 303 -47.15 -80.84 -38.52
CA ILE G 303 -48.58 -80.76 -38.38
C ILE G 303 -49.04 -82.02 -37.62
N ILE G 304 -49.51 -81.84 -36.38
CA ILE G 304 -49.69 -82.96 -35.44
C ILE G 304 -51.16 -83.02 -35.05
N ARG G 305 -51.80 -84.09 -35.52
CA ARG G 305 -53.19 -84.31 -35.32
C ARG G 305 -53.57 -84.32 -33.89
N ASN G 306 -54.61 -83.58 -33.60
CA ASN G 306 -55.20 -83.47 -32.25
C ASN G 306 -54.28 -83.28 -31.10
N PHE G 307 -53.27 -82.40 -31.27
CA PHE G 307 -52.33 -82.11 -30.22
C PHE G 307 -53.02 -81.34 -29.12
N ASN G 308 -53.90 -80.41 -29.48
CA ASN G 308 -54.54 -79.54 -28.50
C ASN G 308 -55.95 -80.05 -28.14
N GLU G 309 -56.21 -80.21 -26.84
CA GLU G 309 -57.51 -80.59 -26.38
C GLU G 309 -58.09 -79.42 -25.60
N TYR G 310 -59.24 -78.95 -26.04
CA TYR G 310 -59.84 -77.77 -25.48
C TYR G 310 -60.89 -78.16 -24.45
N VAL G 311 -60.90 -77.39 -23.36
CA VAL G 311 -61.87 -77.61 -22.27
C VAL G 311 -63.20 -76.99 -22.68
N ASN G 312 -64.28 -77.78 -22.58
CA ASN G 312 -65.60 -77.29 -22.88
C ASN G 312 -65.87 -75.95 -22.17
N TRP G 313 -66.44 -75.03 -22.93
CA TRP G 313 -66.66 -73.68 -22.47
C TRP G 313 -68.14 -73.49 -22.16
N GLY G 314 -68.39 -72.69 -21.12
CA GLY G 314 -69.72 -72.53 -20.51
C GLY G 314 -70.73 -71.71 -21.30
N TYR G 315 -70.31 -71.02 -22.37
CA TYR G 315 -71.26 -70.22 -23.15
C TYR G 315 -71.78 -70.95 -24.40
N VAL G 316 -71.51 -72.27 -24.48
CA VAL G 316 -71.95 -73.12 -25.58
C VAL G 316 -73.38 -72.83 -26.14
N GLU G 317 -74.39 -72.67 -25.23
CA GLU G 317 -75.80 -72.51 -25.66
C GLU G 317 -76.07 -71.21 -26.44
N GLU G 318 -75.15 -70.27 -26.35
CA GLU G 318 -75.30 -68.98 -27.01
C GLU G 318 -74.67 -69.00 -28.40
N THR G 319 -74.19 -70.15 -28.88
CA THR G 319 -73.36 -70.15 -30.09
C THR G 319 -74.11 -70.59 -31.34
N ARG G 320 -73.55 -70.32 -32.51
CA ARG G 320 -74.09 -70.82 -33.77
C ARG G 320 -74.18 -72.36 -33.77
N ALA G 321 -73.21 -73.04 -33.15
CA ALA G 321 -73.19 -74.52 -33.07
C ALA G 321 -74.45 -75.03 -32.44
N TRP G 322 -74.86 -74.39 -31.35
CA TRP G 322 -76.05 -74.81 -30.63
C TRP G 322 -77.35 -74.63 -31.43
N ARG G 323 -77.43 -73.51 -32.12
CA ARG G 323 -78.59 -73.28 -32.97
C ARG G 323 -78.64 -74.19 -34.20
N LEU G 324 -77.49 -74.57 -34.75
CA LEU G 324 -77.48 -75.43 -35.97
C LEU G 324 -77.80 -76.88 -35.70
N LEU G 325 -77.41 -77.39 -34.54
CA LEU G 325 -77.51 -78.81 -34.21
C LEU G 325 -78.96 -79.31 -34.21
N PRO G 326 -79.20 -80.47 -34.84
CA PRO G 326 -80.53 -81.05 -34.79
C PRO G 326 -80.90 -81.57 -33.40
N ILE G 327 -79.94 -82.01 -32.60
CA ILE G 327 -80.18 -82.43 -31.22
C ILE G 327 -79.32 -81.49 -30.40
N LYS G 328 -79.84 -81.00 -29.27
CA LYS G 328 -79.18 -79.98 -28.46
C LYS G 328 -79.02 -80.40 -27.01
N VAL G 329 -77.91 -81.08 -26.74
CA VAL G 329 -77.45 -81.45 -25.40
C VAL G 329 -76.05 -80.94 -25.25
N LYS G 330 -75.70 -80.45 -24.08
CA LYS G 330 -74.35 -79.97 -23.87
C LYS G 330 -73.38 -81.10 -24.07
N PRO G 331 -72.16 -80.76 -24.52
CA PRO G 331 -71.13 -81.77 -24.67
C PRO G 331 -70.78 -82.32 -23.32
N SER G 332 -70.58 -83.64 -23.25
CA SER G 332 -70.22 -84.38 -22.03
C SER G 332 -68.75 -84.86 -21.97
N TYR G 333 -67.92 -84.40 -22.90
CA TYR G 333 -66.49 -84.72 -22.98
C TYR G 333 -65.90 -83.68 -23.91
N ASN G 334 -64.59 -83.55 -23.85
CA ASN G 334 -63.88 -82.57 -24.66
C ASN G 334 -63.75 -83.03 -26.14
N TRP G 335 -64.75 -82.67 -26.92
CA TRP G 335 -64.90 -83.00 -28.33
C TRP G 335 -64.09 -82.10 -29.25
N TYR G 336 -63.69 -80.94 -28.72
CA TYR G 336 -63.07 -79.93 -29.53
C TYR G 336 -61.54 -80.05 -29.44
N LYS G 337 -60.89 -80.31 -30.56
CA LYS G 337 -59.45 -80.39 -30.62
C LYS G 337 -58.87 -79.70 -31.84
N SER G 338 -57.58 -79.35 -31.78
CA SER G 338 -56.87 -78.82 -32.98
C SER G 338 -55.54 -79.49 -33.23
N TYR G 339 -55.08 -79.36 -34.47
CA TYR G 339 -53.77 -79.84 -34.91
C TYR G 339 -52.76 -78.75 -34.51
N MET G 340 -51.54 -79.15 -34.07
CA MET G 340 -50.44 -78.24 -33.79
C MET G 340 -49.72 -78.02 -35.07
N PHE G 341 -49.54 -76.75 -35.42
CA PHE G 341 -48.67 -76.38 -36.54
C PHE G 341 -47.42 -75.78 -35.92
N ARG G 342 -46.29 -76.03 -36.56
CA ARG G 342 -45.07 -75.34 -36.28
C ARG G 342 -44.59 -74.87 -37.62
N ILE G 343 -44.17 -73.58 -37.64
CA ILE G 343 -43.61 -72.97 -38.83
C ILE G 343 -42.24 -72.40 -38.54
N GLN G 344 -41.47 -72.20 -39.60
CA GLN G 344 -40.16 -71.61 -39.44
C GLN G 344 -39.90 -70.60 -40.54
N THR G 345 -39.16 -69.58 -40.19
CA THR G 345 -38.77 -68.55 -41.13
C THR G 345 -37.49 -68.85 -41.81
N LEU G 346 -37.40 -68.31 -43.02
CA LEU G 346 -36.34 -68.54 -43.96
C LEU G 346 -36.05 -67.21 -44.64
N GLU G 347 -35.06 -67.21 -45.51
CA GLU G 347 -34.77 -66.03 -46.36
C GLU G 347 -36.07 -65.53 -46.98
N GLY G 348 -36.47 -64.29 -46.69
CA GLY G 348 -37.57 -63.66 -47.41
C GLY G 348 -38.94 -63.82 -46.79
N SER G 349 -38.99 -64.55 -45.70
CA SER G 349 -40.22 -64.60 -44.91
C SER G 349 -40.62 -63.19 -44.44
N LYS G 350 -41.90 -62.87 -44.53
CA LYS G 350 -42.42 -61.65 -43.91
C LYS G 350 -43.71 -61.96 -43.18
N GLY G 351 -44.02 -61.04 -42.28
CA GLY G 351 -45.17 -61.10 -41.41
C GLY G 351 -46.33 -60.26 -41.93
N PHE G 352 -47.27 -59.92 -41.06
CA PHE G 352 -48.47 -59.22 -41.52
C PHE G 352 -48.48 -57.90 -40.81
N GLU G 353 -48.51 -56.83 -41.61
CA GLU G 353 -48.22 -55.48 -41.14
C GLU G 353 -49.49 -54.58 -41.15
N ASP G 354 -50.46 -54.91 -42.02
CA ASP G 354 -51.66 -54.07 -42.23
C ASP G 354 -52.61 -54.04 -41.05
N GLU G 355 -53.57 -53.14 -41.10
CA GLU G 355 -54.62 -53.15 -40.09
C GLU G 355 -55.84 -53.85 -40.66
N ILE G 356 -56.59 -54.49 -39.78
CA ILE G 356 -57.73 -55.25 -40.20
C ILE G 356 -58.96 -54.44 -39.88
N THR G 357 -59.87 -54.38 -40.84
CA THR G 357 -60.96 -53.41 -40.80
C THR G 357 -62.30 -53.97 -40.29
N VAL G 358 -62.35 -55.25 -39.97
CA VAL G 358 -63.59 -55.96 -39.78
C VAL G 358 -63.86 -56.21 -38.26
N GLY G 359 -65.12 -56.45 -37.88
CA GLY G 359 -65.54 -56.52 -36.46
C GLY G 359 -65.81 -57.93 -35.98
N GLN G 360 -67.08 -58.31 -35.93
CA GLN G 360 -67.48 -59.67 -35.56
C GLN G 360 -66.93 -60.76 -36.52
N GLU G 361 -66.77 -60.37 -37.79
CA GLU G 361 -66.24 -61.22 -38.88
C GLU G 361 -64.73 -61.57 -38.74
N LEU G 362 -64.14 -61.23 -37.60
CA LEU G 362 -62.81 -61.72 -37.23
C LEU G 362 -62.88 -63.18 -36.79
N TYR G 363 -63.96 -63.49 -36.07
CA TYR G 363 -64.23 -64.82 -35.55
C TYR G 363 -65.12 -65.63 -36.47
N ASP G 364 -66.04 -64.97 -37.15
CA ASP G 364 -67.11 -65.65 -37.86
C ASP G 364 -66.91 -65.79 -39.36
N ASP G 365 -67.02 -67.01 -39.90
CA ASP G 365 -67.14 -67.17 -41.35
C ASP G 365 -68.13 -68.28 -41.59
N GLU G 366 -68.25 -68.77 -42.81
CA GLU G 366 -69.25 -69.80 -43.05
C GLU G 366 -68.96 -71.10 -42.30
N GLU G 367 -67.70 -71.46 -42.15
CA GLU G 367 -67.31 -72.68 -41.43
C GLU G 367 -67.29 -72.65 -39.91
N SER G 368 -67.38 -71.47 -39.33
CA SER G 368 -67.23 -71.34 -37.87
C SER G 368 -68.54 -71.49 -37.12
N SER G 369 -68.48 -71.93 -35.87
CA SER G 369 -69.66 -72.05 -35.10
C SER G 369 -69.50 -71.97 -33.60
N THR G 370 -68.30 -71.81 -33.07
CA THR G 370 -68.16 -71.83 -31.62
C THR G 370 -68.35 -70.43 -31.05
N THR G 371 -68.87 -69.54 -31.88
CA THR G 371 -69.27 -68.20 -31.50
C THR G 371 -70.70 -68.08 -31.93
#